data_4ARY
#
_entry.id   4ARY
#
_cell.length_a   121.360
_cell.length_b   51.190
_cell.length_c   210.650
_cell.angle_alpha   90.00
_cell.angle_beta   105.75
_cell.angle_gamma   90.00
#
_symmetry.space_group_name_H-M   'P 1 21 1'
#
loop_
_entity.id
_entity.type
_entity.pdbx_description
1 polymer 'PESTICIDAL CRYSTAL PROTEIN CRY1AC'
2 non-polymer 2-acetamido-2-deoxy-beta-D-galactopyranose
3 non-polymer 1,3-DIAMINOPROPANE
4 water water
#
_entity_poly.entity_id   1
_entity_poly.type   'polypeptide(L)'
_entity_poly.pdbx_seq_one_letter_code
;TGYTPIDISLSLTQFLLSEFVPGAGFVLGLVDIIWGIFGPSQWDAFLVQIEQLINQRIEEFARNQAISRLEGLSNLYQIY
AESFREWEADPTNPALREEMRIQFNDMNSALTTAIPLFAVQNYQVPLLSVYVQAANLHLSVLRDVSVFGQRWGFDAATIN
SRYNDLTRLIGNYTDYAVRWYNTGLERVWGPDSRDWVRYNQFRRELTLTVLDIVALFPNYDSRRYPIRTVSQLTREIYTN
PVLENFDGSFRGSAQGIERSIRSPHLMDILNSITIYTDAHRGYYYWSGHQIMASPVGFSGPEFTFPLYGTMGNAAPQQRI
VAQLGQGVYRTLSSTLYRRPFNIGINNQQLSVLDGTEFAYGTSSNLPSAVYRKSGTVDSLDEIPPQNNNVPPRQGFSHRL
SHVSMFRSGFSNSSVSIIRAPMFSWIHRSAEFNNIIASDSITQIPAVKGNFLFNGSVISGPGFTGGDLVRLNSSGNNIQN
RGYIEVPIHFPSTSTRYRVRVRYASVTPIHLNVNWGNSSIFSNTVPATATSLDNLQSSDFGYFESANAFTSSLGNIVGVR
NFSGTAGVIIDRFEFIPVTAT
;
_entity_poly.pdbx_strand_id   A,B,C,D
#
loop_
_chem_comp.id
_chem_comp.type
_chem_comp.name
_chem_comp.formula
13D non-polymer 1,3-DIAMINOPROPANE 'C3 H10 N2'
NGA D-saccharide, beta linking 2-acetamido-2-deoxy-beta-D-galactopyranose 'C8 H15 N O6'
#
# COMPACT_ATOMS: atom_id res chain seq x y z
N THR A 1 32.24 -38.82 10.79
CA THR A 1 32.94 -38.26 11.99
C THR A 1 32.03 -38.15 13.21
N GLY A 2 30.77 -38.50 13.01
CA GLY A 2 29.86 -38.61 14.14
C GLY A 2 29.21 -37.29 14.47
N TYR A 3 29.37 -36.30 13.59
CA TYR A 3 28.83 -34.95 13.83
C TYR A 3 27.39 -34.81 13.34
N THR A 4 26.64 -33.94 13.98
CA THR A 4 25.26 -33.64 13.56
C THR A 4 25.11 -32.19 13.13
N PRO A 5 23.98 -31.85 12.49
CA PRO A 5 23.70 -30.46 12.10
C PRO A 5 23.73 -29.48 13.29
N ILE A 6 23.42 -30.02 14.45
CA ILE A 6 23.42 -29.24 15.68
C ILE A 6 24.84 -28.77 16.05
N ASP A 7 25.81 -29.69 15.95
CA ASP A 7 27.24 -29.35 16.13
C ASP A 7 27.68 -28.27 15.16
N ILE A 8 27.39 -28.51 13.90
CA ILE A 8 27.73 -27.60 12.80
C ILE A 8 27.14 -26.19 13.00
N SER A 9 25.86 -26.14 13.36
CA SER A 9 25.16 -24.86 13.56
C SER A 9 25.71 -24.06 14.73
N LEU A 10 26.01 -24.74 15.81
CA LEU A 10 26.57 -24.10 17.01
C LEU A 10 27.93 -23.46 16.72
N SER A 11 28.68 -24.15 15.88
CA SER A 11 29.96 -23.65 15.40
C SER A 11 29.77 -22.40 14.50
N LEU A 12 28.80 -22.46 13.62
CA LEU A 12 28.43 -21.30 12.80
C LEU A 12 27.96 -20.11 13.66
N THR A 13 27.15 -20.39 14.67
CA THR A 13 26.70 -19.35 15.63
C THR A 13 27.89 -18.67 16.30
N GLN A 14 28.85 -19.46 16.72
CA GLN A 14 30.07 -18.93 17.37
C GLN A 14 30.78 -17.95 16.43
N PHE A 15 30.85 -18.36 15.18
CA PHE A 15 31.51 -17.55 14.14
C PHE A 15 30.78 -16.24 13.91
N LEU A 16 29.49 -16.34 13.70
CA LEU A 16 28.64 -15.16 13.41
C LEU A 16 28.60 -14.18 14.59
N LEU A 17 28.78 -14.71 15.79
CA LEU A 17 28.77 -13.85 16.99
C LEU A 17 30.06 -13.06 17.12
N SER A 18 31.17 -13.66 16.73
CA SER A 18 32.50 -13.05 17.00
C SER A 18 33.24 -12.49 15.79
N GLU A 19 32.74 -12.82 14.61
CA GLU A 19 33.41 -12.43 13.35
C GLU A 19 32.49 -11.70 12.35
N PHE A 20 31.43 -11.08 12.87
CA PHE A 20 30.43 -10.43 12.00
C PHE A 20 30.93 -9.08 11.51
N VAL A 21 31.80 -9.16 10.51
CA VAL A 21 32.42 -7.96 9.87
C VAL A 21 32.69 -8.32 8.38
N PRO A 22 32.40 -7.39 7.45
CA PRO A 22 32.55 -7.72 6.04
C PRO A 22 34.01 -7.91 5.70
N GLY A 23 34.25 -8.73 4.68
CA GLY A 23 35.61 -9.06 4.30
C GLY A 23 35.80 -10.54 4.03
N ALA A 24 37.03 -10.88 3.67
CA ALA A 24 37.35 -12.24 3.19
C ALA A 24 37.19 -13.29 4.25
N GLY A 25 37.47 -12.88 5.48
CA GLY A 25 37.39 -13.77 6.66
C GLY A 25 36.01 -14.37 6.79
N PHE A 26 35.01 -13.50 6.64
CA PHE A 26 33.60 -13.90 6.75
C PHE A 26 33.24 -14.92 5.67
N VAL A 27 33.56 -14.56 4.45
CA VAL A 27 33.28 -15.38 3.26
C VAL A 27 33.93 -16.77 3.32
N LEU A 28 35.18 -16.79 3.76
CA LEU A 28 35.96 -18.05 3.86
C LEU A 28 35.45 -18.88 5.02
N GLY A 29 35.04 -18.17 6.06
CA GLY A 29 34.40 -18.77 7.26
C GLY A 29 33.18 -19.62 6.91
N LEU A 30 32.31 -19.07 6.09
CA LEU A 30 31.09 -19.79 5.65
C LEU A 30 31.40 -21.07 4.84
N VAL A 31 32.42 -20.97 4.01
CA VAL A 31 32.94 -22.15 3.27
C VAL A 31 33.49 -23.18 4.26
N ASP A 32 34.36 -22.72 5.14
CA ASP A 32 34.96 -23.62 6.14
C ASP A 32 33.94 -24.38 7.00
N ILE A 33 32.92 -23.69 7.46
CA ILE A 33 31.94 -24.26 8.42
C ILE A 33 30.76 -25.02 7.76
N ILE A 34 30.22 -24.46 6.68
CA ILE A 34 28.99 -24.99 6.07
C ILE A 34 29.11 -25.47 4.62
N TRP A 35 29.69 -24.62 3.80
CA TRP A 35 29.58 -24.73 2.32
C TRP A 35 30.74 -25.37 1.57
N GLY A 36 31.71 -25.89 2.30
CA GLY A 36 32.97 -26.41 1.72
C GLY A 36 32.98 -27.91 1.50
N ILE A 37 31.81 -28.50 1.74
CA ILE A 37 31.61 -29.93 1.56
C ILE A 37 31.49 -30.34 0.10
N PHE A 38 31.83 -31.60 -0.15
CA PHE A 38 31.66 -32.22 -1.47
C PHE A 38 30.71 -33.40 -1.28
N GLY A 39 29.67 -33.44 -2.08
CA GLY A 39 28.71 -34.54 -1.99
C GLY A 39 27.50 -34.24 -1.11
N PRO A 40 26.50 -35.16 -1.08
CA PRO A 40 25.18 -34.93 -0.45
C PRO A 40 25.04 -35.23 1.06
N SER A 41 26.08 -35.81 1.66
CA SER A 41 26.02 -36.29 3.05
C SER A 41 25.44 -35.33 4.08
N GLN A 42 26.07 -34.16 4.11
CA GLN A 42 25.74 -33.10 5.09
C GLN A 42 24.27 -32.73 4.97
N TRP A 43 23.88 -32.53 3.73
CA TRP A 43 22.54 -32.04 3.43
C TRP A 43 21.47 -33.06 3.78
N ASP A 44 21.76 -34.28 3.45
CA ASP A 44 20.91 -35.41 3.87
C ASP A 44 20.72 -35.45 5.39
N ALA A 45 21.83 -35.31 6.11
CA ALA A 45 21.85 -35.25 7.59
C ALA A 45 21.01 -34.09 8.17
N PHE A 46 21.13 -32.94 7.54
CA PHE A 46 20.33 -31.77 7.94
C PHE A 46 18.85 -32.07 7.84
N LEU A 47 18.47 -32.80 6.81
CA LEU A 47 17.05 -33.13 6.58
C LEU A 47 16.59 -34.21 7.55
N VAL A 48 17.38 -35.25 7.67
CA VAL A 48 17.07 -36.36 8.59
C VAL A 48 16.87 -35.83 10.01
N GLN A 49 17.73 -34.90 10.42
CA GLN A 49 17.70 -34.27 11.77
C GLN A 49 16.30 -33.76 12.13
N ILE A 50 15.62 -33.15 11.18
CA ILE A 50 14.21 -32.70 11.39
C ILE A 50 13.15 -33.78 11.06
N GLU A 51 13.33 -34.47 9.94
CA GLU A 51 12.47 -35.59 9.52
C GLU A 51 12.23 -36.63 10.63
N GLN A 52 13.31 -37.08 11.28
CA GLN A 52 13.19 -38.14 12.30
C GLN A 52 12.42 -37.65 13.53
N LEU A 53 12.42 -36.35 13.69
CA LEU A 53 11.84 -35.71 14.88
C LEU A 53 10.32 -35.51 14.71
N ILE A 54 9.93 -35.06 13.53
CA ILE A 54 8.48 -34.91 13.18
C ILE A 54 7.89 -36.20 12.62
N ASN A 55 8.75 -37.19 12.45
CA ASN A 55 8.37 -38.52 11.97
C ASN A 55 7.72 -38.49 10.58
N GLN A 56 8.35 -37.75 9.68
CA GLN A 56 7.90 -37.59 8.30
C GLN A 56 9.03 -37.32 7.33
N ARG A 57 9.20 -38.21 6.37
CA ARG A 57 10.20 -38.01 5.28
C ARG A 57 9.64 -37.07 4.21
N ILE A 58 10.49 -36.19 3.71
CA ILE A 58 10.16 -35.29 2.59
C ILE A 58 9.92 -36.19 1.37
N GLU A 59 8.83 -35.91 0.67
CA GLU A 59 8.50 -36.58 -0.61
C GLU A 59 9.79 -36.69 -1.44
N GLU A 60 10.01 -37.89 -1.93
CA GLU A 60 11.31 -38.32 -2.52
C GLU A 60 11.87 -37.41 -3.64
N PHE A 61 11.00 -36.99 -4.53
CA PHE A 61 11.40 -36.12 -5.67
C PHE A 61 11.90 -34.78 -5.16
N ALA A 62 11.08 -34.15 -4.31
CA ALA A 62 11.34 -32.81 -3.77
C ALA A 62 12.59 -32.84 -2.90
N ARG A 63 12.77 -33.97 -2.25
CA ARG A 63 13.90 -34.21 -1.36
C ARG A 63 15.21 -34.23 -2.13
N ASN A 64 15.22 -35.03 -3.18
CA ASN A 64 16.40 -35.14 -4.07
C ASN A 64 16.71 -33.82 -4.81
N GLN A 65 15.65 -33.11 -5.17
CA GLN A 65 15.76 -31.82 -5.84
C GLN A 65 16.42 -30.78 -4.93
N ALA A 66 16.03 -30.79 -3.67
CA ALA A 66 16.60 -29.87 -2.66
C ALA A 66 18.09 -30.19 -2.37
N ILE A 67 18.37 -31.47 -2.13
CA ILE A 67 19.75 -31.92 -1.83
C ILE A 67 20.68 -31.60 -2.99
N SER A 68 20.22 -31.99 -4.17
CA SER A 68 20.92 -31.71 -5.43
C SER A 68 21.22 -30.20 -5.61
N ARG A 69 20.25 -29.38 -5.31
CA ARG A 69 20.42 -27.92 -5.42
C ARG A 69 21.43 -27.34 -4.40
N LEU A 70 21.40 -27.90 -3.20
CA LEU A 70 22.37 -27.51 -2.13
C LEU A 70 23.81 -27.85 -2.51
N GLU A 71 23.97 -29.00 -3.14
CA GLU A 71 25.27 -29.42 -3.73
C GLU A 71 25.77 -28.36 -4.74
N GLY A 72 24.85 -27.89 -5.58
CA GLY A 72 25.14 -26.89 -6.62
C GLY A 72 25.58 -25.57 -6.05
N LEU A 73 24.86 -25.13 -5.03
CA LEU A 73 25.17 -23.87 -4.32
C LEU A 73 26.53 -23.96 -3.63
N SER A 74 26.82 -25.14 -3.13
CA SER A 74 28.12 -25.39 -2.48
C SER A 74 29.29 -25.21 -3.44
N ASN A 75 29.19 -25.85 -4.61
CA ASN A 75 30.24 -25.75 -5.66
C ASN A 75 30.44 -24.32 -6.10
N LEU A 76 29.30 -23.69 -6.32
CA LEU A 76 29.26 -22.31 -6.81
C LEU A 76 29.83 -21.33 -5.77
N TYR A 77 29.50 -21.55 -4.50
CA TYR A 77 29.95 -20.63 -3.41
C TYR A 77 31.44 -20.82 -3.12
N GLN A 78 31.93 -22.03 -3.33
CA GLN A 78 33.38 -22.31 -3.19
C GLN A 78 34.20 -21.49 -4.21
N ILE A 79 33.69 -21.44 -5.43
CA ILE A 79 34.29 -20.64 -6.51
C ILE A 79 34.18 -19.12 -6.21
N TYR A 80 32.99 -18.71 -5.78
CA TYR A 80 32.73 -17.33 -5.34
C TYR A 80 33.71 -16.89 -4.24
N ALA A 81 33.89 -17.78 -3.26
CA ALA A 81 34.78 -17.52 -2.11
C ALA A 81 36.25 -17.32 -2.49
N GLU A 82 36.73 -18.18 -3.37
CA GLU A 82 38.13 -18.10 -3.87
C GLU A 82 38.37 -16.83 -4.71
N SER A 83 37.39 -16.49 -5.54
CA SER A 83 37.42 -15.25 -6.32
C SER A 83 37.48 -14.04 -5.41
N PHE A 84 36.71 -14.11 -4.33
CA PHE A 84 36.69 -13.04 -3.32
C PHE A 84 38.07 -12.92 -2.67
N ARG A 85 38.60 -14.07 -2.31
CA ARG A 85 39.88 -14.14 -1.60
C ARG A 85 41.06 -13.61 -2.43
N GLU A 86 41.10 -14.02 -3.67
CA GLU A 86 42.13 -13.54 -4.63
C GLU A 86 41.92 -12.04 -4.90
N TRP A 87 40.67 -11.65 -5.07
CA TRP A 87 40.31 -10.25 -5.32
C TRP A 87 40.74 -9.31 -4.18
N GLU A 88 40.49 -9.73 -2.96
CA GLU A 88 40.86 -8.93 -1.76
C GLU A 88 42.38 -8.73 -1.69
N ALA A 89 43.08 -9.75 -2.17
CA ALA A 89 44.56 -9.76 -2.24
C ALA A 89 45.12 -8.77 -3.28
N ASP A 90 44.27 -8.39 -4.22
CA ASP A 90 44.64 -7.52 -5.35
C ASP A 90 43.42 -6.73 -5.86
N PRO A 91 42.88 -5.80 -5.04
CA PRO A 91 41.56 -5.18 -5.29
C PRO A 91 41.43 -4.29 -6.52
N THR A 92 42.55 -3.77 -7.01
CA THR A 92 42.54 -2.83 -8.16
C THR A 92 42.55 -3.55 -9.51
N ASN A 93 42.98 -4.80 -9.46
CA ASN A 93 43.00 -5.69 -10.65
C ASN A 93 41.65 -5.79 -11.38
N PRO A 94 41.60 -5.27 -12.61
CA PRO A 94 40.37 -5.25 -13.40
C PRO A 94 39.81 -6.64 -13.66
N ALA A 95 40.68 -7.60 -13.90
CA ALA A 95 40.25 -8.99 -14.19
C ALA A 95 39.57 -9.61 -12.97
N LEU A 96 40.16 -9.39 -11.80
CA LEU A 96 39.60 -9.86 -10.51
C LEU A 96 38.24 -9.18 -10.24
N ARG A 97 38.18 -7.90 -10.54
CA ARG A 97 36.94 -7.09 -10.33
C ARG A 97 35.79 -7.58 -11.21
N GLU A 98 36.10 -7.88 -12.46
CA GLU A 98 35.10 -8.39 -13.41
C GLU A 98 34.64 -9.80 -13.02
N GLU A 99 35.60 -10.60 -12.60
CA GLU A 99 35.34 -11.98 -12.14
C GLU A 99 34.40 -11.98 -10.93
N MET A 100 34.62 -11.05 -10.01
CA MET A 100 33.77 -10.89 -8.79
C MET A 100 32.32 -10.56 -9.15
N ARG A 101 32.20 -9.64 -10.09
CA ARG A 101 30.88 -9.19 -10.59
C ARG A 101 30.11 -10.35 -11.20
N ILE A 102 30.81 -11.15 -12.00
CA ILE A 102 30.21 -12.35 -12.64
C ILE A 102 29.83 -13.37 -11.56
N GLN A 103 30.77 -13.62 -10.64
CA GLN A 103 30.56 -14.59 -9.54
C GLN A 103 29.37 -14.18 -8.66
N PHE A 104 29.30 -12.89 -8.33
CA PHE A 104 28.18 -12.38 -7.52
C PHE A 104 26.83 -12.60 -8.21
N ASN A 105 26.78 -12.28 -9.49
CA ASN A 105 25.53 -12.44 -10.27
C ASN A 105 25.07 -13.89 -10.33
N ASP A 106 26.01 -14.80 -10.58
CA ASP A 106 25.70 -16.25 -10.62
C ASP A 106 25.20 -16.77 -9.28
N MET A 107 25.88 -16.31 -8.24
CA MET A 107 25.60 -16.69 -6.84
C MET A 107 24.19 -16.18 -6.43
N ASN A 108 23.95 -14.90 -6.73
CA ASN A 108 22.67 -14.23 -6.40
C ASN A 108 21.52 -14.86 -7.13
N SER A 109 21.77 -15.12 -8.40
CA SER A 109 20.76 -15.69 -9.31
C SER A 109 20.39 -17.14 -8.92
N ALA A 110 21.42 -17.92 -8.63
CA ALA A 110 21.24 -19.34 -8.21
C ALA A 110 20.50 -19.46 -6.88
N LEU A 111 20.80 -18.54 -5.96
CA LEU A 111 20.19 -18.55 -4.62
C LEU A 111 18.70 -18.19 -4.71
N THR A 112 18.42 -17.19 -5.51
CA THR A 112 17.02 -16.73 -5.79
C THR A 112 16.17 -17.83 -6.43
N THR A 113 16.76 -18.58 -7.34
CA THR A 113 16.09 -19.75 -7.97
C THR A 113 15.94 -20.95 -7.00
N ALA A 114 16.99 -21.17 -6.22
CA ALA A 114 17.07 -22.36 -5.32
C ALA A 114 16.10 -22.29 -4.11
N ILE A 115 15.92 -21.09 -3.59
CA ILE A 115 15.25 -20.92 -2.29
C ILE A 115 13.82 -21.48 -2.24
N PRO A 116 12.96 -21.21 -3.25
CA PRO A 116 11.61 -21.76 -3.19
C PRO A 116 11.57 -23.27 -3.13
N LEU A 117 12.63 -23.89 -3.59
CA LEU A 117 12.72 -25.38 -3.56
C LEU A 117 13.01 -25.90 -2.15
N PHE A 118 13.38 -24.98 -1.27
CA PHE A 118 13.54 -25.26 0.20
C PHE A 118 12.31 -24.81 1.00
N ALA A 119 11.26 -24.47 0.25
CA ALA A 119 9.94 -24.05 0.80
C ALA A 119 8.76 -24.81 0.13
N VAL A 120 9.04 -26.06 -0.25
CA VAL A 120 8.05 -26.91 -0.94
C VAL A 120 6.82 -27.16 -0.07
N GLN A 121 5.67 -26.94 -0.67
CA GLN A 121 4.36 -27.12 -0.02
C GLN A 121 4.25 -28.46 0.73
N ASN A 122 3.78 -28.35 1.96
CA ASN A 122 3.63 -29.51 2.92
C ASN A 122 4.95 -30.09 3.43
N TYR A 123 6.04 -29.48 3.03
CA TYR A 123 7.38 -29.90 3.51
C TYR A 123 8.26 -28.75 4.00
N GLN A 124 7.62 -27.67 4.38
CA GLN A 124 8.33 -26.47 4.86
C GLN A 124 9.13 -26.74 6.13
N VAL A 125 8.55 -27.54 7.03
CA VAL A 125 9.19 -27.81 8.34
C VAL A 125 10.48 -28.62 8.20
N PRO A 126 10.46 -29.78 7.53
CA PRO A 126 11.69 -30.55 7.46
C PRO A 126 12.81 -29.93 6.61
N LEU A 127 12.42 -28.95 5.82
CA LEU A 127 13.33 -28.21 4.92
C LEU A 127 13.80 -26.90 5.53
N LEU A 128 13.34 -26.65 6.75
CA LEU A 128 13.57 -25.34 7.42
C LEU A 128 15.03 -25.03 7.68
N SER A 129 15.81 -26.03 8.09
CA SER A 129 17.21 -25.76 8.47
C SER A 129 18.06 -25.42 7.24
N VAL A 130 17.80 -26.13 6.15
CA VAL A 130 18.53 -25.92 4.89
C VAL A 130 18.08 -24.62 4.28
N TYR A 131 16.81 -24.31 4.46
CA TYR A 131 16.25 -23.01 4.04
C TYR A 131 17.03 -21.88 4.69
N VAL A 132 17.13 -21.97 6.01
CA VAL A 132 17.80 -20.93 6.84
C VAL A 132 19.28 -20.77 6.44
N GLN A 133 19.93 -21.91 6.18
CA GLN A 133 21.32 -21.93 5.71
C GLN A 133 21.50 -21.19 4.39
N ALA A 134 20.62 -21.50 3.47
CA ALA A 134 20.58 -20.86 2.15
C ALA A 134 20.26 -19.36 2.26
N ALA A 135 19.29 -19.05 3.10
CA ALA A 135 18.85 -17.66 3.34
C ALA A 135 20.00 -16.85 3.89
N ASN A 136 20.68 -17.47 4.85
CA ASN A 136 21.88 -16.86 5.48
C ASN A 136 22.93 -16.52 4.44
N LEU A 137 23.17 -17.48 3.56
CA LEU A 137 24.19 -17.32 2.50
C LEU A 137 23.81 -16.21 1.54
N HIS A 138 22.55 -16.20 1.17
CA HIS A 138 21.98 -15.20 0.26
C HIS A 138 22.13 -13.78 0.83
N LEU A 139 21.72 -13.60 2.08
CA LEU A 139 21.85 -12.28 2.77
C LEU A 139 23.31 -11.84 2.84
N SER A 140 24.15 -12.82 3.06
CA SER A 140 25.60 -12.66 3.16
C SER A 140 26.19 -12.08 1.88
N VAL A 141 25.80 -12.72 0.80
CA VAL A 141 26.23 -12.35 -0.56
C VAL A 141 25.67 -10.97 -0.94
N LEU A 142 24.45 -10.69 -0.54
CA LEU A 142 23.83 -9.35 -0.78
C LEU A 142 24.51 -8.27 0.04
N ARG A 143 24.94 -8.66 1.22
CA ARG A 143 25.72 -7.76 2.10
C ARG A 143 27.08 -7.43 1.45
N ASP A 144 27.66 -8.44 0.83
CA ASP A 144 28.98 -8.31 0.19
C ASP A 144 28.98 -7.30 -0.96
N VAL A 145 27.93 -7.37 -1.77
CA VAL A 145 27.79 -6.45 -2.93
C VAL A 145 27.49 -5.02 -2.44
N SER A 146 26.74 -4.92 -1.36
CA SER A 146 26.46 -3.63 -0.70
C SER A 146 27.73 -2.93 -0.20
N VAL A 147 28.60 -3.71 0.40
CA VAL A 147 29.87 -3.16 0.94
C VAL A 147 30.94 -2.95 -0.14
N PHE A 148 31.04 -3.91 -1.05
CA PHE A 148 32.21 -4.00 -1.99
C PHE A 148 31.87 -3.79 -3.45
N GLY A 149 30.58 -3.81 -3.74
CA GLY A 149 30.06 -3.71 -5.12
C GLY A 149 30.59 -2.54 -5.93
N GLN A 150 30.79 -1.41 -5.25
CA GLN A 150 31.34 -0.21 -5.92
C GLN A 150 32.78 -0.47 -6.38
N ARG A 151 33.58 -0.92 -5.44
CA ARG A 151 34.96 -1.30 -5.70
C ARG A 151 35.08 -2.41 -6.76
N TRP A 152 34.08 -3.27 -6.86
CA TRP A 152 34.06 -4.33 -7.91
C TRP A 152 33.76 -3.77 -9.29
N GLY A 153 33.13 -2.60 -9.29
CA GLY A 153 32.70 -1.91 -10.54
C GLY A 153 31.23 -1.88 -10.93
N PHE A 154 30.37 -2.26 -10.01
CA PHE A 154 28.93 -2.07 -10.20
C PHE A 154 28.57 -0.56 -10.09
N ASP A 155 27.56 -0.16 -10.84
CA ASP A 155 27.04 1.23 -10.77
C ASP A 155 26.17 1.45 -9.53
N ALA A 156 26.03 2.72 -9.15
CA ALA A 156 25.29 3.13 -7.93
C ALA A 156 23.84 2.64 -7.89
N ALA A 157 23.23 2.57 -9.06
CA ALA A 157 21.82 2.16 -9.20
C ALA A 157 21.63 0.67 -8.90
N THR A 158 22.58 -0.12 -9.38
CA THR A 158 22.56 -1.58 -9.15
C THR A 158 22.82 -1.92 -7.66
N ILE A 159 23.79 -1.21 -7.08
CA ILE A 159 24.16 -1.36 -5.64
C ILE A 159 22.96 -1.08 -4.72
N ASN A 160 22.30 0.03 -4.98
CA ASN A 160 21.14 0.47 -4.16
C ASN A 160 19.94 -0.47 -4.28
N SER A 161 19.77 -0.98 -5.48
CA SER A 161 18.73 -1.98 -5.77
C SER A 161 19.00 -3.30 -5.01
N ARG A 162 20.27 -3.71 -5.00
CA ARG A 162 20.70 -4.94 -4.28
C ARG A 162 20.61 -4.77 -2.74
N TYR A 163 20.90 -3.57 -2.29
CA TYR A 163 20.77 -3.22 -0.85
C TYR A 163 19.29 -3.26 -0.40
N ASN A 164 18.41 -2.76 -1.24
CA ASN A 164 16.96 -2.83 -0.99
C ASN A 164 16.46 -4.28 -0.97
N ASP A 165 17.03 -5.12 -1.81
CA ASP A 165 16.83 -6.59 -1.73
C ASP A 165 17.24 -7.09 -0.34
N LEU A 166 18.42 -6.65 0.10
CA LEU A 166 19.01 -7.09 1.38
C LEU A 166 18.07 -6.79 2.57
N THR A 167 17.65 -5.55 2.67
CA THR A 167 16.80 -5.10 3.79
C THR A 167 15.41 -5.77 3.78
N ARG A 168 14.87 -5.94 2.60
CA ARG A 168 13.56 -6.59 2.44
C ARG A 168 13.67 -8.08 2.83
N LEU A 169 14.70 -8.72 2.34
CA LEU A 169 14.88 -10.16 2.54
C LEU A 169 15.32 -10.53 3.97
N ILE A 170 16.03 -9.62 4.63
CA ILE A 170 16.26 -9.77 6.08
C ILE A 170 14.91 -10.03 6.74
N GLY A 171 13.94 -9.21 6.37
CA GLY A 171 12.55 -9.33 6.88
C GLY A 171 11.81 -10.61 6.48
N ASN A 172 11.79 -10.87 5.18
CA ASN A 172 11.05 -12.00 4.62
C ASN A 172 11.55 -13.38 5.10
N TYR A 173 12.85 -13.54 5.11
CA TYR A 173 13.46 -14.80 5.53
C TYR A 173 13.19 -15.05 7.03
N THR A 174 13.37 -13.99 7.79
CA THR A 174 13.09 -14.00 9.24
C THR A 174 11.64 -14.44 9.55
N ASP A 175 10.69 -13.77 8.92
CA ASP A 175 9.25 -14.04 9.14
C ASP A 175 8.86 -15.47 8.71
N TYR A 176 9.42 -15.89 7.60
CA TYR A 176 9.18 -17.25 7.08
C TYR A 176 9.64 -18.30 8.08
N ALA A 177 10.90 -18.14 8.48
CA ALA A 177 11.53 -19.10 9.40
C ALA A 177 10.79 -19.20 10.74
N VAL A 178 10.43 -18.04 11.29
CA VAL A 178 9.70 -17.99 12.59
C VAL A 178 8.31 -18.60 12.51
N ARG A 179 7.61 -18.28 11.42
CA ARG A 179 6.27 -18.85 11.13
C ARG A 179 6.32 -20.39 11.14
N TRP A 180 7.27 -20.94 10.40
CA TRP A 180 7.38 -22.40 10.26
C TRP A 180 8.00 -23.08 11.44
N TYR A 181 8.80 -22.33 12.17
CA TYR A 181 9.26 -22.77 13.51
C TYR A 181 8.03 -22.99 14.41
N ASN A 182 7.19 -21.97 14.48
CA ASN A 182 5.99 -21.99 15.32
C ASN A 182 5.02 -23.12 14.94
N THR A 183 4.80 -23.26 13.64
CA THR A 183 3.94 -24.29 13.08
C THR A 183 4.46 -25.67 13.41
N GLY A 184 5.73 -25.89 13.13
CA GLY A 184 6.35 -27.21 13.39
C GLY A 184 6.30 -27.58 14.87
N LEU A 185 6.54 -26.60 15.71
CA LEU A 185 6.60 -26.82 17.16
C LEU A 185 5.23 -27.25 17.67
N GLU A 186 4.24 -26.53 17.21
CA GLU A 186 2.85 -26.71 17.64
C GLU A 186 2.33 -28.12 17.29
N ARG A 187 2.69 -28.58 16.08
CA ARG A 187 2.32 -29.93 15.57
C ARG A 187 2.85 -31.06 16.42
N VAL A 188 3.96 -30.79 17.09
CA VAL A 188 4.68 -31.82 17.86
C VAL A 188 4.16 -31.95 19.32
N TRP A 189 3.29 -31.03 19.70
CA TRP A 189 2.73 -31.06 21.06
C TRP A 189 1.82 -32.25 21.27
N GLY A 190 1.81 -32.77 22.48
CA GLY A 190 0.94 -33.92 22.86
C GLY A 190 0.69 -33.96 24.37
N PRO A 191 -0.25 -34.79 24.85
CA PRO A 191 -0.65 -34.74 26.25
C PRO A 191 0.29 -35.42 27.25
N ASP A 192 1.10 -36.35 26.77
CA ASP A 192 1.95 -37.17 27.68
C ASP A 192 3.43 -36.73 27.74
N SER A 193 4.15 -37.34 28.66
CA SER A 193 5.55 -36.99 28.88
C SER A 193 6.43 -37.33 27.65
N ARG A 194 6.09 -38.39 26.94
CA ARG A 194 6.86 -38.76 25.73
C ARG A 194 6.68 -37.68 24.68
N ASP A 195 5.49 -37.13 24.64
CA ASP A 195 5.18 -36.04 23.73
C ASP A 195 5.97 -34.80 24.09
N TRP A 196 5.98 -34.49 25.37
CA TRP A 196 6.71 -33.30 25.87
C TRP A 196 8.21 -33.38 25.52
N VAL A 197 8.77 -34.55 25.73
CA VAL A 197 10.19 -34.83 25.36
C VAL A 197 10.49 -34.45 23.90
N ARG A 198 9.65 -34.94 23.01
CA ARG A 198 9.73 -34.66 21.56
C ARG A 198 9.54 -33.16 21.27
N TYR A 199 8.56 -32.60 21.95
CA TYR A 199 8.23 -31.16 21.79
C TYR A 199 9.39 -30.27 22.20
N ASN A 200 9.92 -30.55 23.38
CA ASN A 200 11.10 -29.82 23.88
C ASN A 200 12.35 -30.05 23.04
N GLN A 201 12.51 -31.28 22.56
CA GLN A 201 13.63 -31.61 21.66
C GLN A 201 13.57 -30.78 20.37
N PHE A 202 12.37 -30.65 19.83
CA PHE A 202 12.12 -29.77 18.65
C PHE A 202 12.52 -28.34 18.96
N ARG A 203 11.98 -27.84 20.06
CA ARG A 203 12.26 -26.45 20.49
C ARG A 203 13.78 -26.23 20.58
N ARG A 204 14.42 -27.15 21.25
CA ARG A 204 15.86 -27.09 21.52
C ARG A 204 16.65 -27.14 20.22
N GLU A 205 16.44 -28.20 19.46
CA GLU A 205 17.22 -28.43 18.21
C GLU A 205 17.04 -27.35 17.15
N LEU A 206 15.82 -26.89 17.02
CA LEU A 206 15.54 -25.83 16.05
C LEU A 206 15.88 -24.46 16.53
N THR A 207 16.00 -24.31 17.84
CA THR A 207 16.59 -23.05 18.40
C THR A 207 18.03 -22.95 17.94
N LEU A 208 18.73 -24.06 18.09
CA LEU A 208 20.17 -24.13 17.78
C LEU A 208 20.47 -24.11 16.29
N THR A 209 19.60 -24.70 15.49
CA THR A 209 19.82 -24.83 14.02
C THR A 209 19.05 -23.81 13.16
N VAL A 210 18.09 -23.10 13.73
CA VAL A 210 17.30 -22.11 12.95
C VAL A 210 17.26 -20.76 13.62
N LEU A 211 16.62 -20.72 14.77
CA LEU A 211 16.34 -19.43 15.48
C LEU A 211 17.59 -18.61 15.81
N ASP A 212 18.61 -19.32 16.29
CA ASP A 212 19.89 -18.69 16.70
C ASP A 212 20.52 -17.95 15.52
N ILE A 213 20.44 -18.56 14.35
CA ILE A 213 21.01 -18.00 13.10
C ILE A 213 20.20 -16.79 12.62
N VAL A 214 18.89 -16.98 12.60
CA VAL A 214 17.91 -15.93 12.21
C VAL A 214 18.07 -14.67 13.06
N ALA A 215 18.39 -14.85 14.33
CA ALA A 215 18.55 -13.72 15.27
C ALA A 215 19.69 -12.80 14.91
N LEU A 216 20.57 -13.31 14.08
CA LEU A 216 21.73 -12.52 13.63
C LEU A 216 21.57 -11.85 12.25
N PHE A 217 20.45 -12.15 11.60
CA PHE A 217 20.14 -11.60 10.27
C PHE A 217 20.20 -10.05 10.20
N PRO A 218 19.64 -9.34 11.19
CA PRO A 218 19.69 -7.89 11.18
C PRO A 218 21.12 -7.34 11.04
N ASN A 219 22.08 -8.10 11.54
CA ASN A 219 23.52 -7.73 11.48
C ASN A 219 24.06 -7.53 10.06
N TYR A 220 23.41 -8.19 9.11
CA TYR A 220 23.77 -8.08 7.67
C TYR A 220 23.44 -6.74 7.04
N ASP A 221 22.66 -5.93 7.72
CA ASP A 221 22.38 -4.57 7.23
C ASP A 221 23.63 -3.68 7.39
N SER A 222 24.40 -3.61 6.32
CA SER A 222 25.73 -2.93 6.36
C SER A 222 25.67 -1.44 6.69
N ARG A 223 24.56 -0.80 6.37
CA ARG A 223 24.39 0.64 6.70
C ARG A 223 24.15 0.88 8.19
N ARG A 224 23.38 -0.01 8.81
CA ARG A 224 23.09 -0.01 10.28
C ARG A 224 24.32 -0.45 11.09
N TYR A 225 25.06 -1.40 10.53
CA TYR A 225 26.28 -1.99 11.18
C TYR A 225 27.53 -1.95 10.28
N PRO A 226 28.10 -0.75 10.05
CA PRO A 226 29.20 -0.60 9.10
C PRO A 226 30.53 -1.15 9.59
N ILE A 227 30.65 -1.34 10.89
CA ILE A 227 31.82 -2.05 11.46
C ILE A 227 31.35 -3.35 12.16
N ARG A 228 32.32 -4.10 12.66
CA ARG A 228 32.07 -5.29 13.49
C ARG A 228 31.00 -5.04 14.59
N THR A 229 30.06 -5.97 14.67
CA THR A 229 29.00 -5.91 15.68
C THR A 229 28.85 -7.28 16.39
N VAL A 230 28.76 -7.20 17.72
CA VAL A 230 28.69 -8.40 18.59
C VAL A 230 27.30 -8.54 19.23
N SER A 231 26.57 -9.55 18.80
CA SER A 231 25.25 -9.88 19.41
C SER A 231 25.39 -10.81 20.64
N GLN A 232 24.31 -10.90 21.41
CA GLN A 232 24.25 -11.76 22.61
C GLN A 232 22.93 -12.51 22.60
N LEU A 233 23.01 -13.81 22.73
CA LEU A 233 21.83 -14.65 22.78
C LEU A 233 21.47 -14.99 24.24
N THR A 234 20.34 -14.50 24.70
CA THR A 234 19.96 -14.68 26.12
C THR A 234 18.89 -15.75 26.35
N ARG A 235 18.35 -16.30 25.28
CA ARG A 235 17.31 -17.34 25.40
C ARG A 235 17.80 -18.57 26.17
N GLU A 236 16.87 -19.23 26.84
CA GLU A 236 17.21 -20.46 27.59
C GLU A 236 16.60 -21.72 26.96
N ILE A 237 17.41 -22.76 26.91
CA ILE A 237 16.97 -24.07 26.42
C ILE A 237 17.04 -25.07 27.56
N TYR A 238 16.37 -26.20 27.38
CA TYR A 238 16.11 -27.10 28.52
C TYR A 238 16.52 -28.55 28.31
N THR A 239 17.11 -29.12 29.35
CA THR A 239 17.24 -30.59 29.44
C THR A 239 16.58 -31.07 30.72
N ASN A 240 16.18 -32.33 30.71
CA ASN A 240 15.57 -32.97 31.87
C ASN A 240 15.94 -34.47 31.86
N PRO A 241 17.03 -34.87 32.54
CA PRO A 241 17.53 -36.23 32.56
C PRO A 241 16.48 -37.28 32.91
N VAL A 242 15.75 -37.09 34.00
CA VAL A 242 14.74 -38.10 34.43
C VAL A 242 13.73 -38.40 33.31
N LEU A 243 13.21 -37.35 32.70
CA LEU A 243 12.22 -37.51 31.59
C LEU A 243 12.84 -37.99 30.28
N GLU A 244 13.99 -37.43 29.97
CA GLU A 244 14.64 -37.74 28.68
C GLU A 244 15.28 -39.14 28.63
N ASN A 245 15.65 -39.67 29.78
CA ASN A 245 16.20 -41.05 29.85
C ASN A 245 15.13 -42.12 30.16
N PHE A 246 13.88 -41.71 30.14
CA PHE A 246 12.77 -42.57 30.51
C PHE A 246 12.18 -43.21 29.26
N ASP A 247 12.17 -44.53 29.22
CA ASP A 247 11.69 -45.28 28.04
C ASP A 247 10.15 -45.42 27.97
N GLY A 248 9.49 -45.37 29.11
CA GLY A 248 8.02 -45.33 29.15
C GLY A 248 7.48 -43.94 28.90
N SER A 249 6.22 -43.70 29.28
CA SER A 249 5.59 -42.37 29.13
C SER A 249 4.51 -42.05 30.19
N PHE A 250 4.74 -40.97 30.95
CA PHE A 250 3.78 -40.49 31.97
C PHE A 250 2.55 -39.83 31.32
N ARG A 251 1.40 -40.48 31.48
CA ARG A 251 0.15 -40.04 30.80
C ARG A 251 -0.33 -38.71 31.34
N GLY A 252 -0.67 -37.83 30.42
CA GLY A 252 -1.30 -36.52 30.74
C GLY A 252 -0.43 -35.56 31.51
N SER A 253 0.86 -35.82 31.50
CA SER A 253 1.80 -35.01 32.29
C SER A 253 2.38 -33.76 31.55
N ALA A 254 2.25 -33.76 30.24
CA ALA A 254 2.96 -32.75 29.38
C ALA A 254 2.76 -31.30 29.81
N GLN A 255 1.52 -30.95 30.09
CA GLN A 255 1.19 -29.56 30.47
C GLN A 255 1.90 -29.17 31.77
N GLY A 256 1.87 -30.09 32.70
CA GLY A 256 2.53 -29.95 34.01
C GLY A 256 4.04 -29.81 33.91
N ILE A 257 4.61 -30.59 33.02
CA ILE A 257 6.05 -30.54 32.74
C ILE A 257 6.43 -29.16 32.17
N GLU A 258 5.65 -28.70 31.21
CA GLU A 258 5.91 -27.43 30.54
C GLU A 258 5.79 -26.26 31.53
N ARG A 259 4.85 -26.36 32.46
CA ARG A 259 4.64 -25.28 33.49
C ARG A 259 5.77 -25.20 34.52
N SER A 260 6.55 -26.26 34.60
CA SER A 260 7.62 -26.31 35.57
C SER A 260 8.82 -25.47 35.09
N ILE A 261 8.77 -25.01 33.84
CA ILE A 261 9.75 -24.02 33.29
C ILE A 261 9.38 -22.62 33.76
N ARG A 262 10.36 -21.81 34.15
CA ARG A 262 10.03 -20.45 34.67
C ARG A 262 9.68 -19.47 33.56
N SER A 263 8.90 -18.49 33.96
CA SER A 263 8.35 -17.52 33.02
C SER A 263 9.39 -16.39 32.76
N PRO A 264 9.12 -15.53 31.76
CA PRO A 264 10.08 -14.54 31.35
C PRO A 264 10.55 -13.66 32.46
N HIS A 265 11.82 -13.33 32.41
CA HIS A 265 12.49 -12.65 33.51
C HIS A 265 13.69 -11.89 33.01
N LEU A 266 14.16 -10.96 33.82
CA LEU A 266 15.48 -10.33 33.57
C LEU A 266 16.57 -11.39 33.78
N MET A 267 17.57 -11.34 32.93
CA MET A 267 18.66 -12.30 33.00
C MET A 267 19.30 -12.24 34.38
N ASP A 268 19.51 -13.40 34.97
CA ASP A 268 20.27 -13.49 36.21
C ASP A 268 21.44 -14.45 36.04
N ILE A 269 22.29 -14.47 37.05
CA ILE A 269 23.47 -15.37 37.09
C ILE A 269 23.28 -16.38 38.22
N LEU A 270 23.39 -17.66 37.89
CA LEU A 270 23.14 -18.72 38.87
C LEU A 270 24.38 -18.84 39.75
N ASN A 271 24.17 -18.70 41.04
CA ASN A 271 25.29 -18.73 42.02
C ASN A 271 25.44 -20.10 42.66
N SER A 272 24.32 -20.63 43.11
CA SER A 272 24.33 -21.91 43.80
C SER A 272 22.99 -22.64 43.76
N ILE A 273 23.07 -23.93 43.99
CA ILE A 273 21.88 -24.76 44.15
C ILE A 273 22.06 -25.61 45.42
N THR A 274 21.07 -25.53 46.29
CA THR A 274 21.07 -26.28 47.55
C THR A 274 20.07 -27.43 47.41
N ILE A 275 20.62 -28.64 47.35
CA ILE A 275 19.85 -29.86 47.05
C ILE A 275 19.50 -30.58 48.35
N TYR A 276 18.23 -30.92 48.47
CA TYR A 276 17.74 -31.73 49.59
C TYR A 276 17.52 -33.17 49.15
N THR A 277 17.86 -34.06 50.06
CA THR A 277 17.84 -35.51 49.82
C THR A 277 16.70 -36.18 50.59
N ASP A 278 15.91 -36.97 49.89
CA ASP A 278 14.94 -37.88 50.52
C ASP A 278 15.40 -39.32 50.25
N ALA A 279 14.79 -40.27 50.95
CA ALA A 279 15.14 -41.71 50.82
C ALA A 279 13.95 -42.63 50.84
N HIS A 280 14.10 -43.74 50.14
CA HIS A 280 13.11 -44.84 50.15
C HIS A 280 13.81 -46.17 49.96
N ARG A 281 13.69 -47.01 50.99
CA ARG A 281 14.26 -48.38 50.97
C ARG A 281 15.73 -48.40 50.66
N GLY A 282 16.43 -47.43 51.23
CA GLY A 282 17.89 -47.31 51.05
C GLY A 282 18.32 -46.67 49.74
N TYR A 283 17.33 -46.21 48.96
CA TYR A 283 17.61 -45.39 47.75
C TYR A 283 17.48 -43.90 48.07
N TYR A 284 18.59 -43.23 48.03
CA TYR A 284 18.67 -41.80 48.34
C TYR A 284 18.53 -40.97 47.07
N TYR A 285 17.75 -39.91 47.15
CA TYR A 285 17.51 -39.10 45.93
C TYR A 285 17.29 -37.60 46.17
N TRP A 286 17.53 -36.86 45.11
CA TRP A 286 17.29 -35.42 44.99
C TRP A 286 15.79 -35.17 45.03
N SER A 287 15.32 -34.72 46.17
CA SER A 287 13.85 -34.55 46.35
C SER A 287 13.35 -33.14 46.10
N GLY A 288 14.25 -32.20 46.30
CA GLY A 288 13.91 -30.79 46.17
C GLY A 288 15.17 -29.99 46.22
N HIS A 289 15.07 -28.71 45.92
CA HIS A 289 16.26 -27.81 45.93
C HIS A 289 15.90 -26.34 46.02
N GLN A 290 16.90 -25.54 46.33
CA GLN A 290 16.73 -24.10 46.42
C GLN A 290 17.76 -23.38 45.55
N ILE A 291 17.29 -22.45 44.74
CA ILE A 291 18.15 -21.69 43.78
C ILE A 291 18.54 -20.33 44.35
N MET A 292 19.82 -19.98 44.24
CA MET A 292 20.30 -18.62 44.53
C MET A 292 20.96 -18.02 43.29
N ALA A 293 20.56 -16.79 42.99
CA ALA A 293 21.03 -16.05 41.81
C ALA A 293 21.37 -14.57 42.09
N SER A 294 22.14 -13.98 41.19
CA SER A 294 22.49 -12.53 41.19
C SER A 294 22.02 -11.82 39.92
N PRO A 295 21.83 -10.49 39.98
CA PRO A 295 21.55 -9.70 38.78
C PRO A 295 22.74 -9.68 37.84
N VAL A 296 22.49 -9.29 36.60
CA VAL A 296 23.57 -9.13 35.61
C VAL A 296 24.66 -8.22 36.18
N GLY A 297 25.89 -8.65 36.02
CA GLY A 297 27.07 -7.92 36.49
C GLY A 297 27.22 -7.86 37.99
N PHE A 298 26.50 -8.73 38.68
CA PHE A 298 26.51 -8.78 40.17
C PHE A 298 26.25 -7.39 40.74
N SER A 299 25.24 -6.76 40.17
CA SER A 299 24.99 -5.34 40.40
C SER A 299 23.87 -5.14 41.40
N GLY A 300 23.67 -6.17 42.21
CA GLY A 300 22.64 -6.13 43.26
C GLY A 300 22.84 -7.28 44.23
N PRO A 301 22.08 -7.28 45.34
CA PRO A 301 22.22 -8.39 46.26
C PRO A 301 21.71 -9.69 45.66
N GLU A 302 22.27 -10.78 46.15
CA GLU A 302 21.86 -12.15 45.77
C GLU A 302 20.42 -12.35 46.19
N PHE A 303 19.62 -12.98 45.35
CA PHE A 303 18.23 -13.33 45.71
C PHE A 303 17.95 -14.84 45.69
N THR A 304 17.00 -15.26 46.51
CA THR A 304 16.65 -16.69 46.66
C THR A 304 15.25 -16.99 46.17
N PHE A 305 15.14 -18.02 45.38
CA PHE A 305 13.86 -18.46 44.79
C PHE A 305 13.08 -19.33 45.79
N PRO A 306 11.74 -19.41 45.64
CA PRO A 306 10.96 -20.36 46.42
C PRO A 306 11.39 -21.80 46.19
N LEU A 307 11.17 -22.63 47.19
CA LEU A 307 11.59 -24.03 47.17
C LEU A 307 11.02 -24.77 45.97
N TYR A 308 11.89 -25.50 45.31
CA TYR A 308 11.48 -26.43 44.26
C TYR A 308 11.41 -27.83 44.85
N GLY A 309 10.29 -28.51 44.61
CA GLY A 309 10.10 -29.90 45.08
C GLY A 309 9.86 -29.93 46.57
N THR A 310 10.34 -30.99 47.20
CA THR A 310 10.08 -31.22 48.63
C THR A 310 11.38 -31.27 49.40
N MET A 311 11.37 -30.66 50.56
CA MET A 311 12.56 -30.60 51.45
C MET A 311 12.71 -31.88 52.26
N GLY A 312 13.52 -32.80 51.79
CA GLY A 312 13.73 -34.08 52.48
C GLY A 312 14.89 -33.97 53.43
N ASN A 313 14.90 -34.87 54.39
CA ASN A 313 15.90 -34.80 55.50
C ASN A 313 16.69 -36.09 55.71
N ALA A 314 16.66 -36.93 54.69
CA ALA A 314 17.31 -38.24 54.74
C ALA A 314 18.84 -38.13 54.79
N ALA A 315 19.36 -36.97 54.45
CA ALA A 315 20.80 -36.73 54.46
C ALA A 315 21.01 -35.22 54.60
N PRO A 316 22.23 -34.77 54.94
CA PRO A 316 22.37 -33.33 55.08
C PRO A 316 22.25 -32.60 53.75
N GLN A 317 21.72 -31.40 53.78
CA GLN A 317 21.58 -30.57 52.57
C GLN A 317 22.95 -30.31 51.95
N GLN A 318 23.00 -30.25 50.63
CA GLN A 318 24.25 -29.98 49.90
C GLN A 318 24.16 -28.70 49.03
N ARG A 319 25.04 -27.77 49.33
CA ARG A 319 25.07 -26.48 48.64
C ARG A 319 26.09 -26.62 47.53
N ILE A 320 25.61 -26.61 46.31
CA ILE A 320 26.46 -26.70 45.10
C ILE A 320 26.73 -25.29 44.57
N VAL A 321 27.99 -24.86 44.55
CA VAL A 321 28.35 -23.54 44.05
C VAL A 321 28.57 -23.62 42.53
N ALA A 322 27.61 -23.07 41.81
CA ALA A 322 27.59 -23.06 40.33
C ALA A 322 28.55 -22.05 39.74
N GLN A 323 28.65 -20.90 40.37
CA GLN A 323 29.46 -19.79 39.79
C GLN A 323 30.95 -19.85 40.15
N LEU A 324 31.64 -20.78 39.53
CA LEU A 324 33.11 -20.86 39.56
C LEU A 324 33.60 -20.95 38.11
N GLY A 325 34.74 -20.35 37.84
CA GLY A 325 35.27 -20.23 36.48
C GLY A 325 34.24 -19.55 35.61
N GLN A 326 33.95 -20.18 34.49
CA GLN A 326 32.89 -19.73 33.56
C GLN A 326 31.49 -20.23 33.92
N GLY A 327 31.36 -20.86 35.07
CA GLY A 327 30.07 -21.44 35.50
C GLY A 327 30.01 -22.91 35.11
N VAL A 328 28.88 -23.52 35.41
CA VAL A 328 28.65 -24.94 35.09
C VAL A 328 28.30 -25.08 33.59
N TYR A 329 29.10 -25.85 32.88
CA TYR A 329 28.93 -26.04 31.41
C TYR A 329 28.27 -27.38 31.07
N ARG A 330 28.14 -28.25 32.07
CA ARG A 330 27.82 -29.64 31.83
C ARG A 330 27.27 -30.31 33.07
N THR A 331 26.19 -31.05 32.88
CA THR A 331 25.70 -31.98 33.93
C THR A 331 25.77 -33.43 33.48
N LEU A 332 26.31 -34.27 34.36
CA LEU A 332 26.31 -35.72 34.16
C LEU A 332 25.50 -36.35 35.27
N SER A 333 24.30 -36.76 34.93
CA SER A 333 23.32 -37.18 35.95
C SER A 333 23.15 -38.68 36.01
N SER A 334 22.91 -39.16 37.21
CA SER A 334 22.52 -40.57 37.41
C SER A 334 21.02 -40.63 37.64
N THR A 335 20.33 -41.27 36.71
CA THR A 335 18.87 -41.47 36.83
C THR A 335 18.58 -42.73 37.62
N LEU A 336 17.56 -42.67 38.45
CA LEU A 336 17.09 -43.83 39.20
C LEU A 336 15.62 -44.11 38.92
N TYR A 337 15.39 -45.25 38.29
CA TYR A 337 14.00 -45.75 38.14
C TYR A 337 13.83 -46.99 39.00
N ARG A 338 12.82 -46.97 39.87
CA ARG A 338 12.38 -48.21 40.55
C ARG A 338 11.03 -48.56 40.03
N ARG A 339 10.97 -49.74 39.48
CA ARG A 339 9.69 -50.32 39.04
C ARG A 339 9.51 -51.71 39.69
N PRO A 340 9.12 -51.75 40.97
CA PRO A 340 8.99 -52.99 41.72
C PRO A 340 7.85 -53.88 41.24
N PHE A 341 8.00 -55.18 41.47
CA PHE A 341 6.99 -56.15 41.01
C PHE A 341 5.69 -55.96 41.75
N ASN A 342 5.82 -55.71 43.03
CA ASN A 342 4.66 -55.30 43.84
C ASN A 342 4.83 -53.87 44.28
N ILE A 343 3.85 -53.01 43.99
CA ILE A 343 3.97 -51.58 44.34
C ILE A 343 2.99 -51.17 45.45
N GLY A 344 3.49 -50.35 46.35
CA GLY A 344 2.69 -49.80 47.44
C GLY A 344 3.46 -48.69 48.13
N ILE A 345 2.81 -48.04 49.08
CA ILE A 345 3.44 -46.92 49.84
C ILE A 345 4.76 -47.37 50.48
N ASN A 346 4.77 -48.64 50.87
CA ASN A 346 5.98 -49.31 51.41
C ASN A 346 7.02 -49.72 50.33
N ASN A 347 6.56 -49.76 49.09
CA ASN A 347 7.41 -50.19 47.97
C ASN A 347 7.14 -49.40 46.66
N GLN A 348 7.65 -48.19 46.62
CA GLN A 348 7.22 -47.19 45.60
C GLN A 348 7.98 -47.26 44.28
N GLN A 349 7.28 -46.91 43.21
CA GLN A 349 7.94 -46.57 41.94
C GLN A 349 8.62 -45.20 42.11
N LEU A 350 9.88 -45.18 41.73
CA LEU A 350 10.73 -43.99 41.78
C LEU A 350 11.24 -43.60 40.39
N SER A 351 11.08 -42.34 40.05
CA SER A 351 11.71 -41.74 38.85
C SER A 351 12.38 -40.43 39.27
N VAL A 352 13.64 -40.57 39.62
CA VAL A 352 14.38 -39.51 40.30
C VAL A 352 15.84 -39.47 39.88
N LEU A 353 16.57 -38.55 40.48
CA LEU A 353 18.05 -38.50 40.34
C LEU A 353 18.69 -38.89 41.65
N ASP A 354 19.62 -39.83 41.57
CA ASP A 354 20.38 -40.30 42.77
C ASP A 354 21.84 -39.83 42.73
N GLY A 355 22.07 -38.91 41.82
CA GLY A 355 23.39 -38.29 41.64
C GLY A 355 23.42 -37.31 40.48
N THR A 356 24.32 -36.34 40.60
CA THR A 356 24.68 -35.45 39.47
C THR A 356 26.06 -34.83 39.69
N GLU A 357 26.87 -34.92 38.65
CA GLU A 357 28.12 -34.19 38.58
C GLU A 357 27.91 -32.88 37.84
N PHE A 358 28.34 -31.80 38.45
CA PHE A 358 28.28 -30.46 37.86
C PHE A 358 29.70 -30.03 37.43
N ALA A 359 29.97 -30.04 36.14
CA ALA A 359 31.28 -29.71 35.61
C ALA A 359 31.39 -28.25 35.16
N TYR A 360 32.57 -27.67 35.44
CA TYR A 360 32.84 -26.22 35.24
C TYR A 360 33.58 -25.92 33.97
N GLY A 361 33.12 -24.85 33.36
CA GLY A 361 33.83 -24.23 32.22
C GLY A 361 35.00 -23.48 32.81
N THR A 362 36.16 -23.69 32.21
CA THR A 362 37.40 -23.11 32.70
C THR A 362 38.50 -23.20 31.65
N SER A 363 39.28 -22.12 31.62
CA SER A 363 40.50 -22.02 30.77
C SER A 363 41.59 -23.04 31.13
N SER A 364 41.70 -23.32 32.41
CA SER A 364 42.61 -24.36 32.90
C SER A 364 41.78 -25.60 33.24
N ASN A 365 41.76 -25.94 34.52
CA ASN A 365 40.87 -26.99 35.03
C ASN A 365 40.44 -26.76 36.49
N LEU A 366 39.34 -27.38 36.86
CA LEU A 366 38.68 -27.10 38.13
C LEU A 366 37.88 -28.34 38.49
N PRO A 367 38.06 -28.90 39.69
CA PRO A 367 37.34 -30.15 39.99
C PRO A 367 35.84 -29.93 40.03
N SER A 368 35.10 -30.91 39.54
CA SER A 368 33.62 -30.86 39.51
C SER A 368 33.01 -30.91 40.89
N ALA A 369 31.86 -30.27 41.02
CA ALA A 369 31.01 -30.42 42.20
C ALA A 369 30.18 -31.69 41.98
N VAL A 370 30.06 -32.49 43.02
CA VAL A 370 29.35 -33.78 42.92
C VAL A 370 28.29 -33.98 44.03
N TYR A 371 27.04 -34.06 43.59
CA TYR A 371 25.94 -34.48 44.46
C TYR A 371 25.89 -36.00 44.44
N ARG A 372 26.40 -36.59 45.51
CA ARG A 372 26.36 -38.05 45.76
C ARG A 372 27.26 -38.84 44.80
N LYS A 373 27.01 -38.70 43.50
CA LYS A 373 27.79 -39.42 42.47
C LYS A 373 27.53 -38.88 41.06
N SER A 374 28.45 -39.22 40.17
CA SER A 374 28.30 -38.90 38.76
C SER A 374 27.41 -39.95 38.08
N GLY A 375 27.04 -39.65 36.85
CA GLY A 375 26.17 -40.54 36.08
C GLY A 375 26.48 -40.44 34.60
N THR A 376 25.72 -41.19 33.81
CA THR A 376 25.95 -41.24 32.35
C THR A 376 24.96 -40.48 31.48
N VAL A 377 23.93 -39.89 32.09
CA VAL A 377 23.00 -39.05 31.34
C VAL A 377 23.63 -37.66 31.25
N ASP A 378 24.18 -37.39 30.08
CA ASP A 378 25.14 -36.31 29.86
C ASP A 378 24.51 -35.16 29.08
N SER A 379 24.49 -33.99 29.67
CA SER A 379 23.92 -32.80 29.01
C SER A 379 24.63 -32.45 27.70
N LEU A 380 25.89 -32.84 27.61
CA LEU A 380 26.72 -32.53 26.43
C LEU A 380 26.19 -33.19 25.13
N ASP A 381 25.42 -34.26 25.31
CA ASP A 381 24.73 -34.95 24.20
C ASP A 381 23.62 -34.10 23.62
N GLU A 382 23.10 -33.19 24.42
CA GLU A 382 21.97 -32.34 23.95
C GLU A 382 22.43 -30.91 23.71
N ILE A 383 23.47 -30.54 24.43
CA ILE A 383 23.98 -29.16 24.49
C ILE A 383 25.48 -29.24 24.19
N PRO A 384 25.82 -29.55 22.92
CA PRO A 384 27.19 -29.82 22.56
C PRO A 384 28.09 -28.58 22.55
N PRO A 385 29.39 -28.80 22.44
CA PRO A 385 30.34 -27.71 22.30
C PRO A 385 30.16 -26.92 21.03
N GLN A 386 30.43 -25.65 21.10
CA GLN A 386 30.48 -24.79 19.91
C GLN A 386 31.81 -24.93 19.17
N ASN A 387 32.81 -25.41 19.89
CA ASN A 387 34.16 -25.58 19.35
C ASN A 387 34.72 -26.90 19.76
N ASN A 388 34.72 -27.80 18.80
CA ASN A 388 35.10 -29.19 19.06
C ASN A 388 36.61 -29.47 18.95
N ASN A 389 37.37 -28.40 18.73
CA ASN A 389 38.85 -28.46 18.58
C ASN A 389 39.64 -28.33 19.88
N VAL A 390 38.92 -28.05 20.95
CA VAL A 390 39.50 -27.94 22.30
C VAL A 390 38.65 -28.81 23.22
N PRO A 391 39.10 -29.06 24.45
CA PRO A 391 38.25 -29.80 25.41
C PRO A 391 36.92 -29.09 25.67
N PRO A 392 35.82 -29.88 25.89
CA PRO A 392 34.49 -29.33 26.16
C PRO A 392 34.42 -28.24 27.22
N ARG A 393 35.26 -28.33 28.23
CA ARG A 393 35.27 -27.32 29.32
C ARG A 393 35.81 -25.96 28.85
N GLN A 394 36.45 -25.95 27.70
CA GLN A 394 36.83 -24.68 27.05
C GLN A 394 35.96 -24.32 25.85
N GLY A 395 35.52 -25.32 25.13
CA GLY A 395 34.76 -25.10 23.87
C GLY A 395 33.24 -25.22 23.97
N PHE A 396 32.77 -25.20 25.21
CA PHE A 396 31.31 -25.29 25.53
C PHE A 396 30.51 -24.18 24.85
N SER A 397 29.22 -24.41 24.71
CA SER A 397 28.36 -23.42 24.05
C SER A 397 27.42 -22.72 24.99
N HIS A 398 27.11 -23.39 26.08
CA HIS A 398 26.10 -22.88 27.04
C HIS A 398 26.56 -22.91 28.48
N ARG A 399 25.81 -22.23 29.31
CA ARG A 399 26.07 -22.16 30.74
C ARG A 399 24.76 -22.42 31.49
N LEU A 400 24.84 -23.16 32.58
CA LEU A 400 23.65 -23.49 33.41
C LEU A 400 23.15 -22.20 34.02
N SER A 401 21.91 -21.86 33.72
CA SER A 401 21.31 -20.58 34.22
C SER A 401 20.28 -20.74 35.33
N HIS A 402 19.72 -21.94 35.43
CA HIS A 402 18.67 -22.24 36.42
C HIS A 402 18.39 -23.74 36.50
N VAL A 403 17.84 -24.16 37.62
CA VAL A 403 17.29 -25.50 37.77
C VAL A 403 15.92 -25.39 38.43
N SER A 404 14.88 -25.74 37.68
CA SER A 404 13.54 -25.84 38.28
C SER A 404 13.20 -27.34 38.43
N MET A 405 11.94 -27.68 38.72
CA MET A 405 11.60 -29.14 38.89
C MET A 405 10.19 -29.56 38.53
N PHE A 406 10.09 -30.54 37.66
CA PHE A 406 8.85 -31.24 37.50
C PHE A 406 8.74 -32.30 38.60
N ARG A 407 7.62 -32.26 39.32
CA ARG A 407 7.40 -33.12 40.49
C ARG A 407 6.02 -33.78 40.46
N SER A 408 5.94 -34.96 41.05
CA SER A 408 4.67 -35.73 41.17
C SER A 408 4.76 -36.70 42.32
N GLY A 409 3.74 -36.68 43.15
CA GLY A 409 3.67 -37.58 44.27
C GLY A 409 4.37 -37.09 45.51
N PHE A 410 3.88 -37.63 46.61
CA PHE A 410 4.43 -37.33 47.93
C PHE A 410 4.90 -38.62 48.61
N SER A 411 6.07 -38.58 49.21
CA SER A 411 6.71 -39.82 49.70
C SER A 411 5.83 -40.54 50.72
N ASN A 412 5.16 -39.74 51.50
CA ASN A 412 4.29 -40.23 52.59
C ASN A 412 3.03 -41.00 52.15
N SER A 413 2.46 -40.59 51.04
CA SER A 413 1.12 -41.08 50.62
C SER A 413 0.89 -41.46 49.13
N SER A 414 1.98 -41.57 48.39
CA SER A 414 1.92 -41.96 46.94
C SER A 414 2.61 -43.29 46.64
N VAL A 415 2.15 -43.92 45.56
CA VAL A 415 2.77 -45.20 45.09
C VAL A 415 3.88 -44.94 44.11
N SER A 416 3.83 -43.75 43.53
CA SER A 416 4.74 -43.34 42.47
C SER A 416 5.30 -41.93 42.71
N ILE A 417 6.60 -41.84 42.68
CA ILE A 417 7.34 -40.58 42.98
C ILE A 417 8.17 -40.15 41.76
N ILE A 418 7.89 -38.95 41.28
CA ILE A 418 8.67 -38.28 40.20
C ILE A 418 9.32 -37.00 40.75
N ARG A 419 10.62 -36.94 40.63
CA ARG A 419 11.41 -35.71 40.96
C ARG A 419 12.42 -35.48 39.85
N ALA A 420 12.06 -34.56 38.96
CA ALA A 420 12.75 -34.42 37.67
C ALA A 420 13.23 -33.00 37.45
N PRO A 421 14.42 -32.69 37.97
CA PRO A 421 15.03 -31.40 37.82
C PRO A 421 15.10 -30.99 36.36
N MET A 422 14.62 -29.79 36.11
CA MET A 422 14.59 -29.18 34.77
C MET A 422 15.79 -28.19 34.66
N PHE A 423 16.80 -28.58 33.91
CA PHE A 423 18.02 -27.79 33.76
C PHE A 423 17.85 -26.80 32.63
N SER A 424 18.18 -25.56 32.94
CA SER A 424 18.01 -24.45 32.00
C SER A 424 19.38 -23.89 31.56
N TRP A 425 19.56 -23.77 30.26
CA TRP A 425 20.87 -23.45 29.65
C TRP A 425 20.84 -22.19 28.80
N ILE A 426 21.69 -21.27 29.16
CA ILE A 426 21.80 -19.97 28.48
C ILE A 426 23.04 -20.02 27.58
N HIS A 427 22.93 -19.48 26.38
CA HIS A 427 24.09 -19.36 25.50
C HIS A 427 25.21 -18.54 26.15
N ARG A 428 26.44 -18.97 25.95
CA ARG A 428 27.61 -18.32 26.62
C ARG A 428 27.85 -16.87 26.18
N SER A 429 27.29 -16.51 25.03
CA SER A 429 27.37 -15.14 24.52
C SER A 429 26.66 -14.15 25.44
N ALA A 430 25.80 -14.68 26.28
CA ALA A 430 25.16 -13.90 27.38
C ALA A 430 26.13 -13.67 28.54
N GLU A 431 26.94 -12.64 28.43
CA GLU A 431 28.05 -12.40 29.38
C GLU A 431 27.56 -12.02 30.76
N PHE A 432 28.33 -12.39 31.76
CA PHE A 432 28.02 -12.04 33.16
C PHE A 432 27.82 -10.53 33.36
N ASN A 433 28.67 -9.78 32.66
CA ASN A 433 28.67 -8.30 32.66
C ASN A 433 28.35 -7.73 31.29
N ASN A 434 27.83 -6.51 31.32
CA ASN A 434 27.64 -5.70 30.10
C ASN A 434 28.87 -4.85 29.86
N ILE A 435 29.70 -5.31 28.96
CA ILE A 435 31.01 -4.74 28.72
C ILE A 435 31.00 -4.11 27.32
N ILE A 436 31.19 -2.80 27.29
CA ILE A 436 31.15 -2.02 26.03
C ILE A 436 32.53 -2.01 25.38
N ALA A 437 32.62 -2.66 24.23
CA ALA A 437 33.89 -2.73 23.48
C ALA A 437 34.20 -1.36 22.91
N SER A 438 35.48 -1.17 22.60
CA SER A 438 35.97 0.11 22.07
C SER A 438 36.14 0.11 20.56
N ASP A 439 36.22 -1.08 19.98
CA ASP A 439 36.47 -1.27 18.53
C ASP A 439 35.34 -1.90 17.72
N SER A 440 34.18 -2.05 18.34
CA SER A 440 33.02 -2.70 17.70
C SER A 440 31.69 -2.19 18.26
N ILE A 441 30.63 -2.44 17.51
CA ILE A 441 29.25 -2.03 17.92
C ILE A 441 28.65 -3.05 18.91
N THR A 442 28.65 -2.70 20.18
CA THR A 442 28.22 -3.62 21.26
C THR A 442 26.72 -3.62 21.42
N GLN A 443 26.13 -4.79 21.22
CA GLN A 443 24.70 -5.01 21.48
C GLN A 443 24.44 -5.53 22.91
N ILE A 444 23.64 -4.80 23.65
CA ILE A 444 23.21 -5.22 24.99
C ILE A 444 21.69 -5.33 25.04
N PRO A 445 21.13 -6.57 25.02
CA PRO A 445 19.71 -6.79 25.13
C PRO A 445 19.15 -6.15 26.38
N ALA A 446 17.95 -5.61 26.26
CA ALA A 446 17.30 -4.89 27.37
C ALA A 446 17.10 -5.77 28.59
N VAL A 447 16.87 -7.05 28.32
CA VAL A 447 16.65 -8.06 29.39
C VAL A 447 17.91 -8.28 30.23
N LYS A 448 19.02 -7.73 29.78
CA LYS A 448 20.27 -7.71 30.60
C LYS A 448 20.32 -6.53 31.57
N GLY A 449 19.19 -5.89 31.74
CA GLY A 449 19.05 -4.80 32.73
C GLY A 449 18.89 -5.38 34.12
N ASN A 450 18.88 -4.51 35.13
CA ASN A 450 18.72 -4.95 36.54
C ASN A 450 17.62 -4.23 37.33
N PHE A 451 16.88 -3.38 36.65
CA PHE A 451 15.81 -2.62 37.29
C PHE A 451 14.74 -2.28 36.29
N LEU A 452 13.52 -2.72 36.58
CA LEU A 452 12.35 -2.54 35.69
C LEU A 452 11.16 -2.02 36.49
N PHE A 453 10.69 -0.83 36.12
CA PHE A 453 9.57 -0.12 36.80
C PHE A 453 8.42 0.15 35.83
N ASN A 454 7.21 -0.15 36.28
CA ASN A 454 5.96 -0.04 35.43
C ASN A 454 6.18 -0.66 34.06
N GLY A 455 6.56 -1.93 34.10
CA GLY A 455 6.82 -2.70 32.89
C GLY A 455 7.06 -4.16 33.20
N SER A 456 7.06 -4.97 32.17
CA SER A 456 7.34 -6.38 32.35
C SER A 456 8.24 -6.98 31.24
N VAL A 457 8.85 -8.11 31.55
CA VAL A 457 9.62 -8.85 30.56
C VAL A 457 8.62 -9.78 29.87
N ILE A 458 8.66 -9.76 28.55
CA ILE A 458 7.77 -10.57 27.74
C ILE A 458 8.55 -11.51 26.78
N SER A 459 7.89 -12.59 26.38
CA SER A 459 8.49 -13.60 25.48
C SER A 459 8.81 -12.96 24.16
N GLY A 460 10.04 -13.14 23.70
CA GLY A 460 10.44 -12.75 22.34
C GLY A 460 9.66 -13.47 21.25
N PRO A 461 9.59 -12.87 20.06
CA PRO A 461 8.86 -13.49 18.96
C PRO A 461 9.57 -14.69 18.40
N GLY A 462 10.85 -14.80 18.72
CA GLY A 462 11.70 -15.91 18.25
C GLY A 462 12.85 -15.52 17.35
N PHE A 463 12.89 -14.27 16.96
CA PHE A 463 13.96 -13.75 16.06
C PHE A 463 14.91 -12.71 16.70
N THR A 464 14.75 -12.47 17.98
CA THR A 464 15.59 -11.50 18.66
C THR A 464 16.68 -12.19 19.52
N GLY A 465 16.62 -13.51 19.60
CA GLY A 465 17.62 -14.30 20.36
C GLY A 465 17.42 -14.35 21.85
N GLY A 466 16.23 -13.97 22.26
CA GLY A 466 15.87 -13.92 23.69
C GLY A 466 14.62 -13.10 23.91
N ASP A 467 14.37 -12.74 25.15
CA ASP A 467 13.12 -12.04 25.50
C ASP A 467 13.22 -10.51 25.37
N LEU A 468 12.11 -9.84 25.63
CA LEU A 468 11.98 -8.38 25.41
C LEU A 468 11.43 -7.64 26.64
N VAL A 469 11.68 -6.35 26.67
CA VAL A 469 11.22 -5.50 27.78
C VAL A 469 10.07 -4.65 27.28
N ARG A 470 8.97 -4.68 28.03
CA ARG A 470 7.79 -3.86 27.72
C ARG A 470 7.63 -2.79 28.78
N LEU A 471 7.75 -1.55 28.35
CA LEU A 471 7.47 -0.38 29.20
C LEU A 471 6.01 0.06 29.03
N ASN A 472 5.28 0.08 30.14
CA ASN A 472 3.86 0.48 30.12
C ASN A 472 3.71 1.99 29.99
N SER A 473 2.50 2.40 29.63
CA SER A 473 2.09 3.82 29.63
C SER A 473 1.97 4.29 31.07
N SER A 474 2.18 5.57 31.24
CA SER A 474 2.17 6.21 32.58
C SER A 474 0.76 6.40 33.15
N GLY A 475 -0.22 6.49 32.25
CA GLY A 475 -1.59 6.92 32.61
C GLY A 475 -1.61 8.41 32.90
N ASN A 476 -0.75 9.11 32.19
CA ASN A 476 -0.45 10.55 32.45
C ASN A 476 0.04 10.85 33.91
N ASN A 477 0.78 9.91 34.47
CA ASN A 477 1.46 10.09 35.74
C ASN A 477 2.96 10.29 35.53
N ILE A 478 3.46 11.46 35.87
CA ILE A 478 4.87 11.74 35.62
C ILE A 478 5.70 10.91 36.59
N GLN A 479 5.03 10.38 37.60
CA GLN A 479 5.74 9.58 38.64
C GLN A 479 5.66 8.07 38.36
N ASN A 480 4.81 7.73 37.41
CA ASN A 480 4.53 6.33 37.03
C ASN A 480 5.02 5.94 35.62
N ARG A 481 6.00 6.66 35.13
CA ARG A 481 6.58 6.34 33.81
C ARG A 481 7.44 5.08 33.82
N GLY A 482 7.17 4.24 32.82
CA GLY A 482 7.87 2.96 32.63
C GLY A 482 9.35 3.16 32.37
N TYR A 483 10.16 2.41 33.11
CA TYR A 483 11.63 2.59 33.10
C TYR A 483 12.39 1.25 33.19
N ILE A 484 13.36 1.09 32.29
CA ILE A 484 14.34 -0.02 32.31
C ILE A 484 15.78 0.56 32.39
N GLU A 485 16.49 0.11 33.39
CA GLU A 485 17.88 0.54 33.63
C GLU A 485 18.86 -0.64 33.49
N VAL A 486 19.94 -0.39 32.79
CA VAL A 486 20.96 -1.42 32.47
C VAL A 486 22.35 -1.00 33.03
N PRO A 487 22.98 -1.85 33.87
CA PRO A 487 24.33 -1.57 34.34
C PRO A 487 25.34 -1.91 33.28
N ILE A 488 26.27 -1.00 33.08
CA ILE A 488 27.26 -1.14 31.99
C ILE A 488 28.65 -0.83 32.46
N HIS A 489 29.61 -1.41 31.76
CA HIS A 489 31.04 -1.24 32.09
C HIS A 489 31.87 -0.86 30.90
N PHE A 490 32.69 0.16 31.11
CA PHE A 490 33.60 0.68 30.05
C PHE A 490 35.09 0.42 30.34
N PRO A 491 35.69 -0.55 29.63
CA PRO A 491 37.13 -0.78 29.80
C PRO A 491 38.00 0.36 29.25
N SER A 492 37.47 1.03 28.24
CA SER A 492 38.08 2.25 27.69
C SER A 492 37.29 3.49 28.11
N THR A 493 37.98 4.38 28.80
CA THR A 493 37.35 5.61 29.35
C THR A 493 37.48 6.85 28.45
N SER A 494 38.19 6.68 27.35
CA SER A 494 38.41 7.79 26.41
C SER A 494 37.56 7.70 25.12
N THR A 495 37.08 6.49 24.82
CA THR A 495 36.27 6.25 23.60
C THR A 495 34.91 6.97 23.69
N ARG A 496 34.54 7.60 22.60
CA ARG A 496 33.24 8.29 22.51
C ARG A 496 32.20 7.36 21.88
N TYR A 497 31.00 7.37 22.43
CA TYR A 497 29.92 6.44 22.01
C TYR A 497 28.59 7.11 21.71
N ARG A 498 28.06 6.81 20.57
CA ARG A 498 26.67 7.16 20.26
C ARG A 498 25.79 5.97 20.74
N VAL A 499 24.67 6.29 21.35
CA VAL A 499 23.76 5.24 21.88
C VAL A 499 22.50 5.07 21.04
N ARG A 500 22.38 3.89 20.45
CA ARG A 500 21.26 3.53 19.57
C ARG A 500 20.34 2.51 20.27
N VAL A 501 19.04 2.69 20.11
CA VAL A 501 18.03 1.80 20.75
C VAL A 501 17.14 1.15 19.69
N ARG A 502 16.97 -0.14 19.83
CA ARG A 502 16.14 -0.90 18.93
C ARG A 502 14.82 -1.14 19.66
N TYR A 503 13.72 -0.75 19.01
CA TYR A 503 12.38 -0.69 19.65
C TYR A 503 11.22 -1.08 18.75
N ALA A 504 10.07 -1.28 19.37
CA ALA A 504 8.79 -1.51 18.63
C ALA A 504 7.62 -0.77 19.29
N SER A 505 6.80 -0.17 18.44
CA SER A 505 5.73 0.73 18.88
C SER A 505 4.58 0.78 17.87
N VAL A 506 3.36 0.83 18.36
CA VAL A 506 2.16 0.93 17.46
C VAL A 506 1.74 2.39 17.17
N THR A 507 2.07 3.28 18.07
CA THR A 507 1.83 4.73 17.87
C THR A 507 3.11 5.56 18.17
N PRO A 508 3.21 6.79 17.63
CA PRO A 508 4.32 7.64 17.97
C PRO A 508 4.40 7.83 19.46
N ILE A 509 5.62 7.75 19.96
CA ILE A 509 5.87 7.71 21.39
C ILE A 509 7.10 8.53 21.80
N HIS A 510 6.94 9.30 22.87
CA HIS A 510 8.05 10.13 23.41
C HIS A 510 8.89 9.30 24.38
N LEU A 511 10.15 9.09 24.02
CA LEU A 511 11.08 8.29 24.86
C LEU A 511 12.28 9.11 25.29
N ASN A 512 12.73 8.85 26.50
CA ASN A 512 13.92 9.51 27.06
C ASN A 512 15.02 8.50 27.39
N VAL A 513 16.17 8.68 26.77
CA VAL A 513 17.35 7.83 27.05
C VAL A 513 18.31 8.56 27.99
N ASN A 514 18.62 7.94 29.12
CA ASN A 514 19.64 8.47 30.05
C ASN A 514 20.91 7.65 30.07
N TRP A 515 22.02 8.36 30.16
CA TRP A 515 23.35 7.77 30.37
C TRP A 515 23.84 8.41 31.66
N GLY A 516 23.83 7.61 32.72
CA GLY A 516 24.04 8.12 34.08
C GLY A 516 22.80 8.94 34.44
N ASN A 517 23.04 10.13 34.97
CA ASN A 517 21.94 11.11 35.23
C ASN A 517 21.59 12.00 34.04
N SER A 518 22.43 11.96 33.03
CA SER A 518 22.28 12.84 31.85
C SER A 518 21.33 12.24 30.83
N SER A 519 20.38 13.04 30.41
CA SER A 519 19.51 12.68 29.29
C SER A 519 20.25 12.99 28.00
N ILE A 520 20.41 11.99 27.15
CA ILE A 520 21.13 12.16 25.86
C ILE A 520 20.19 12.04 24.63
N PHE A 521 18.92 11.74 24.91
CA PHE A 521 17.87 11.75 23.89
C PHE A 521 16.51 11.90 24.55
N SER A 522 15.72 12.80 24.01
CA SER A 522 14.35 13.04 24.52
C SER A 522 13.48 13.59 23.41
N ASN A 523 12.76 12.70 22.77
CA ASN A 523 11.95 13.07 21.60
C ASN A 523 10.92 12.01 21.23
N THR A 524 10.02 12.38 20.33
CA THR A 524 9.00 11.46 19.81
C THR A 524 9.62 10.62 18.72
N VAL A 525 9.46 9.31 18.83
CA VAL A 525 9.93 8.38 17.79
C VAL A 525 8.71 7.78 17.05
N PRO A 526 8.83 7.51 15.75
CA PRO A 526 7.65 7.05 15.01
C PRO A 526 7.18 5.67 15.39
N ALA A 527 5.94 5.39 15.05
CA ALA A 527 5.36 4.04 15.20
C ALA A 527 6.02 3.13 14.18
N THR A 528 6.20 1.87 14.55
CA THR A 528 6.96 0.92 13.70
C THR A 528 6.18 -0.34 13.32
N ALA A 529 5.09 -0.54 14.04
CA ALA A 529 4.29 -1.77 13.98
C ALA A 529 2.80 -1.48 13.96
N THR A 530 2.01 -2.42 13.46
CA THR A 530 0.52 -2.31 13.55
C THR A 530 -0.02 -2.99 14.81
N SER A 531 0.68 -4.03 15.27
CA SER A 531 0.34 -4.76 16.53
C SER A 531 1.57 -5.13 17.38
N LEU A 532 1.42 -5.06 18.69
CA LEU A 532 2.50 -5.52 19.61
C LEU A 532 2.35 -7.01 19.99
N ASP A 533 1.32 -7.66 19.47
CA ASP A 533 1.01 -9.07 19.79
C ASP A 533 1.61 -10.06 18.81
N ASN A 534 1.67 -9.64 17.56
CA ASN A 534 2.19 -10.53 16.51
C ASN A 534 3.33 -9.87 15.79
N LEU A 535 4.49 -10.04 16.39
CA LEU A 535 5.65 -9.26 15.99
C LEU A 535 6.31 -9.90 14.80
N GLN A 536 6.51 -9.09 13.77
CA GLN A 536 7.26 -9.51 12.59
C GLN A 536 8.55 -8.69 12.52
N SER A 537 9.46 -9.11 11.66
CA SER A 537 10.80 -8.52 11.60
C SER A 537 10.81 -7.00 11.46
N SER A 538 9.97 -6.51 10.56
CA SER A 538 9.97 -5.07 10.21
C SER A 538 9.34 -4.18 11.27
N ASP A 539 8.76 -4.82 12.28
CA ASP A 539 8.08 -4.12 13.40
C ASP A 539 9.07 -3.46 14.36
N PHE A 540 10.34 -3.77 14.17
CA PHE A 540 11.38 -3.20 14.99
C PHE A 540 12.10 -2.09 14.23
N GLY A 541 12.17 -0.94 14.87
CA GLY A 541 12.90 0.21 14.34
C GLY A 541 14.05 0.63 15.25
N TYR A 542 14.73 1.70 14.85
CA TYR A 542 15.91 2.23 15.56
C TYR A 542 15.81 3.73 15.75
N PHE A 543 16.31 4.21 16.86
CA PHE A 543 16.55 5.66 17.05
C PHE A 543 17.85 5.79 17.83
N GLU A 544 18.46 6.97 17.80
CA GLU A 544 19.77 7.17 18.44
C GLU A 544 20.04 8.59 18.95
N SER A 545 20.96 8.68 19.90
CA SER A 545 21.38 9.97 20.41
C SER A 545 22.08 10.73 19.30
N ALA A 546 21.85 12.02 19.31
CA ALA A 546 22.43 12.95 18.31
C ALA A 546 23.93 13.04 18.46
N ASN A 547 24.39 13.04 19.70
CA ASN A 547 25.83 13.16 20.02
C ASN A 547 26.48 11.90 20.61
N ALA A 548 27.80 11.92 20.64
CA ALA A 548 28.60 10.84 21.24
C ALA A 548 29.28 11.31 22.54
N PHE A 549 29.31 10.42 23.52
CA PHE A 549 29.87 10.72 24.87
C PHE A 549 30.80 9.61 25.36
N THR A 550 31.52 9.93 26.43
CA THR A 550 32.43 8.95 27.07
C THR A 550 31.85 8.44 28.38
N SER A 551 32.51 7.41 28.90
CA SER A 551 32.12 6.74 30.15
C SER A 551 32.03 7.64 31.37
N SER A 552 32.45 8.88 31.22
CA SER A 552 32.42 9.83 32.36
C SER A 552 30.99 10.21 32.73
N LEU A 553 30.04 10.05 31.81
CA LEU A 553 28.60 10.27 32.10
C LEU A 553 28.02 9.28 33.13
N GLY A 554 28.65 8.11 33.25
CA GLY A 554 28.24 7.09 34.25
C GLY A 554 28.23 5.63 33.81
N ASN A 555 27.79 4.79 34.74
CA ASN A 555 27.81 3.31 34.53
C ASN A 555 26.43 2.67 34.45
N ILE A 556 25.48 3.49 34.03
CA ILE A 556 24.13 3.00 33.73
C ILE A 556 23.64 3.65 32.45
N VAL A 557 22.69 2.97 31.81
CA VAL A 557 21.97 3.48 30.65
C VAL A 557 20.53 3.06 30.85
N GLY A 558 19.61 3.88 30.39
CA GLY A 558 18.17 3.57 30.56
C GLY A 558 17.27 4.22 29.54
N VAL A 559 16.06 3.70 29.45
CA VAL A 559 15.04 4.27 28.57
C VAL A 559 13.78 4.43 29.38
N ARG A 560 13.18 5.61 29.27
CA ARG A 560 11.93 5.93 29.97
C ARG A 560 10.82 6.24 28.98
N ASN A 561 9.66 5.68 29.23
CA ASN A 561 8.51 5.90 28.37
C ASN A 561 7.65 7.03 28.92
N PHE A 562 7.64 8.14 28.17
CA PHE A 562 6.92 9.36 28.60
C PHE A 562 5.45 9.36 28.24
N SER A 563 5.03 8.44 27.38
CA SER A 563 3.62 8.35 26.92
C SER A 563 2.68 8.02 28.06
N GLY A 564 1.56 8.73 28.04
CA GLY A 564 0.51 8.51 29.02
C GLY A 564 -0.47 7.43 28.62
N THR A 565 -0.46 7.09 27.35
CA THR A 565 -1.49 6.21 26.79
C THR A 565 -1.01 4.95 26.08
N ALA A 566 0.19 5.02 25.54
CA ALA A 566 0.77 3.89 24.77
C ALA A 566 1.97 3.17 25.44
N GLY A 567 2.05 1.86 25.22
CA GLY A 567 3.21 1.06 25.65
C GLY A 567 4.28 0.97 24.58
N VAL A 568 5.47 0.56 24.99
CA VAL A 568 6.62 0.39 24.04
C VAL A 568 7.50 -0.81 24.39
N ILE A 569 7.95 -1.49 23.33
CA ILE A 569 8.86 -2.64 23.45
C ILE A 569 10.31 -2.19 23.16
N ILE A 570 11.16 -2.44 24.13
CA ILE A 570 12.62 -2.21 24.01
C ILE A 570 13.31 -3.56 23.79
N ASP A 571 14.01 -3.68 22.68
CA ASP A 571 14.77 -4.89 22.35
C ASP A 571 16.16 -4.81 22.95
N ARG A 572 16.95 -3.88 22.45
CA ARG A 572 18.34 -3.75 22.91
C ARG A 572 18.93 -2.36 22.79
N PHE A 573 19.94 -2.13 23.60
CA PHE A 573 20.82 -0.96 23.52
C PHE A 573 22.02 -1.33 22.67
N GLU A 574 22.43 -0.40 21.84
CA GLU A 574 23.64 -0.54 21.01
C GLU A 574 24.60 0.65 21.20
N PHE A 575 25.85 0.33 21.49
CA PHE A 575 26.91 1.35 21.67
C PHE A 575 27.83 1.39 20.44
N ILE A 576 27.80 2.55 19.81
CA ILE A 576 28.54 2.82 18.55
C ILE A 576 29.73 3.72 18.83
N PRO A 577 30.95 3.18 18.74
CA PRO A 577 32.14 4.00 18.90
C PRO A 577 32.34 4.92 17.70
N VAL A 578 32.56 6.20 17.97
CA VAL A 578 32.84 7.18 16.89
C VAL A 578 34.35 7.25 16.58
N THR A 579 34.77 7.60 15.47
N GLY B 2 33.11 -44.20 -49.47
CA GLY B 2 31.64 -44.38 -49.60
C GLY B 2 30.88 -43.14 -49.15
N TYR B 3 30.93 -42.11 -49.99
CA TYR B 3 30.15 -40.86 -49.78
C TYR B 3 28.74 -40.98 -50.30
N THR B 4 27.86 -40.17 -49.75
CA THR B 4 26.48 -40.08 -50.24
C THR B 4 26.10 -38.66 -50.67
N PRO B 5 24.96 -38.49 -51.35
CA PRO B 5 24.42 -37.16 -51.68
C PRO B 5 24.27 -36.22 -50.47
N ILE B 6 24.05 -36.82 -49.32
CA ILE B 6 23.90 -36.07 -48.05
C ILE B 6 25.19 -35.37 -47.69
N ASP B 7 26.29 -36.10 -47.80
CA ASP B 7 27.64 -35.54 -47.58
C ASP B 7 27.89 -34.37 -48.53
N ILE B 8 27.60 -34.63 -49.80
CA ILE B 8 27.82 -33.66 -50.88
C ILE B 8 27.02 -32.41 -50.67
N SER B 9 25.76 -32.59 -50.32
CA SER B 9 24.82 -31.44 -50.12
C SER B 9 25.23 -30.57 -48.96
N LEU B 10 25.68 -31.21 -47.89
CA LEU B 10 26.13 -30.47 -46.69
C LEU B 10 27.37 -29.61 -46.99
N SER B 11 28.22 -30.15 -47.82
CA SER B 11 29.36 -29.42 -48.32
C SER B 11 28.96 -28.23 -49.22
N LEU B 12 27.99 -28.47 -50.09
CA LEU B 12 27.40 -27.40 -50.93
C LEU B 12 26.77 -26.31 -50.06
N THR B 13 26.04 -26.73 -49.04
CA THR B 13 25.40 -25.80 -48.07
C THR B 13 26.46 -24.89 -47.41
N GLN B 14 27.55 -25.50 -46.99
CA GLN B 14 28.65 -24.75 -46.36
C GLN B 14 29.16 -23.66 -47.31
N PHE B 15 29.30 -24.03 -48.57
CA PHE B 15 29.78 -23.10 -49.61
C PHE B 15 28.81 -21.94 -49.84
N LEU B 16 27.57 -22.28 -50.06
CA LEU B 16 26.52 -21.27 -50.33
C LEU B 16 26.28 -20.35 -49.13
N LEU B 17 26.54 -20.84 -47.93
CA LEU B 17 26.38 -20.01 -46.71
C LEU B 17 27.49 -18.98 -46.54
N SER B 18 28.69 -19.36 -46.94
CA SER B 18 29.88 -18.49 -46.66
C SER B 18 30.45 -17.76 -47.89
N GLU B 19 30.02 -18.19 -49.07
CA GLU B 19 30.58 -17.67 -50.35
C GLU B 19 29.53 -17.12 -51.32
N PHE B 20 28.39 -16.69 -50.77
CA PHE B 20 27.25 -16.24 -51.63
C PHE B 20 27.47 -14.83 -52.11
N VAL B 21 28.31 -14.74 -53.12
CA VAL B 21 28.70 -13.46 -53.76
C VAL B 21 28.97 -13.75 -55.23
N PRO B 22 28.48 -12.86 -56.13
CA PRO B 22 28.71 -13.07 -57.56
C PRO B 22 30.18 -13.00 -57.90
N GLY B 23 30.56 -13.69 -58.97
CA GLY B 23 31.96 -13.72 -59.43
C GLY B 23 32.39 -15.11 -59.82
N ALA B 24 33.65 -15.21 -60.23
CA ALA B 24 34.22 -16.47 -60.73
C ALA B 24 34.27 -17.56 -59.63
N GLY B 25 34.48 -17.11 -58.40
CA GLY B 25 34.58 -18.01 -57.24
C GLY B 25 33.35 -18.88 -57.08
N PHE B 26 32.21 -18.22 -57.19
CA PHE B 26 30.90 -18.88 -57.05
C PHE B 26 30.72 -19.95 -58.16
N VAL B 27 30.96 -19.52 -59.38
CA VAL B 27 30.82 -20.37 -60.58
C VAL B 27 31.72 -21.61 -60.55
N LEU B 28 32.95 -21.39 -60.12
CA LEU B 28 33.95 -22.48 -60.03
C LEU B 28 33.64 -23.42 -58.87
N GLY B 29 33.12 -22.82 -57.81
CA GLY B 29 32.64 -23.56 -56.63
C GLY B 29 31.61 -24.61 -56.98
N LEU B 30 30.64 -24.22 -57.79
CA LEU B 30 29.55 -25.14 -58.21
C LEU B 30 30.07 -26.32 -59.05
N VAL B 31 31.06 -26.03 -59.88
CA VAL B 31 31.78 -27.07 -60.66
C VAL B 31 32.51 -28.00 -59.71
N ASP B 32 33.30 -27.42 -58.84
CA ASP B 32 34.07 -28.21 -57.87
C ASP B 32 33.19 -29.18 -57.01
N ILE B 33 32.06 -28.68 -56.53
CA ILE B 33 31.24 -29.45 -55.55
C ILE B 33 30.21 -30.38 -56.20
N ILE B 34 29.55 -29.91 -57.24
CA ILE B 34 28.43 -30.67 -57.85
C ILE B 34 28.60 -31.09 -59.31
N TRP B 35 29.01 -30.14 -60.14
CA TRP B 35 28.89 -30.27 -61.60
C TRP B 35 30.15 -30.67 -62.36
N GLY B 36 31.22 -30.98 -61.64
CA GLY B 36 32.54 -31.26 -62.23
C GLY B 36 32.85 -32.73 -62.41
N ILE B 37 31.85 -33.53 -62.13
CA ILE B 37 31.92 -34.99 -62.31
C ILE B 37 31.77 -35.40 -63.77
N PHE B 38 32.32 -36.55 -64.09
CA PHE B 38 32.13 -37.20 -65.40
C PHE B 38 31.42 -38.53 -65.14
N GLY B 39 30.36 -38.77 -65.87
CA GLY B 39 29.72 -40.09 -65.85
C GLY B 39 28.47 -40.04 -64.99
N PRO B 40 27.69 -41.15 -65.00
CA PRO B 40 26.37 -41.16 -64.37
C PRO B 40 26.32 -41.52 -62.86
N SER B 41 27.45 -41.90 -62.29
CA SER B 41 27.54 -42.37 -60.87
C SER B 41 26.93 -41.49 -59.78
N GLN B 42 27.27 -40.22 -59.80
CA GLN B 42 26.79 -39.27 -58.79
C GLN B 42 25.28 -39.15 -58.90
N TRP B 43 24.83 -38.98 -60.12
CA TRP B 43 23.40 -38.73 -60.41
C TRP B 43 22.54 -39.94 -60.04
N ASP B 44 23.04 -41.10 -60.39
CA ASP B 44 22.39 -42.37 -60.00
C ASP B 44 22.26 -42.45 -58.46
N ALA B 45 23.34 -42.12 -57.77
CA ALA B 45 23.37 -42.07 -56.28
C ALA B 45 22.34 -41.12 -55.69
N PHE B 46 22.24 -39.95 -56.29
CA PHE B 46 21.25 -38.93 -55.86
C PHE B 46 19.84 -39.51 -55.97
N LEU B 47 19.60 -40.29 -57.01
CA LEU B 47 18.27 -40.90 -57.24
C LEU B 47 18.02 -42.07 -56.26
N VAL B 48 19.00 -42.94 -56.16
CA VAL B 48 18.93 -44.10 -55.23
C VAL B 48 18.65 -43.63 -53.78
N GLN B 49 19.31 -42.55 -53.39
CA GLN B 49 19.17 -41.96 -52.04
C GLN B 49 17.70 -41.72 -51.65
N ILE B 50 16.89 -41.27 -52.60
CA ILE B 50 15.43 -41.07 -52.35
C ILE B 50 14.59 -42.33 -52.67
N GLU B 51 14.90 -42.96 -53.80
CA GLU B 51 14.24 -44.23 -54.23
C GLU B 51 14.23 -45.30 -53.15
N GLN B 52 15.39 -45.54 -52.53
CA GLN B 52 15.52 -46.60 -51.50
C GLN B 52 14.70 -46.26 -50.23
N LEU B 53 14.44 -44.99 -50.06
CA LEU B 53 13.76 -44.49 -48.88
C LEU B 53 12.22 -44.61 -49.00
N ILE B 54 11.70 -44.23 -50.16
CA ILE B 54 10.24 -44.37 -50.48
C ILE B 54 9.91 -45.75 -51.06
N ASN B 55 10.96 -46.54 -51.26
CA ASN B 55 10.85 -47.92 -51.78
C ASN B 55 10.19 -47.98 -53.17
N GLN B 56 10.65 -47.11 -54.05
CA GLN B 56 10.13 -47.04 -55.44
C GLN B 56 11.16 -46.53 -56.43
N ARG B 57 11.47 -47.36 -57.43
CA ARG B 57 12.40 -46.97 -58.52
C ARG B 57 11.67 -46.15 -59.56
N ILE B 58 12.34 -45.09 -60.04
CA ILE B 58 11.83 -44.26 -61.15
C ILE B 58 11.75 -45.16 -62.39
N GLU B 59 10.63 -45.06 -63.09
CA GLU B 59 10.42 -45.78 -64.39
C GLU B 59 11.68 -45.64 -65.23
N GLU B 60 12.13 -46.76 -65.74
CA GLU B 60 13.50 -46.90 -66.33
C GLU B 60 13.86 -45.91 -67.44
N PHE B 61 12.90 -45.64 -68.32
CA PHE B 61 13.15 -44.71 -69.44
C PHE B 61 13.36 -43.28 -68.90
N ALA B 62 12.43 -42.84 -68.07
CA ALA B 62 12.45 -41.48 -67.46
C ALA B 62 13.71 -41.29 -66.61
N ARG B 63 14.11 -42.38 -66.00
CA ARG B 63 15.28 -42.43 -65.11
C ARG B 63 16.56 -42.19 -65.91
N ASN B 64 16.70 -42.95 -66.98
CA ASN B 64 17.85 -42.80 -67.91
C ASN B 64 17.89 -41.43 -68.62
N GLN B 65 16.70 -40.92 -68.93
CA GLN B 65 16.55 -39.61 -69.59
C GLN B 65 17.06 -38.51 -68.68
N ALA B 66 16.70 -38.61 -67.42
CA ALA B 66 17.08 -37.59 -66.40
C ALA B 66 18.60 -37.63 -66.14
N ILE B 67 19.11 -38.84 -65.94
CA ILE B 67 20.55 -39.05 -65.68
C ILE B 67 21.38 -38.53 -66.87
N SER B 68 20.99 -38.97 -68.04
CA SER B 68 21.61 -38.55 -69.31
C SER B 68 21.64 -37.03 -69.46
N ARG B 69 20.53 -36.40 -69.13
CA ARG B 69 20.42 -34.93 -69.21
C ARG B 69 21.34 -34.20 -68.21
N LEU B 70 21.44 -34.75 -67.01
CA LEU B 70 22.31 -34.21 -65.96
C LEU B 70 23.78 -34.29 -66.36
N GLU B 71 24.13 -35.38 -67.03
CA GLU B 71 25.47 -35.54 -67.64
C GLU B 71 25.77 -34.40 -68.65
N GLY B 72 24.76 -34.12 -69.46
CA GLY B 72 24.83 -33.04 -70.48
C GLY B 72 25.04 -31.65 -69.88
N LEU B 73 24.26 -31.40 -68.84
CA LEU B 73 24.31 -30.10 -68.12
C LEU B 73 25.67 -29.92 -67.45
N SER B 74 26.20 -31.04 -66.98
CA SER B 74 27.51 -31.03 -66.34
C SER B 74 28.61 -30.59 -67.32
N ASN B 75 28.61 -31.21 -68.51
CA ASN B 75 29.62 -30.87 -69.58
C ASN B 75 29.50 -29.41 -69.99
N LEU B 76 28.26 -29.02 -70.19
CA LEU B 76 27.92 -27.67 -70.65
C LEU B 76 28.30 -26.59 -69.59
N TYR B 77 28.06 -26.91 -68.34
CA TYR B 77 28.34 -25.94 -67.25
C TYR B 77 29.84 -25.83 -66.99
N GLN B 78 30.56 -26.91 -67.23
CA GLN B 78 32.03 -26.90 -67.12
C GLN B 78 32.65 -25.92 -68.12
N ILE B 79 32.10 -25.95 -69.34
CA ILE B 79 32.49 -25.03 -70.43
C ILE B 79 32.13 -23.58 -70.08
N TYR B 80 30.91 -23.40 -69.61
CA TYR B 80 30.39 -22.09 -69.16
C TYR B 80 31.29 -21.50 -68.07
N ALA B 81 31.65 -22.35 -67.13
CA ALA B 81 32.51 -21.94 -65.98
C ALA B 81 33.89 -21.45 -66.40
N GLU B 82 34.50 -22.17 -67.32
CA GLU B 82 35.84 -21.80 -67.81
C GLU B 82 35.79 -20.51 -68.63
N SER B 83 34.75 -20.37 -69.44
CA SER B 83 34.52 -19.13 -70.21
C SER B 83 34.38 -17.95 -69.26
N PHE B 84 33.68 -18.17 -68.17
CA PHE B 84 33.51 -17.13 -67.13
C PHE B 84 34.85 -16.73 -66.54
N ARG B 85 35.61 -17.73 -66.14
CA ARG B 85 36.95 -17.53 -65.53
C ARG B 85 37.88 -16.75 -66.47
N GLU B 86 37.89 -17.19 -67.72
CA GLU B 86 38.72 -16.59 -68.76
C GLU B 86 38.28 -15.16 -69.05
N TRP B 87 36.97 -14.96 -69.13
CA TRP B 87 36.37 -13.61 -69.24
C TRP B 87 36.81 -12.69 -68.09
N GLU B 88 36.72 -13.20 -66.87
CA GLU B 88 37.02 -12.37 -65.66
C GLU B 88 38.50 -11.92 -65.64
N ALA B 89 39.34 -12.80 -66.19
CA ALA B 89 40.80 -12.61 -66.31
C ALA B 89 41.15 -11.55 -67.34
N ASP B 90 40.21 -11.31 -68.26
CA ASP B 90 40.42 -10.36 -69.37
C ASP B 90 39.08 -9.74 -69.83
N PRO B 91 38.44 -8.90 -68.98
CA PRO B 91 37.04 -8.51 -69.18
C PRO B 91 36.75 -7.62 -70.38
N THR B 92 37.77 -6.93 -70.87
CA THR B 92 37.62 -6.00 -72.03
C THR B 92 37.70 -6.67 -73.39
N ASN B 93 38.30 -7.85 -73.41
CA ASN B 93 38.40 -8.68 -74.62
C ASN B 93 37.03 -8.97 -75.28
N PRO B 94 36.79 -8.38 -76.47
CA PRO B 94 35.50 -8.52 -77.16
C PRO B 94 35.13 -9.96 -77.55
N ALA B 95 36.15 -10.76 -77.80
CA ALA B 95 35.93 -12.18 -78.15
C ALA B 95 35.40 -12.99 -76.96
N LEU B 96 36.04 -12.78 -75.82
CA LEU B 96 35.65 -13.44 -74.56
C LEU B 96 34.25 -12.98 -74.09
N ARG B 97 33.97 -11.71 -74.31
CA ARG B 97 32.65 -11.12 -74.02
C ARG B 97 31.56 -11.78 -74.85
N GLU B 98 31.88 -11.99 -76.12
CA GLU B 98 30.94 -12.64 -77.06
C GLU B 98 30.74 -14.12 -76.71
N GLU B 99 31.84 -14.75 -76.33
CA GLU B 99 31.83 -16.15 -75.90
C GLU B 99 30.93 -16.37 -74.67
N MET B 100 31.04 -15.45 -73.72
CA MET B 100 30.18 -15.47 -72.49
C MET B 100 28.71 -15.39 -72.82
N ARG B 101 28.40 -14.47 -73.72
CA ARG B 101 27.02 -14.24 -74.19
C ARG B 101 26.44 -15.51 -74.82
N ILE B 102 27.24 -16.15 -75.67
CA ILE B 102 26.83 -17.42 -76.31
C ILE B 102 26.68 -18.54 -75.26
N GLN B 103 27.66 -18.65 -74.38
CA GLN B 103 27.66 -19.67 -73.31
C GLN B 103 26.46 -19.50 -72.37
N PHE B 104 26.18 -18.27 -71.99
CA PHE B 104 25.01 -17.99 -71.14
C PHE B 104 23.71 -18.45 -71.80
N ASN B 105 23.55 -18.10 -73.06
CA ASN B 105 22.32 -18.45 -73.81
C ASN B 105 22.15 -19.96 -73.90
N ASP B 106 23.23 -20.66 -74.21
CA ASP B 106 23.20 -22.14 -74.31
C ASP B 106 22.85 -22.79 -72.97
N MET B 107 23.47 -22.26 -71.93
CA MET B 107 23.30 -22.74 -70.54
C MET B 107 21.87 -22.50 -70.09
N ASN B 108 21.39 -21.30 -70.34
CA ASN B 108 20.00 -20.88 -69.97
C ASN B 108 18.92 -21.70 -70.69
N SER B 109 19.18 -21.89 -71.96
CA SER B 109 18.24 -22.60 -72.84
C SER B 109 18.18 -24.11 -72.52
N ALA B 110 19.36 -24.69 -72.31
CA ALA B 110 19.50 -26.14 -71.92
C ALA B 110 18.82 -26.44 -70.57
N LEU B 111 18.96 -25.50 -69.64
CA LEU B 111 18.39 -25.67 -68.28
C LEU B 111 16.87 -25.61 -68.32
N THR B 112 16.38 -24.65 -69.08
CA THR B 112 14.93 -24.45 -69.31
C THR B 112 14.28 -25.69 -69.96
N THR B 113 14.99 -26.29 -70.90
CA THR B 113 14.53 -27.56 -71.53
C THR B 113 14.64 -28.77 -70.60
N ALA B 114 15.74 -28.83 -69.85
CA ALA B 114 16.06 -30.01 -68.99
C ALA B 114 15.13 -30.15 -67.79
N ILE B 115 14.73 -29.02 -67.24
CA ILE B 115 14.07 -29.04 -65.91
C ILE B 115 12.78 -29.88 -65.87
N PRO B 116 11.87 -29.76 -66.86
CA PRO B 116 10.64 -30.56 -66.79
C PRO B 116 10.88 -32.07 -66.76
N LEU B 117 12.05 -32.46 -67.23
CA LEU B 117 12.42 -33.89 -67.24
C LEU B 117 12.80 -34.40 -65.86
N PHE B 118 13.01 -33.45 -64.97
CA PHE B 118 13.24 -33.74 -63.52
C PHE B 118 11.96 -33.53 -62.68
N ALA B 119 10.85 -33.39 -63.41
CA ALA B 119 9.50 -33.24 -62.81
C ALA B 119 8.47 -34.20 -63.48
N VAL B 120 8.95 -35.36 -63.88
CA VAL B 120 8.14 -36.37 -64.59
C VAL B 120 6.99 -36.87 -63.71
N GLN B 121 5.81 -36.87 -64.31
CA GLN B 121 4.55 -37.32 -63.65
C GLN B 121 4.71 -38.64 -62.93
N ASN B 122 4.23 -38.65 -61.68
CA ASN B 122 4.31 -39.83 -60.74
C ASN B 122 5.71 -40.15 -60.23
N TYR B 123 6.67 -39.33 -60.61
CA TYR B 123 8.07 -39.51 -60.14
C TYR B 123 8.72 -38.24 -59.64
N GLN B 124 7.88 -37.30 -59.23
CA GLN B 124 8.37 -35.99 -58.77
C GLN B 124 9.23 -36.10 -57.51
N VAL B 125 8.85 -37.00 -56.62
CA VAL B 125 9.53 -37.17 -55.31
C VAL B 125 10.95 -37.70 -55.49
N PRO B 126 11.14 -38.84 -56.18
CA PRO B 126 12.51 -39.39 -56.25
C PRO B 126 13.47 -38.58 -57.13
N LEU B 127 12.88 -37.69 -57.93
CA LEU B 127 13.63 -36.77 -58.82
C LEU B 127 13.89 -35.39 -58.18
N LEU B 128 13.39 -35.23 -56.96
CA LEU B 128 13.36 -33.92 -56.28
C LEU B 128 14.75 -33.37 -56.00
N SER B 129 15.68 -34.25 -55.66
CA SER B 129 17.03 -33.81 -55.25
C SER B 129 17.81 -33.27 -56.45
N VAL B 130 17.63 -33.93 -57.58
CA VAL B 130 18.30 -33.54 -58.84
C VAL B 130 17.64 -32.33 -59.45
N TYR B 131 16.34 -32.25 -59.26
CA TYR B 131 15.55 -31.08 -59.66
C TYR B 131 16.11 -29.80 -58.99
N VAL B 132 16.24 -29.87 -57.68
CA VAL B 132 16.73 -28.74 -56.86
C VAL B 132 18.16 -28.33 -57.27
N GLN B 133 19.00 -29.31 -57.54
CA GLN B 133 20.38 -29.06 -58.02
C GLN B 133 20.39 -28.27 -59.33
N ALA B 134 19.56 -28.73 -60.27
CA ALA B 134 19.39 -28.11 -61.58
C ALA B 134 18.78 -26.70 -61.46
N ALA B 135 17.78 -26.60 -60.60
CA ALA B 135 17.11 -25.32 -60.31
C ALA B 135 18.11 -24.31 -59.72
N ASN B 136 18.91 -24.79 -58.79
CA ASN B 136 19.97 -23.99 -58.18
C ASN B 136 20.92 -23.43 -59.22
N LEU B 137 21.33 -24.30 -60.13
CA LEU B 137 22.28 -23.93 -61.20
C LEU B 137 21.65 -22.87 -62.13
N HIS B 138 20.40 -23.10 -62.46
CA HIS B 138 19.66 -22.19 -63.34
C HIS B 138 19.55 -20.80 -62.74
N LEU B 139 19.14 -20.73 -61.49
CA LEU B 139 19.04 -19.43 -60.75
C LEU B 139 20.39 -18.72 -60.67
N SER B 140 21.40 -19.54 -60.50
CA SER B 140 22.79 -19.08 -60.45
C SER B 140 23.22 -18.37 -61.72
N VAL B 141 22.94 -19.05 -62.81
CA VAL B 141 23.29 -18.56 -64.15
C VAL B 141 22.48 -17.30 -64.48
N LEU B 142 21.23 -17.27 -64.05
CA LEU B 142 20.35 -16.06 -64.26
C LEU B 142 20.85 -14.87 -63.42
N ARG B 143 21.36 -15.19 -62.25
CA ARG B 143 22.00 -14.19 -61.38
C ARG B 143 23.26 -13.61 -62.04
N ASP B 144 24.01 -14.49 -62.68
CA ASP B 144 25.26 -14.11 -63.35
C ASP B 144 25.04 -13.07 -64.45
N VAL B 145 24.01 -13.29 -65.26
CA VAL B 145 23.70 -12.39 -66.37
C VAL B 145 23.17 -11.04 -65.84
N SER B 146 22.45 -11.12 -64.75
CA SER B 146 21.93 -9.91 -64.05
C SER B 146 23.06 -9.02 -63.53
N VAL B 147 24.07 -9.64 -62.96
CA VAL B 147 25.22 -8.88 -62.41
C VAL B 147 26.24 -8.43 -63.47
N PHE B 148 26.48 -9.31 -64.42
CA PHE B 148 27.64 -9.14 -65.37
C PHE B 148 27.23 -8.93 -66.82
N GLY B 149 25.95 -9.16 -67.09
CA GLY B 149 25.40 -9.12 -68.46
C GLY B 149 25.70 -7.87 -69.25
N GLN B 150 25.74 -6.74 -68.54
CA GLN B 150 26.08 -5.45 -69.18
C GLN B 150 27.52 -5.46 -69.65
N ARG B 151 28.41 -5.79 -68.73
CA ARG B 151 29.85 -5.94 -69.04
C ARG B 151 30.13 -6.98 -70.15
N TRP B 152 29.28 -7.98 -70.25
CA TRP B 152 29.38 -8.98 -71.35
C TRP B 152 28.97 -8.43 -72.70
N GLY B 153 28.12 -7.42 -72.65
CA GLY B 153 27.61 -6.74 -73.86
C GLY B 153 26.17 -6.96 -74.23
N PHE B 154 25.39 -7.49 -73.31
CA PHE B 154 23.93 -7.58 -73.49
C PHE B 154 23.31 -6.18 -73.33
N ASP B 155 22.22 -5.94 -74.06
CA ASP B 155 21.44 -4.68 -73.93
C ASP B 155 20.57 -4.70 -72.67
N ALA B 156 20.20 -3.50 -72.24
CA ALA B 156 19.42 -3.31 -70.99
C ALA B 156 18.07 -4.06 -70.99
N ALA B 157 17.50 -4.19 -72.17
CA ALA B 157 16.18 -4.87 -72.33
C ALA B 157 16.29 -6.36 -72.09
N THR B 158 17.37 -6.93 -72.58
CA THR B 158 17.60 -8.38 -72.43
C THR B 158 17.93 -8.71 -70.96
N ILE B 159 18.74 -7.86 -70.35
CA ILE B 159 19.15 -8.01 -68.93
C ILE B 159 17.90 -8.00 -68.01
N ASN B 160 17.03 -7.03 -68.26
CA ASN B 160 15.81 -6.83 -67.43
C ASN B 160 14.82 -7.97 -67.58
N SER B 161 14.75 -8.47 -68.79
CA SER B 161 13.93 -9.64 -69.11
C SER B 161 14.45 -10.92 -68.39
N ARG B 162 15.77 -11.07 -68.36
CA ARG B 162 16.41 -12.22 -67.68
C ARG B 162 16.30 -12.11 -66.16
N TYR B 163 16.36 -10.89 -65.68
CA TYR B 163 16.18 -10.63 -64.23
C TYR B 163 14.75 -10.96 -63.78
N ASN B 164 13.78 -10.61 -64.61
CA ASN B 164 12.37 -10.99 -64.35
C ASN B 164 12.16 -12.51 -64.35
N ASP B 165 12.88 -13.20 -65.23
CA ASP B 165 12.98 -14.66 -65.18
C ASP B 165 13.51 -15.12 -63.80
N LEU B 166 14.58 -14.46 -63.36
CA LEU B 166 15.26 -14.81 -62.11
C LEU B 166 14.30 -14.76 -60.91
N THR B 167 13.61 -13.63 -60.78
CA THR B 167 12.73 -13.38 -59.62
C THR B 167 11.52 -14.32 -59.65
N ARG B 168 11.01 -14.57 -60.83
CA ARG B 168 9.85 -15.46 -61.00
C ARG B 168 10.23 -16.90 -60.65
N LEU B 169 11.39 -17.31 -61.14
CA LEU B 169 11.83 -18.71 -60.98
C LEU B 169 12.35 -19.01 -59.55
N ILE B 170 12.89 -18.00 -58.89
CA ILE B 170 13.16 -18.12 -57.44
C ILE B 170 11.88 -18.65 -56.78
N GLY B 171 10.77 -18.05 -57.13
CA GLY B 171 9.43 -18.41 -56.61
C GLY B 171 8.95 -19.78 -57.03
N ASN B 172 8.97 -20.02 -58.32
CA ASN B 172 8.44 -21.28 -58.92
C ASN B 172 9.20 -22.54 -58.45
N TYR B 173 10.52 -22.45 -58.44
CA TYR B 173 11.35 -23.59 -58.03
C TYR B 173 11.16 -23.90 -56.54
N THR B 174 11.13 -22.85 -55.76
CA THR B 174 10.86 -22.94 -54.31
C THR B 174 9.54 -23.65 -54.03
N ASP B 175 8.47 -23.14 -54.64
CA ASP B 175 7.09 -23.66 -54.42
C ASP B 175 6.96 -25.11 -54.84
N TYR B 176 7.58 -25.42 -55.96
CA TYR B 176 7.58 -26.79 -56.50
C TYR B 176 8.25 -27.75 -55.51
N ALA B 177 9.47 -27.38 -55.12
CA ALA B 177 10.28 -28.21 -54.20
C ALA B 177 9.59 -28.46 -52.86
N VAL B 178 9.06 -27.39 -52.26
CA VAL B 178 8.33 -27.49 -50.96
C VAL B 178 7.05 -28.35 -51.06
N ARG B 179 6.30 -28.14 -52.15
CA ARG B 179 5.08 -28.93 -52.43
C ARG B 179 5.40 -30.44 -52.42
N TRP B 180 6.41 -30.79 -53.17
CA TRP B 180 6.75 -32.21 -53.35
C TRP B 180 7.49 -32.78 -52.17
N TYR B 181 8.14 -31.90 -51.43
CA TYR B 181 8.69 -32.28 -50.13
C TYR B 181 7.54 -32.72 -49.23
N ASN B 182 6.53 -31.87 -49.15
CA ASN B 182 5.35 -32.13 -48.27
C ASN B 182 4.62 -33.42 -48.69
N THR B 183 4.42 -33.55 -49.98
CA THR B 183 3.74 -34.73 -50.56
C THR B 183 4.50 -36.01 -50.27
N GLY B 184 5.79 -36.00 -50.57
CA GLY B 184 6.66 -37.16 -50.28
C GLY B 184 6.68 -37.55 -48.80
N LEU B 185 6.77 -36.54 -47.95
CA LEU B 185 6.84 -36.76 -46.50
C LEU B 185 5.58 -37.42 -45.97
N GLU B 186 4.47 -36.89 -46.42
CA GLU B 186 3.14 -37.33 -46.02
C GLU B 186 2.87 -38.78 -46.38
N ARG B 187 3.27 -39.17 -47.57
CA ARG B 187 3.11 -40.58 -48.05
C ARG B 187 3.88 -41.58 -47.22
N VAL B 188 4.95 -41.11 -46.59
CA VAL B 188 5.87 -41.99 -45.81
C VAL B 188 5.41 -42.17 -44.34
N TRP B 189 4.41 -41.38 -43.95
CA TRP B 189 3.82 -41.50 -42.61
C TRP B 189 3.11 -42.84 -42.40
N GLY B 190 3.22 -43.35 -41.18
CA GLY B 190 2.56 -44.61 -40.81
C GLY B 190 2.30 -44.67 -39.31
N PRO B 191 1.48 -45.64 -38.85
CA PRO B 191 1.07 -45.64 -37.45
C PRO B 191 2.11 -46.12 -36.43
N ASP B 192 3.05 -46.93 -36.89
CA ASP B 192 4.02 -47.58 -35.98
C ASP B 192 5.41 -46.91 -35.91
N SER B 193 6.21 -47.38 -34.98
CA SER B 193 7.53 -46.79 -34.73
C SER B 193 8.47 -47.01 -35.93
N ARG B 194 8.30 -48.12 -36.62
CA ARG B 194 9.15 -48.38 -37.82
C ARG B 194 8.81 -47.33 -38.90
N ASP B 195 7.54 -46.98 -38.96
CA ASP B 195 7.06 -45.96 -39.89
C ASP B 195 7.62 -44.60 -39.53
N TRP B 196 7.58 -44.29 -38.26
CA TRP B 196 8.11 -42.99 -37.77
C TRP B 196 9.60 -42.82 -38.10
N VAL B 197 10.35 -43.88 -37.88
CA VAL B 197 11.80 -43.88 -38.22
C VAL B 197 12.05 -43.48 -39.68
N ARG B 198 11.29 -44.12 -40.57
CA ARG B 198 11.34 -43.88 -42.03
C ARG B 198 10.87 -42.46 -42.37
N TYR B 199 9.78 -42.06 -41.74
CA TYR B 199 9.22 -40.70 -41.87
C TYR B 199 10.23 -39.62 -41.45
N ASN B 200 10.80 -39.79 -40.27
CA ASN B 200 11.84 -38.88 -39.77
C ASN B 200 13.12 -38.89 -40.60
N GLN B 201 13.50 -40.07 -41.06
CA GLN B 201 14.65 -40.21 -41.97
C GLN B 201 14.44 -39.39 -43.27
N PHE B 202 13.24 -39.49 -43.82
CA PHE B 202 12.85 -38.68 -44.99
C PHE B 202 12.98 -37.19 -44.68
N ARG B 203 12.37 -36.78 -43.58
CA ARG B 203 12.41 -35.38 -43.15
C ARG B 203 13.86 -34.88 -43.06
N ARG B 204 14.65 -35.69 -42.39
CA ARG B 204 16.05 -35.40 -42.14
C ARG B 204 16.85 -35.26 -43.44
N GLU B 205 16.85 -36.34 -44.21
CA GLU B 205 17.65 -36.42 -45.46
C GLU B 205 17.26 -35.40 -46.51
N LEU B 206 15.96 -35.18 -46.64
CA LEU B 206 15.47 -34.17 -47.61
C LEU B 206 15.56 -32.74 -47.11
N THR B 207 15.66 -32.57 -45.81
CA THR B 207 16.02 -31.25 -45.25
C THR B 207 17.43 -30.92 -45.72
N LEU B 208 18.31 -31.89 -45.57
CA LEU B 208 19.74 -31.71 -45.89
C LEU B 208 20.04 -31.62 -47.39
N THR B 209 19.29 -32.37 -48.18
CA THR B 209 19.51 -32.41 -49.65
C THR B 209 18.56 -31.55 -50.51
N VAL B 210 17.48 -31.03 -49.92
CA VAL B 210 16.53 -30.16 -50.69
C VAL B 210 16.26 -28.83 -50.00
N LEU B 211 15.61 -28.90 -48.84
CA LEU B 211 15.13 -27.70 -48.10
C LEU B 211 16.23 -26.70 -47.75
N ASP B 212 17.36 -27.22 -47.35
CA ASP B 212 18.51 -26.39 -46.95
C ASP B 212 19.00 -25.52 -48.11
N ILE B 213 18.99 -26.13 -49.28
CA ILE B 213 19.44 -25.44 -50.52
C ILE B 213 18.40 -24.41 -50.97
N VAL B 214 17.16 -24.85 -50.99
CA VAL B 214 16.00 -23.99 -51.34
C VAL B 214 15.91 -22.73 -50.48
N ALA B 215 16.29 -22.87 -49.21
CA ALA B 215 16.26 -21.74 -48.25
C ALA B 215 17.19 -20.62 -48.64
N LEU B 216 18.13 -20.92 -49.51
CA LEU B 216 19.14 -19.92 -49.95
C LEU B 216 18.83 -19.30 -51.32
N PHE B 217 17.77 -19.80 -51.96
CA PHE B 217 17.33 -19.28 -53.28
C PHE B 217 17.09 -17.75 -53.34
N PRO B 218 16.43 -17.17 -52.32
CA PRO B 218 16.22 -15.73 -52.31
C PRO B 218 17.50 -14.94 -52.44
N ASN B 219 18.58 -15.51 -51.95
CA ASN B 219 19.92 -14.85 -52.02
C ASN B 219 20.40 -14.53 -53.44
N TYR B 220 19.87 -15.29 -54.40
CA TYR B 220 20.18 -15.09 -55.84
C TYR B 220 19.61 -13.80 -56.43
N ASP B 221 18.71 -13.14 -55.72
CA ASP B 221 18.21 -11.83 -56.17
C ASP B 221 19.29 -10.74 -56.00
N SER B 222 20.01 -10.50 -57.09
CA SER B 222 21.16 -9.58 -57.07
C SER B 222 20.84 -8.15 -56.71
N ARG B 223 19.63 -7.72 -57.04
CA ARG B 223 19.19 -6.33 -56.72
C ARG B 223 18.96 -6.23 -55.25
N ARG B 224 18.45 -7.33 -54.71
CA ARG B 224 18.18 -7.47 -53.27
C ARG B 224 19.48 -7.69 -52.48
N TYR B 225 20.40 -8.46 -53.05
CA TYR B 225 21.68 -8.80 -52.40
C TYR B 225 22.89 -8.49 -53.30
N PRO B 226 23.20 -7.19 -53.50
CA PRO B 226 24.25 -6.81 -54.44
C PRO B 226 25.69 -7.14 -53.98
N ILE B 227 25.85 -7.36 -52.69
CA ILE B 227 27.14 -7.83 -52.15
C ILE B 227 26.94 -9.19 -51.48
N ARG B 228 28.03 -9.77 -51.00
CA ARG B 228 28.01 -11.02 -50.23
C ARG B 228 26.93 -11.00 -49.10
N THR B 229 26.18 -12.09 -49.01
CA THR B 229 25.13 -12.22 -47.96
C THR B 229 25.25 -13.60 -47.22
N VAL B 230 25.17 -13.51 -45.89
CA VAL B 230 25.32 -14.68 -45.00
C VAL B 230 23.97 -15.08 -44.36
N SER B 231 23.43 -16.21 -44.79
CA SER B 231 22.21 -16.79 -44.21
C SER B 231 22.54 -17.65 -42.97
N GLN B 232 21.51 -17.92 -42.18
CA GLN B 232 21.60 -18.79 -40.99
C GLN B 232 20.44 -19.76 -40.96
N LEU B 233 20.76 -21.03 -40.85
CA LEU B 233 19.73 -22.07 -40.84
C LEU B 233 19.46 -22.47 -39.41
N THR B 234 18.26 -22.18 -38.93
CA THR B 234 17.92 -22.41 -37.50
C THR B 234 17.07 -23.64 -37.25
N ARG B 235 16.65 -24.27 -38.32
CA ARG B 235 15.81 -25.50 -38.19
C ARG B 235 16.52 -26.60 -37.42
N GLU B 236 15.74 -27.45 -36.78
CA GLU B 236 16.28 -28.60 -36.06
C GLU B 236 15.90 -29.92 -36.70
N ILE B 237 16.87 -30.81 -36.76
CA ILE B 237 16.65 -32.19 -37.24
C ILE B 237 16.90 -33.19 -36.11
N TYR B 238 16.44 -34.41 -36.28
CA TYR B 238 16.34 -35.34 -35.14
C TYR B 238 16.95 -36.71 -35.35
N THR B 239 17.65 -37.18 -34.31
CA THR B 239 18.02 -38.60 -34.20
C THR B 239 17.46 -39.18 -32.91
N ASN B 240 17.29 -40.49 -32.91
CA ASN B 240 16.75 -41.22 -31.76
C ASN B 240 17.31 -42.65 -31.75
N PRO B 241 18.43 -42.88 -31.04
CA PRO B 241 19.13 -44.14 -31.03
C PRO B 241 18.26 -45.34 -30.65
N VAL B 242 17.51 -45.22 -29.57
CA VAL B 242 16.70 -46.38 -29.11
C VAL B 242 15.76 -46.84 -30.23
N LEU B 243 15.09 -45.88 -30.85
CA LEU B 243 14.13 -46.20 -31.94
C LEU B 243 14.80 -46.61 -33.24
N GLU B 244 15.84 -45.89 -33.58
CA GLU B 244 16.52 -46.12 -34.86
C GLU B 244 17.33 -47.41 -34.89
N ASN B 245 17.73 -47.89 -33.74
CA ASN B 245 18.50 -49.15 -33.64
C ASN B 245 17.62 -50.35 -33.29
N PHE B 246 16.33 -50.12 -33.28
CA PHE B 246 15.38 -51.17 -32.86
C PHE B 246 14.91 -51.96 -34.08
N ASP B 247 15.11 -53.27 -34.04
CA ASP B 247 14.82 -54.13 -35.21
C ASP B 247 13.32 -54.47 -35.35
N GLY B 248 12.60 -54.48 -34.23
CA GLY B 248 11.15 -54.66 -34.22
C GLY B 248 10.42 -53.36 -34.46
N SER B 249 9.12 -53.32 -34.15
CA SER B 249 8.30 -52.09 -34.34
C SER B 249 7.16 -51.93 -33.32
N PHE B 250 7.21 -50.85 -32.56
CA PHE B 250 6.17 -50.55 -31.56
C PHE B 250 4.89 -50.07 -32.26
N ARG B 251 3.85 -50.88 -32.13
CA ARG B 251 2.56 -50.63 -32.80
C ARG B 251 1.90 -49.38 -32.27
N GLY B 252 1.44 -48.55 -33.19
CA GLY B 252 0.61 -47.37 -32.89
C GLY B 252 1.32 -46.27 -32.13
N SER B 253 2.64 -46.34 -32.11
CA SER B 253 3.45 -45.36 -31.34
C SER B 253 3.84 -44.08 -32.09
N ALA B 254 3.73 -44.11 -33.40
CA ALA B 254 4.23 -43.00 -34.28
C ALA B 254 3.79 -41.59 -33.88
N GLN B 255 2.52 -41.43 -33.63
CA GLN B 255 1.98 -40.10 -33.28
C GLN B 255 2.59 -39.61 -31.97
N GLY B 256 2.68 -40.53 -31.02
CA GLY B 256 3.28 -40.24 -29.70
C GLY B 256 4.75 -39.86 -29.80
N ILE B 257 5.45 -40.56 -30.68
CA ILE B 257 6.88 -40.32 -30.93
C ILE B 257 7.07 -38.92 -31.49
N GLU B 258 6.24 -38.59 -32.46
CA GLU B 258 6.34 -37.29 -33.15
C GLU B 258 6.06 -36.13 -32.20
N ARG B 259 5.14 -36.35 -31.28
CA ARG B 259 4.78 -35.27 -30.33
C ARG B 259 5.77 -35.11 -29.17
N SER B 260 6.69 -36.05 -29.05
CA SER B 260 7.77 -35.93 -28.05
C SER B 260 8.86 -34.92 -28.51
N ILE B 261 8.76 -34.49 -29.76
CA ILE B 261 9.57 -33.37 -30.30
C ILE B 261 8.97 -32.07 -29.80
N ARG B 262 9.80 -31.12 -29.38
CA ARG B 262 9.25 -29.83 -28.86
C ARG B 262 8.69 -28.95 -29.97
N SER B 263 7.75 -28.13 -29.57
CA SER B 263 7.01 -27.30 -30.52
C SER B 263 7.83 -26.01 -30.82
N PRO B 264 7.38 -25.25 -31.81
CA PRO B 264 8.16 -24.11 -32.25
C PRO B 264 8.50 -23.17 -31.13
N HIS B 265 9.69 -22.61 -31.20
CA HIS B 265 10.25 -21.82 -30.10
C HIS B 265 11.29 -20.87 -30.61
N LEU B 266 11.61 -19.87 -29.80
CA LEU B 266 12.78 -19.05 -30.05
C LEU B 266 14.06 -19.89 -29.88
N MET B 267 15.03 -19.66 -30.73
CA MET B 267 16.29 -20.37 -30.65
C MET B 267 16.93 -20.18 -29.29
N ASP B 268 17.33 -21.28 -28.69
CA ASP B 268 18.12 -21.22 -27.46
C ASP B 268 19.46 -21.96 -27.64
N ILE B 269 20.32 -21.86 -26.63
CA ILE B 269 21.62 -22.54 -26.59
C ILE B 269 21.56 -23.55 -25.45
N LEU B 270 21.86 -24.80 -25.78
CA LEU B 270 21.87 -25.90 -24.78
C LEU B 270 23.14 -25.79 -23.93
N ASN B 271 22.92 -25.63 -22.64
CA ASN B 271 24.02 -25.47 -21.65
C ASN B 271 24.43 -26.80 -21.01
N SER B 272 23.42 -27.52 -20.52
CA SER B 272 23.66 -28.78 -19.80
C SER B 272 22.47 -29.70 -19.82
N ILE B 273 22.78 -30.97 -19.58
CA ILE B 273 21.76 -31.99 -19.44
C ILE B 273 22.10 -32.81 -18.19
N THR B 274 21.11 -32.92 -17.33
CA THR B 274 21.25 -33.67 -16.07
C THR B 274 20.45 -34.95 -16.21
N ILE B 275 21.18 -36.04 -16.26
CA ILE B 275 20.61 -37.37 -16.55
C ILE B 275 20.39 -38.16 -15.27
N TYR B 276 19.19 -38.72 -15.17
CA TYR B 276 18.81 -39.59 -14.05
C TYR B 276 18.81 -41.04 -14.47
N THR B 277 19.30 -41.84 -13.55
CA THR B 277 19.48 -43.26 -13.79
C THR B 277 18.50 -44.11 -12.96
N ASP B 278 17.81 -44.99 -13.66
CA ASP B 278 16.98 -46.02 -13.03
C ASP B 278 17.63 -47.40 -13.28
N ALA B 279 17.19 -48.41 -12.55
CA ALA B 279 17.76 -49.76 -12.68
C ALA B 279 16.69 -50.87 -12.56
N HIS B 280 16.90 -51.92 -13.31
CA HIS B 280 16.04 -53.10 -13.28
C HIS B 280 16.87 -54.35 -13.45
N ARG B 281 16.85 -55.16 -12.41
CA ARG B 281 17.57 -56.44 -12.37
C ARG B 281 19.05 -56.28 -12.70
N GLY B 282 19.63 -55.24 -12.15
CA GLY B 282 21.06 -54.94 -12.34
C GLY B 282 21.42 -54.26 -13.65
N TYR B 283 20.41 -53.96 -14.45
CA TYR B 283 20.58 -53.15 -15.69
C TYR B 283 20.26 -51.67 -15.40
N TYR B 284 21.27 -50.85 -15.50
CA TYR B 284 21.15 -49.42 -15.26
C TYR B 284 20.87 -48.66 -16.55
N TYR B 285 19.98 -47.69 -16.47
CA TYR B 285 19.62 -46.91 -17.66
C TYR B 285 19.20 -45.48 -17.43
N TRP B 286 19.32 -44.72 -18.50
CA TRP B 286 18.86 -43.33 -18.62
C TRP B 286 17.33 -43.30 -18.57
N SER B 287 16.79 -42.93 -17.43
CA SER B 287 15.33 -42.98 -17.23
C SER B 287 14.63 -41.66 -17.46
N GLY B 288 15.38 -40.59 -17.28
CA GLY B 288 14.83 -39.23 -17.40
C GLY B 288 15.98 -38.26 -17.38
N HIS B 289 15.70 -37.01 -17.69
CA HIS B 289 16.75 -35.96 -17.68
C HIS B 289 16.15 -34.57 -17.61
N GLN B 290 17.01 -33.60 -17.31
CA GLN B 290 16.59 -32.20 -17.23
C GLN B 290 17.48 -31.32 -18.09
N ILE B 291 16.84 -30.48 -18.88
CA ILE B 291 17.56 -29.58 -19.82
C ILE B 291 17.70 -28.18 -19.25
N MET B 292 18.90 -27.63 -19.34
CA MET B 292 19.13 -26.20 -19.06
C MET B 292 19.69 -25.48 -20.28
N ALA B 293 19.12 -24.33 -20.57
CA ALA B 293 19.39 -23.56 -21.79
C ALA B 293 19.44 -22.06 -21.52
N SER B 294 20.07 -21.36 -22.45
CA SER B 294 20.18 -19.88 -22.46
C SER B 294 19.59 -19.27 -23.74
N PRO B 295 19.14 -18.00 -23.68
CA PRO B 295 18.71 -17.28 -24.89
C PRO B 295 19.88 -17.03 -25.83
N VAL B 296 19.55 -16.69 -27.06
CA VAL B 296 20.60 -16.36 -28.04
C VAL B 296 21.52 -15.30 -27.45
N GLY B 297 22.82 -15.52 -27.62
CA GLY B 297 23.87 -14.59 -27.17
C GLY B 297 24.02 -14.49 -25.65
N PHE B 298 23.44 -15.47 -24.95
CA PHE B 298 23.44 -15.52 -23.47
C PHE B 298 22.93 -14.18 -22.91
N SER B 299 21.82 -13.75 -23.46
CA SER B 299 21.31 -12.38 -23.25
C SER B 299 20.18 -12.36 -22.23
N GLY B 300 20.15 -13.39 -21.41
CA GLY B 300 19.11 -13.54 -20.39
C GLY B 300 19.50 -14.66 -19.44
N PRO B 301 18.74 -14.81 -18.34
CA PRO B 301 19.11 -15.86 -17.39
C PRO B 301 18.89 -17.23 -17.99
N GLU B 302 19.67 -18.18 -17.51
CA GLU B 302 19.54 -19.59 -17.88
C GLU B 302 18.16 -20.07 -17.43
N PHE B 303 17.48 -20.83 -18.28
CA PHE B 303 16.15 -21.38 -17.91
C PHE B 303 16.13 -22.89 -17.93
N THR B 304 15.27 -23.46 -17.11
CA THR B 304 15.18 -24.92 -16.95
C THR B 304 13.85 -25.45 -17.44
N PHE B 305 13.93 -26.48 -18.25
CA PHE B 305 12.75 -27.14 -18.83
C PHE B 305 12.13 -28.14 -17.82
N PRO B 306 10.84 -28.44 -17.96
CA PRO B 306 10.25 -29.52 -17.20
C PRO B 306 10.98 -30.83 -17.41
N LEU B 307 10.93 -31.67 -16.39
CA LEU B 307 11.55 -33.01 -16.40
C LEU B 307 11.07 -33.82 -17.62
N TYR B 308 12.03 -34.41 -18.30
CA TYR B 308 11.76 -35.38 -19.37
C TYR B 308 11.92 -36.76 -18.78
N GLY B 309 10.92 -37.59 -19.02
CA GLY B 309 10.93 -38.97 -18.52
C GLY B 309 10.69 -39.03 -17.01
N THR B 310 11.32 -40.00 -16.36
CA THR B 310 11.13 -40.21 -14.91
C THR B 310 12.44 -40.11 -14.14
N MET B 311 12.35 -39.52 -12.96
CA MET B 311 13.55 -39.32 -12.10
C MET B 311 13.85 -40.59 -11.31
N GLY B 312 14.78 -41.37 -11.78
CA GLY B 312 15.25 -42.55 -11.04
C GLY B 312 16.38 -42.17 -10.10
N ASN B 313 16.59 -43.00 -9.10
CA ASN B 313 17.67 -42.77 -8.09
C ASN B 313 18.58 -43.97 -7.86
N ALA B 314 18.63 -44.82 -8.86
CA ALA B 314 19.46 -46.05 -8.80
C ALA B 314 20.94 -45.75 -8.82
N ALA B 315 21.27 -44.56 -9.25
CA ALA B 315 22.67 -44.12 -9.35
C ALA B 315 22.70 -42.61 -9.25
N PRO B 316 23.87 -42.00 -8.98
CA PRO B 316 23.81 -40.55 -8.76
C PRO B 316 23.54 -39.78 -10.06
N GLN B 317 22.80 -38.69 -9.95
CA GLN B 317 22.47 -37.84 -11.10
C GLN B 317 23.76 -37.29 -11.72
N GLN B 318 23.77 -37.17 -13.04
CA GLN B 318 24.98 -36.73 -13.75
C GLN B 318 24.70 -35.51 -14.61
N ARG B 319 25.44 -34.46 -14.32
CA ARG B 319 25.28 -33.20 -15.02
C ARG B 319 26.30 -33.19 -16.16
N ILE B 320 25.81 -33.25 -17.39
CA ILE B 320 26.64 -33.17 -18.61
C ILE B 320 26.62 -31.70 -19.10
N VAL B 321 27.78 -31.08 -19.12
CA VAL B 321 27.88 -29.68 -19.62
C VAL B 321 28.12 -29.73 -21.13
N ALA B 322 27.05 -29.37 -21.84
CA ALA B 322 27.02 -29.39 -23.33
C ALA B 322 27.79 -28.23 -23.96
N GLN B 323 27.66 -27.06 -23.34
CA GLN B 323 28.25 -25.85 -23.93
C GLN B 323 29.73 -25.65 -23.56
N LEU B 324 30.57 -26.47 -24.17
CA LEU B 324 32.03 -26.28 -24.13
C LEU B 324 32.53 -26.26 -25.55
N GLY B 325 33.53 -25.44 -25.83
CA GLY B 325 34.04 -25.27 -27.19
C GLY B 325 32.92 -24.78 -28.08
N GLN B 326 32.73 -25.47 -29.20
CA GLN B 326 31.63 -25.20 -30.12
C GLN B 326 30.32 -25.93 -29.76
N GLY B 327 30.30 -26.59 -28.61
CA GLY B 327 29.13 -27.38 -28.20
C GLY B 327 29.29 -28.84 -28.59
N VAL B 328 28.30 -29.64 -28.28
CA VAL B 328 28.33 -31.09 -28.60
C VAL B 328 28.01 -31.30 -30.09
N TYR B 329 28.94 -31.92 -30.80
CA TYR B 329 28.79 -32.13 -32.27
C TYR B 329 28.35 -33.57 -32.63
N ARG B 330 28.38 -34.44 -31.63
CA ARG B 330 28.29 -35.88 -31.87
C ARG B 330 27.88 -36.66 -30.62
N THR B 331 26.94 -37.57 -30.80
CA THR B 331 26.61 -38.56 -29.76
C THR B 331 26.89 -39.98 -30.21
N LEU B 332 27.54 -40.72 -29.33
CA LEU B 332 27.75 -42.17 -29.54
C LEU B 332 27.05 -42.94 -28.42
N SER B 333 25.92 -43.53 -28.77
CA SER B 333 25.00 -44.14 -27.76
C SER B 333 25.01 -45.66 -27.72
N SER B 334 24.86 -46.18 -26.51
CA SER B 334 24.69 -47.62 -26.28
C SER B 334 23.24 -47.92 -26.00
N THR B 335 22.64 -48.68 -26.89
CA THR B 335 21.22 -49.10 -26.73
C THR B 335 21.10 -50.39 -25.93
N LEU B 336 20.06 -50.48 -25.11
CA LEU B 336 19.76 -51.72 -24.37
C LEU B 336 18.34 -52.20 -24.61
N TYR B 337 18.24 -53.39 -25.18
CA TYR B 337 16.94 -54.08 -25.32
C TYR B 337 16.92 -55.33 -24.44
N ARG B 338 15.93 -55.43 -23.58
CA ARG B 338 15.65 -56.69 -22.86
C ARG B 338 14.36 -57.23 -23.35
N ARG B 339 14.42 -58.44 -23.88
CA ARG B 339 13.19 -59.18 -24.25
C ARG B 339 13.23 -60.59 -23.59
N PRO B 340 12.85 -60.69 -22.29
CA PRO B 340 12.83 -61.96 -21.60
C PRO B 340 11.72 -62.88 -22.10
N PHE B 341 11.91 -64.16 -21.85
CA PHE B 341 10.90 -65.17 -22.25
C PHE B 341 9.63 -65.09 -21.40
N ASN B 342 9.81 -64.82 -20.12
CA ASN B 342 8.67 -64.58 -19.23
C ASN B 342 8.70 -63.15 -18.80
N ILE B 343 7.64 -62.41 -19.09
CA ILE B 343 7.64 -60.97 -18.78
C ILE B 343 6.65 -60.63 -17.67
N GLY B 344 7.04 -59.71 -16.83
CA GLY B 344 6.16 -59.17 -15.78
C GLY B 344 6.83 -57.98 -15.12
N ILE B 345 6.15 -57.39 -14.15
CA ILE B 345 6.68 -56.20 -13.39
C ILE B 345 8.05 -56.50 -12.75
N ASN B 346 8.20 -57.77 -12.38
CA ASN B 346 9.45 -58.30 -11.84
C ASN B 346 10.52 -58.61 -12.91
N ASN B 347 10.06 -58.73 -14.15
CA ASN B 347 10.94 -59.10 -15.29
C ASN B 347 10.59 -58.40 -16.59
N GLN B 348 10.98 -57.13 -16.66
CA GLN B 348 10.46 -56.21 -17.69
C GLN B 348 11.19 -56.23 -19.04
N GLN B 349 10.42 -55.97 -20.09
CA GLN B 349 11.00 -55.57 -21.39
C GLN B 349 11.53 -54.15 -21.26
N LEU B 350 12.78 -53.99 -21.66
CA LEU B 350 13.50 -52.70 -21.65
C LEU B 350 13.94 -52.28 -23.05
N SER B 351 13.60 -51.07 -23.41
CA SER B 351 14.11 -50.42 -24.63
C SER B 351 14.61 -49.02 -24.25
N VAL B 352 15.89 -48.97 -23.92
CA VAL B 352 16.49 -47.81 -23.24
C VAL B 352 17.94 -47.54 -23.67
N LEU B 353 18.53 -46.50 -23.12
CA LEU B 353 19.98 -46.26 -23.28
C LEU B 353 20.69 -46.58 -21.97
N ASP B 354 21.77 -47.34 -22.05
CA ASP B 354 22.62 -47.65 -20.88
C ASP B 354 23.96 -46.95 -20.97
N GLY B 355 24.02 -45.99 -21.87
CA GLY B 355 25.25 -45.20 -22.05
C GLY B 355 25.15 -44.22 -23.22
N THR B 356 25.88 -43.11 -23.11
CA THR B 356 26.12 -42.20 -24.24
C THR B 356 27.38 -41.36 -24.02
N GLU B 357 28.20 -41.32 -25.06
CA GLU B 357 29.34 -40.40 -25.13
C GLU B 357 28.95 -39.14 -25.91
N PHE B 358 29.21 -37.99 -25.29
CA PHE B 358 28.89 -36.67 -25.89
C PHE B 358 30.18 -36.00 -26.29
N ALA B 359 30.46 -35.96 -27.60
CA ALA B 359 31.74 -35.39 -28.10
C ALA B 359 31.61 -33.93 -28.54
N TYR B 360 32.66 -33.16 -28.26
CA TYR B 360 32.66 -31.69 -28.45
C TYR B 360 33.34 -31.23 -29.73
N GLY B 361 32.71 -30.24 -30.34
CA GLY B 361 33.29 -29.50 -31.46
C GLY B 361 34.32 -28.57 -30.86
N THR B 362 35.50 -28.59 -31.44
CA THR B 362 36.61 -27.82 -30.91
C THR B 362 37.71 -27.70 -31.95
N SER B 363 38.29 -26.51 -32.01
CA SER B 363 39.40 -26.23 -32.95
C SER B 363 40.67 -26.96 -32.55
N SER B 364 40.66 -27.50 -31.34
CA SER B 364 41.82 -28.27 -30.83
C SER B 364 41.39 -29.66 -30.39
N ASN B 365 41.24 -29.81 -29.08
CA ASN B 365 40.82 -31.08 -28.48
C ASN B 365 40.25 -30.88 -27.09
N LEU B 366 39.27 -31.70 -26.74
CA LEU B 366 38.55 -31.55 -25.48
C LEU B 366 37.97 -32.94 -25.16
N PRO B 367 38.23 -33.47 -23.96
CA PRO B 367 37.73 -34.83 -23.68
C PRO B 367 36.20 -34.85 -23.65
N SER B 368 35.66 -35.95 -24.14
CA SER B 368 34.20 -36.14 -24.16
C SER B 368 33.61 -36.26 -22.76
N ALA B 369 32.36 -35.84 -22.65
CA ALA B 369 31.54 -36.17 -21.49
C ALA B 369 30.94 -37.57 -21.73
N VAL B 370 30.96 -38.40 -20.71
CA VAL B 370 30.46 -39.80 -20.83
C VAL B 370 29.43 -40.15 -19.73
N TYR B 371 28.22 -40.44 -20.15
CA TYR B 371 27.20 -41.04 -19.24
C TYR B 371 27.37 -42.55 -19.26
N ARG B 372 27.96 -43.05 -18.19
CA ARG B 372 28.16 -44.52 -17.96
C ARG B 372 29.16 -45.19 -18.92
N LYS B 373 28.89 -45.10 -20.21
CA LYS B 373 29.79 -45.67 -21.25
C LYS B 373 29.47 -45.17 -22.65
N SER B 374 30.42 -45.37 -23.54
CA SER B 374 30.22 -45.06 -24.96
C SER B 374 29.50 -46.23 -25.66
N GLY B 375 29.05 -45.99 -26.88
CA GLY B 375 28.30 -46.99 -27.64
C GLY B 375 28.54 -46.82 -29.12
N THR B 376 27.91 -47.67 -29.91
CA THR B 376 28.16 -47.67 -31.36
C THR B 376 27.06 -47.07 -32.24
N VAL B 377 25.96 -46.67 -31.65
CA VAL B 377 24.92 -45.96 -32.40
C VAL B 377 25.36 -44.49 -32.49
N ASP B 378 25.89 -44.14 -33.65
CA ASP B 378 26.69 -42.91 -33.89
C ASP B 378 25.92 -41.86 -34.68
N SER B 379 25.72 -40.71 -34.07
CA SER B 379 24.96 -39.62 -34.71
C SER B 379 25.62 -39.15 -36.01
N LEU B 380 26.91 -39.32 -36.09
CA LEU B 380 27.69 -38.86 -37.27
C LEU B 380 27.29 -39.62 -38.57
N ASP B 381 26.74 -40.81 -38.41
CA ASP B 381 26.16 -41.58 -39.53
C ASP B 381 24.93 -40.92 -40.11
N GLU B 382 24.24 -40.13 -39.30
CA GLU B 382 23.00 -39.47 -39.75
C GLU B 382 23.19 -37.98 -39.98
N ILE B 383 24.14 -37.44 -39.27
CA ILE B 383 24.39 -36.01 -39.22
C ILE B 383 25.89 -35.82 -39.51
N PRO B 384 26.28 -36.04 -40.77
CA PRO B 384 27.68 -36.09 -41.13
C PRO B 384 28.36 -34.71 -41.15
N PRO B 385 29.69 -34.70 -41.25
CA PRO B 385 30.43 -33.45 -41.37
C PRO B 385 30.14 -32.72 -42.66
N GLN B 386 30.23 -31.41 -42.59
CA GLN B 386 30.12 -30.57 -43.79
C GLN B 386 31.46 -30.50 -44.52
N ASN B 387 32.53 -30.78 -43.80
CA ASN B 387 33.88 -30.72 -44.37
C ASN B 387 34.67 -31.93 -43.95
N ASN B 388 34.84 -32.84 -44.88
CA ASN B 388 35.41 -34.14 -44.54
C ASN B 388 36.95 -34.17 -44.60
N ASN B 389 37.53 -33.02 -44.87
CA ASN B 389 39.01 -32.85 -44.99
C ASN B 389 39.73 -32.51 -43.71
N VAL B 390 38.98 -32.29 -42.66
CA VAL B 390 39.54 -32.09 -41.33
C VAL B 390 38.86 -33.09 -40.41
N PRO B 391 39.38 -33.29 -39.19
CA PRO B 391 38.65 -34.17 -38.26
C PRO B 391 37.21 -33.70 -37.95
N PRO B 392 36.28 -34.65 -37.73
CA PRO B 392 34.87 -34.34 -37.52
C PRO B 392 34.58 -33.30 -36.46
N ARG B 393 35.43 -33.25 -35.46
CA ARG B 393 35.25 -32.28 -34.36
C ARG B 393 35.54 -30.86 -34.82
N GLN B 394 36.18 -30.71 -35.97
CA GLN B 394 36.34 -29.36 -36.60
C GLN B 394 35.44 -29.14 -37.82
N GLY B 395 35.17 -30.21 -38.56
CA GLY B 395 34.38 -30.13 -39.81
C GLY B 395 32.91 -30.49 -39.71
N PHE B 396 32.44 -30.60 -38.48
CA PHE B 396 31.03 -30.94 -38.18
C PHE B 396 30.04 -30.00 -38.83
N SER B 397 28.81 -30.45 -38.98
CA SER B 397 27.78 -29.62 -39.65
C SER B 397 26.72 -29.06 -38.71
N HIS B 398 26.53 -29.76 -37.61
CA HIS B 398 25.46 -29.44 -36.65
C HIS B 398 25.92 -29.43 -35.21
N ARG B 399 25.07 -28.87 -34.37
CA ARG B 399 25.32 -28.76 -32.92
C ARG B 399 24.07 -29.24 -32.18
N LEU B 400 24.29 -29.95 -31.08
CA LEU B 400 23.17 -30.49 -30.27
C LEU B 400 22.44 -29.31 -29.65
N SER B 401 21.17 -29.17 -29.93
CA SER B 401 20.39 -28.01 -29.44
C SER B 401 19.40 -28.36 -28.31
N HIS B 402 19.05 -29.63 -28.22
CA HIS B 402 18.07 -30.11 -27.23
C HIS B 402 18.02 -31.63 -27.18
N VAL B 403 17.58 -32.14 -26.03
CA VAL B 403 17.25 -33.56 -25.89
C VAL B 403 15.91 -33.67 -25.22
N SER B 404 14.93 -34.18 -25.95
CA SER B 404 13.63 -34.49 -25.35
C SER B 404 13.54 -36.00 -25.17
N MET B 405 12.37 -36.53 -24.86
CA MET B 405 12.26 -38.01 -24.72
C MET B 405 10.92 -38.63 -25.08
N PHE B 406 10.96 -39.62 -25.94
CA PHE B 406 9.79 -40.49 -26.11
C PHE B 406 9.84 -41.53 -24.98
N ARG B 407 8.74 -41.62 -24.26
CA ARG B 407 8.65 -42.45 -23.03
C ARG B 407 7.36 -43.29 -22.97
N SER B 408 7.46 -44.44 -22.34
CA SER B 408 6.34 -45.36 -22.19
C SER B 408 6.60 -46.25 -20.99
N GLY B 409 5.61 -46.32 -20.12
CA GLY B 409 5.69 -47.20 -18.93
C GLY B 409 6.37 -46.61 -17.71
N PHE B 410 6.07 -47.20 -16.57
CA PHE B 410 6.66 -46.85 -15.28
C PHE B 410 7.30 -48.05 -14.60
N SER B 411 8.48 -47.85 -14.02
CA SER B 411 9.32 -48.98 -13.52
C SER B 411 8.67 -49.79 -12.41
N ASN B 412 7.79 -49.14 -11.69
CA ASN B 412 7.12 -49.74 -10.50
C ASN B 412 5.90 -50.62 -10.87
N SER B 413 5.31 -50.37 -12.03
CA SER B 413 4.02 -51.02 -12.40
C SER B 413 3.78 -51.38 -13.88
N SER B 414 4.81 -51.31 -14.69
CA SER B 414 4.70 -51.69 -16.12
C SER B 414 5.48 -52.97 -16.47
N VAL B 415 5.04 -53.64 -17.53
CA VAL B 415 5.76 -54.86 -18.03
C VAL B 415 6.84 -54.47 -19.03
N SER B 416 6.66 -53.30 -19.59
CA SER B 416 7.47 -52.81 -20.68
C SER B 416 7.86 -51.34 -20.45
N ILE B 417 9.16 -51.09 -20.58
CA ILE B 417 9.73 -49.75 -20.38
C ILE B 417 10.42 -49.27 -21.64
N ILE B 418 9.96 -48.12 -22.13
CA ILE B 418 10.61 -47.41 -23.26
C ILE B 418 11.09 -46.06 -22.74
N ARG B 419 12.38 -45.84 -22.88
CA ARG B 419 12.99 -44.50 -22.60
C ARG B 419 13.92 -44.15 -23.73
N ALA B 420 13.43 -43.32 -24.64
CA ALA B 420 14.11 -43.08 -25.94
C ALA B 420 14.39 -41.61 -26.15
N PRO B 421 15.54 -41.12 -25.63
CA PRO B 421 15.95 -39.74 -25.78
C PRO B 421 15.96 -39.31 -27.25
N MET B 422 15.31 -38.18 -27.50
CA MET B 422 15.20 -37.60 -28.85
C MET B 422 16.19 -36.44 -28.97
N PHE B 423 17.26 -36.69 -29.72
CA PHE B 423 18.33 -35.70 -29.89
C PHE B 423 18.03 -34.73 -31.02
N SER B 424 18.16 -33.46 -30.72
CA SER B 424 17.78 -32.42 -31.65
C SER B 424 19.02 -31.63 -32.09
N TRP B 425 19.16 -31.46 -33.40
CA TRP B 425 20.38 -30.91 -34.02
C TRP B 425 20.10 -29.65 -34.84
N ILE B 426 20.82 -28.59 -34.48
CA ILE B 426 20.72 -27.30 -35.17
C ILE B 426 21.97 -27.11 -36.05
N HIS B 427 21.76 -26.62 -37.26
CA HIS B 427 22.88 -26.30 -38.18
C HIS B 427 23.82 -25.32 -37.53
N ARG B 428 25.11 -25.51 -37.75
CA ARG B 428 26.15 -24.67 -37.09
C ARG B 428 26.16 -23.20 -37.53
N SER B 429 25.56 -22.93 -38.67
CA SER B 429 25.39 -21.54 -39.16
C SER B 429 24.52 -20.70 -38.22
N ALA B 430 23.74 -21.39 -37.40
CA ALA B 430 22.94 -20.74 -36.30
C ALA B 430 23.86 -20.35 -35.13
N GLU B 431 24.47 -19.19 -35.25
CA GLU B 431 25.54 -18.76 -34.32
C GLU B 431 25.02 -18.46 -32.94
N PHE B 432 25.89 -18.66 -31.95
CA PHE B 432 25.54 -18.39 -30.53
C PHE B 432 25.07 -16.97 -30.33
N ASN B 433 25.77 -16.08 -31.04
CA ASN B 433 25.47 -14.63 -31.01
C ASN B 433 24.99 -14.13 -32.37
N ASN B 434 24.23 -13.05 -32.32
CA ASN B 434 23.88 -12.27 -33.51
C ASN B 434 24.94 -11.19 -33.76
N ILE B 435 25.83 -11.49 -34.69
CA ILE B 435 27.03 -10.68 -34.96
C ILE B 435 26.91 -10.05 -36.35
N ILE B 436 26.83 -8.73 -36.38
CA ILE B 436 26.60 -7.97 -37.61
C ILE B 436 27.93 -7.71 -38.29
N ALA B 437 28.10 -8.31 -39.45
CA ALA B 437 29.33 -8.15 -40.25
C ALA B 437 29.41 -6.73 -40.79
N SER B 438 30.63 -6.31 -41.10
CA SER B 438 30.86 -4.95 -41.63
C SER B 438 31.00 -4.94 -43.16
N ASP B 439 31.29 -6.11 -43.71
CA ASP B 439 31.59 -6.25 -45.16
C ASP B 439 30.60 -7.11 -45.94
N SER B 440 29.48 -7.44 -45.30
CA SER B 440 28.45 -8.27 -45.92
C SER B 440 27.06 -8.02 -45.36
N ILE B 441 26.06 -8.47 -46.10
CA ILE B 441 24.63 -8.35 -45.69
C ILE B 441 24.27 -9.47 -44.70
N THR B 442 24.24 -9.11 -43.43
CA THR B 442 23.96 -10.08 -42.34
C THR B 442 22.47 -10.37 -42.17
N GLN B 443 22.11 -11.62 -42.34
CA GLN B 443 20.73 -12.07 -42.11
C GLN B 443 20.58 -12.63 -40.70
N ILE B 444 19.65 -12.08 -39.96
CA ILE B 444 19.33 -12.56 -38.62
C ILE B 444 17.84 -12.94 -38.57
N PRO B 445 17.54 -14.25 -38.56
CA PRO B 445 16.15 -14.69 -38.48
C PRO B 445 15.51 -14.19 -37.21
N ALA B 446 14.23 -13.85 -37.33
CA ALA B 446 13.45 -13.30 -36.20
C ALA B 446 13.40 -14.25 -34.98
N VAL B 447 13.40 -15.55 -35.25
CA VAL B 447 13.43 -16.59 -34.18
C VAL B 447 14.76 -16.59 -33.36
N LYS B 448 15.75 -15.84 -33.81
CA LYS B 448 16.97 -15.61 -32.98
C LYS B 448 16.82 -14.46 -32.00
N GLY B 449 15.58 -14.03 -31.82
CA GLY B 449 15.25 -12.99 -30.83
C GLY B 449 15.23 -13.59 -29.44
N ASN B 450 15.08 -12.72 -28.44
CA ASN B 450 15.03 -13.17 -27.01
C ASN B 450 13.80 -12.70 -26.21
N PHE B 451 12.89 -12.03 -26.90
CA PHE B 451 11.66 -11.50 -26.28
C PHE B 451 10.52 -11.35 -27.29
N LEU B 452 9.41 -12.01 -27.00
CA LEU B 452 8.20 -12.00 -27.86
C LEU B 452 6.92 -11.72 -27.06
N PHE B 453 6.23 -10.65 -27.44
CA PHE B 453 5.00 -10.19 -26.79
C PHE B 453 3.83 -10.13 -27.77
N ASN B 454 2.68 -10.61 -27.31
CA ASN B 454 1.42 -10.65 -28.12
C ASN B 454 1.72 -11.24 -29.49
N GLY B 455 2.28 -12.43 -29.45
CA GLY B 455 2.67 -13.15 -30.66
C GLY B 455 3.15 -14.55 -30.35
N SER B 456 3.35 -15.34 -31.39
CA SER B 456 3.91 -16.67 -31.20
C SER B 456 4.93 -17.07 -32.28
N VAL B 457 5.73 -18.07 -31.97
CA VAL B 457 6.66 -18.67 -32.93
C VAL B 457 5.84 -19.76 -33.63
N ILE B 458 5.88 -19.74 -34.95
CA ILE B 458 5.14 -20.72 -35.78
C ILE B 458 6.08 -21.51 -36.70
N SER B 459 5.64 -22.68 -37.10
CA SER B 459 6.43 -23.53 -38.02
C SER B 459 6.62 -22.82 -39.36
N GLY B 460 7.87 -22.78 -39.83
CA GLY B 460 8.19 -22.30 -41.21
C GLY B 460 7.52 -23.14 -42.30
N PRO B 461 7.29 -22.55 -43.46
CA PRO B 461 6.66 -23.30 -44.55
C PRO B 461 7.55 -24.37 -45.15
N GLY B 462 8.83 -24.26 -44.85
CA GLY B 462 9.83 -25.18 -45.37
C GLY B 462 10.94 -24.55 -46.20
N PHE B 463 10.75 -23.30 -46.58
CA PHE B 463 11.72 -22.62 -47.48
C PHE B 463 12.47 -21.43 -46.87
N THR B 464 12.31 -21.26 -45.58
CA THR B 464 12.95 -20.13 -44.90
C THR B 464 14.15 -20.57 -44.08
N GLY B 465 14.36 -21.88 -43.99
CA GLY B 465 15.51 -22.45 -43.24
C GLY B 465 15.34 -22.52 -41.72
N GLY B 466 14.11 -22.36 -41.29
CA GLY B 466 13.74 -22.39 -39.89
C GLY B 466 12.36 -21.83 -39.65
N ASP B 467 12.04 -21.55 -38.40
CA ASP B 467 10.68 -21.11 -38.04
C ASP B 467 10.50 -19.59 -38.11
N LEU B 468 9.28 -19.16 -37.84
CA LEU B 468 8.88 -17.75 -38.09
C LEU B 468 8.22 -17.12 -36.86
N VAL B 469 8.20 -15.80 -36.85
CA VAL B 469 7.59 -15.04 -35.75
C VAL B 469 6.28 -14.41 -36.24
N ARG B 470 5.22 -14.66 -35.50
CA ARG B 470 3.89 -14.09 -35.81
C ARG B 470 3.52 -13.07 -34.73
N LEU B 471 3.38 -11.85 -35.18
CA LEU B 471 2.93 -10.74 -34.32
C LEU B 471 1.40 -10.56 -34.48
N ASN B 472 0.70 -10.66 -33.37
CA ASN B 472 -0.78 -10.47 -33.37
C ASN B 472 -1.17 -9.01 -33.49
N SER B 473 -2.43 -8.80 -33.81
CA SER B 473 -3.05 -7.46 -33.79
C SER B 473 -3.18 -6.98 -32.36
N SER B 474 -3.21 -5.67 -32.21
CA SER B 474 -3.30 -5.01 -30.87
C SER B 474 -4.72 -5.04 -30.26
N GLY B 475 -5.72 -5.13 -31.11
CA GLY B 475 -7.13 -4.93 -30.71
C GLY B 475 -7.39 -3.46 -30.41
N ASN B 476 -6.72 -2.63 -31.20
CA ASN B 476 -6.74 -1.14 -31.04
C ASN B 476 -6.28 -0.68 -29.63
N ASN B 477 -5.31 -1.40 -29.09
CA ASN B 477 -4.68 -1.10 -27.80
C ASN B 477 -3.24 -0.68 -28.06
N ILE B 478 -2.91 0.53 -27.68
CA ILE B 478 -1.54 1.05 -27.91
C ILE B 478 -0.48 0.38 -27.02
N GLN B 479 -0.93 -0.29 -25.98
CA GLN B 479 -0.03 -1.02 -25.06
C GLN B 479 0.03 -2.54 -25.27
N ASN B 480 -0.87 -3.04 -26.12
CA ASN B 480 -0.94 -4.49 -26.46
C ASN B 480 -0.42 -4.81 -27.88
N ARG B 481 0.51 -3.98 -28.32
CA ARG B 481 1.11 -4.16 -29.63
C ARG B 481 2.06 -5.36 -29.66
N GLY B 482 1.88 -6.20 -30.67
CA GLY B 482 2.77 -7.35 -30.92
C GLY B 482 4.21 -6.91 -31.18
N TYR B 483 5.14 -7.52 -30.47
CA TYR B 483 6.55 -7.08 -30.48
C TYR B 483 7.53 -8.26 -30.40
N ILE B 484 8.52 -8.20 -31.28
CA ILE B 484 9.69 -9.11 -31.26
C ILE B 484 11.00 -8.32 -31.16
N GLU B 485 11.81 -8.66 -30.17
CA GLU B 485 13.10 -7.99 -29.92
C GLU B 485 14.28 -8.95 -30.06
N VAL B 486 15.30 -8.48 -30.76
CA VAL B 486 16.49 -9.30 -31.09
C VAL B 486 17.77 -8.64 -30.57
N PRO B 487 18.56 -9.36 -29.75
CA PRO B 487 19.84 -8.83 -29.30
C PRO B 487 20.89 -8.97 -30.37
N ILE B 488 21.66 -7.92 -30.55
CA ILE B 488 22.66 -7.86 -31.64
C ILE B 488 23.99 -7.28 -31.15
N HIS B 489 25.04 -7.65 -31.87
CA HIS B 489 26.39 -7.20 -31.54
C HIS B 489 27.13 -6.66 -32.76
N PHE B 490 27.74 -5.51 -32.57
CA PHE B 490 28.53 -4.84 -33.64
C PHE B 490 30.04 -4.81 -33.39
N PRO B 491 30.80 -5.66 -34.08
CA PRO B 491 32.25 -5.58 -33.96
C PRO B 491 32.86 -4.31 -34.54
N SER B 492 32.19 -3.77 -35.55
CA SER B 492 32.56 -2.45 -36.10
C SER B 492 31.56 -1.35 -35.68
N THR B 493 32.09 -0.37 -34.98
CA THR B 493 31.25 0.72 -34.39
C THR B 493 31.12 1.94 -35.29
N SER B 494 31.85 1.92 -36.40
CA SER B 494 31.84 3.07 -37.32
C SER B 494 31.01 2.83 -38.59
N THR B 495 30.78 1.55 -38.91
CA THR B 495 30.02 1.16 -40.11
C THR B 495 28.55 1.59 -39.99
N ARG B 496 28.04 2.16 -41.07
CA ARG B 496 26.63 2.61 -41.13
C ARG B 496 25.78 1.51 -41.76
N TYR B 497 24.63 1.27 -41.17
CA TYR B 497 23.75 0.16 -41.59
C TYR B 497 22.33 0.58 -41.86
N ARG B 498 21.85 0.19 -43.02
CA ARG B 498 20.43 0.26 -43.31
C ARG B 498 19.79 -1.07 -42.84
N VAL B 499 18.63 -0.95 -42.22
CA VAL B 499 17.93 -2.15 -41.68
C VAL B 499 16.73 -2.56 -42.53
N ARG B 500 16.83 -3.74 -43.12
CA ARG B 500 15.78 -4.29 -43.97
C ARG B 500 15.05 -5.47 -43.29
N VAL B 501 13.74 -5.53 -43.45
CA VAL B 501 12.92 -6.59 -42.81
C VAL B 501 12.15 -7.38 -43.86
N ARG B 502 12.22 -8.68 -43.72
CA ARG B 502 11.51 -9.60 -44.60
C ARG B 502 10.25 -10.06 -43.86
N TYR B 503 9.11 -9.90 -44.51
CA TYR B 503 7.78 -10.09 -43.86
C TYR B 503 6.71 -10.67 -44.77
N ALA B 504 5.60 -11.04 -44.16
CA ALA B 504 4.39 -11.47 -44.89
C ALA B 504 3.12 -10.91 -44.25
N SER B 505 2.24 -10.41 -45.09
CA SER B 505 1.01 -9.75 -44.65
C SER B 505 -0.13 -9.87 -45.65
N VAL B 506 -1.35 -10.06 -45.15
CA VAL B 506 -2.56 -10.20 -46.04
C VAL B 506 -3.23 -8.85 -46.34
N THR B 507 -3.07 -7.90 -45.43
CA THR B 507 -3.59 -6.52 -45.65
C THR B 507 -2.47 -5.50 -45.42
N PRO B 508 -2.59 -4.30 -45.99
CA PRO B 508 -1.61 -3.25 -45.66
C PRO B 508 -1.54 -3.04 -44.16
N ILE B 509 -0.33 -2.97 -43.65
CA ILE B 509 -0.11 -2.97 -42.20
C ILE B 509 0.97 -1.96 -41.79
N HIS B 510 0.69 -1.24 -40.72
CA HIS B 510 1.65 -0.26 -40.16
C HIS B 510 2.61 -0.96 -39.21
N LEU B 511 3.88 -0.94 -39.58
CA LEU B 511 4.93 -1.55 -38.76
C LEU B 511 6.00 -0.55 -38.34
N ASN B 512 6.50 -0.75 -37.13
CA ASN B 512 7.55 0.11 -36.55
C ASN B 512 8.80 -0.70 -36.21
N VAL B 513 9.90 -0.29 -36.78
CA VAL B 513 11.21 -0.90 -36.48
C VAL B 513 12.01 0.01 -35.52
N ASN B 514 12.43 -0.55 -34.39
CA ASN B 514 13.34 0.15 -33.46
C ASN B 514 14.75 -0.40 -33.45
N TRP B 515 15.70 0.51 -33.38
CA TRP B 515 17.12 0.18 -33.18
C TRP B 515 17.51 0.90 -31.90
N GLY B 516 17.64 0.11 -30.85
CA GLY B 516 17.77 0.64 -29.48
C GLY B 516 16.42 1.23 -29.08
N ASN B 517 16.47 2.45 -28.56
CA ASN B 517 15.26 3.22 -28.25
C ASN B 517 14.68 3.99 -29.44
N SER B 518 15.50 4.14 -30.47
CA SER B 518 15.14 4.95 -31.65
C SER B 518 14.30 4.18 -32.67
N SER B 519 13.20 4.79 -33.09
CA SER B 519 12.39 4.27 -34.20
C SER B 519 13.03 4.74 -35.52
N ILE B 520 13.38 3.80 -36.38
CA ILE B 520 14.09 4.10 -37.64
C ILE B 520 13.22 3.82 -38.88
N PHE B 521 12.05 3.28 -38.61
CA PHE B 521 11.02 3.08 -39.64
C PHE B 521 9.65 2.98 -38.98
N SER B 522 8.72 3.75 -39.51
CA SER B 522 7.32 3.72 -39.03
C SER B 522 6.36 4.12 -40.14
N ASN B 523 5.78 3.12 -40.79
CA ASN B 523 4.91 3.35 -41.95
C ASN B 523 4.10 2.14 -42.33
N THR B 524 3.13 2.37 -43.20
CA THR B 524 2.29 1.27 -43.72
C THR B 524 3.06 0.60 -44.84
N VAL B 525 3.15 -0.71 -44.74
CA VAL B 525 3.80 -1.52 -45.78
C VAL B 525 2.72 -2.32 -46.54
N PRO B 526 2.94 -2.57 -47.84
CA PRO B 526 1.87 -3.23 -48.60
C PRO B 526 1.62 -4.69 -48.20
N ALA B 527 0.44 -5.16 -48.54
CA ALA B 527 0.07 -6.58 -48.40
C ALA B 527 0.89 -7.38 -49.40
N THR B 528 1.25 -8.59 -49.02
CA THR B 528 2.17 -9.42 -49.83
C THR B 528 1.62 -10.79 -50.15
N ALA B 529 0.63 -11.17 -49.39
CA ALA B 529 0.07 -12.53 -49.44
C ALA B 529 -1.45 -12.49 -49.48
N THR B 530 -2.03 -13.58 -49.97
CA THR B 530 -3.51 -13.74 -49.91
C THR B 530 -3.93 -14.49 -48.64
N SER B 531 -3.06 -15.37 -48.15
CA SER B 531 -3.28 -16.13 -46.90
C SER B 531 -2.02 -16.32 -46.05
N LEU B 532 -2.17 -16.28 -44.73
CA LEU B 532 -1.01 -16.55 -43.83
C LEU B 532 -0.89 -18.02 -43.43
N ASP B 533 -1.83 -18.83 -43.90
CA ASP B 533 -1.86 -20.28 -43.55
C ASP B 533 -1.16 -21.16 -44.58
N ASN B 534 -1.18 -20.73 -45.83
CA ASN B 534 -0.54 -21.52 -46.89
C ASN B 534 0.49 -20.70 -47.62
N LEU B 535 1.67 -20.64 -47.02
CA LEU B 535 2.70 -19.70 -47.46
C LEU B 535 3.45 -20.23 -48.67
N GLN B 536 3.50 -19.39 -49.70
CA GLN B 536 4.31 -19.67 -50.89
C GLN B 536 5.43 -18.62 -50.98
N SER B 537 6.39 -18.86 -51.84
CA SER B 537 7.61 -18.03 -51.90
C SER B 537 7.32 -16.53 -52.04
N SER B 538 6.41 -16.20 -52.93
CA SER B 538 6.15 -14.79 -53.30
C SER B 538 5.37 -14.04 -52.23
N ASP B 539 4.93 -14.77 -51.21
CA ASP B 539 4.14 -14.20 -50.09
C ASP B 539 5.00 -13.39 -49.14
N PHE B 540 6.28 -13.46 -49.36
CA PHE B 540 7.20 -12.69 -48.53
C PHE B 540 7.66 -11.47 -49.30
N GLY B 541 7.55 -10.33 -48.64
CA GLY B 541 8.09 -9.05 -49.16
C GLY B 541 9.15 -8.44 -48.27
N TYR B 542 9.62 -7.28 -48.67
CA TYR B 542 10.69 -6.55 -47.96
C TYR B 542 10.29 -5.08 -47.77
N PHE B 543 10.72 -4.51 -46.66
CA PHE B 543 10.74 -3.05 -46.47
C PHE B 543 12.01 -2.68 -45.69
N GLU B 544 12.39 -1.43 -45.73
CA GLU B 544 13.66 -0.99 -45.10
C GLU B 544 13.68 0.47 -44.60
N SER B 545 14.57 0.72 -43.66
CA SER B 545 14.76 2.07 -43.15
C SER B 545 15.32 2.95 -44.24
N ALA B 546 14.86 4.20 -44.23
CA ALA B 546 15.25 5.23 -45.22
C ALA B 546 16.73 5.60 -45.09
N ASN B 547 17.17 5.67 -43.84
CA ASN B 547 18.56 6.04 -43.51
C ASN B 547 19.40 4.91 -42.94
N ALA B 548 20.69 5.16 -42.90
CA ALA B 548 21.68 4.24 -42.32
C ALA B 548 22.25 4.81 -41.02
N PHE B 549 22.44 3.93 -40.05
CA PHE B 549 22.93 4.32 -38.72
C PHE B 549 24.06 3.43 -38.24
N THR B 550 24.73 3.87 -37.19
CA THR B 550 25.80 3.07 -36.56
C THR B 550 25.34 2.42 -35.25
N SER B 551 26.19 1.55 -34.76
CA SER B 551 25.94 0.80 -33.50
C SER B 551 25.68 1.67 -32.26
N SER B 552 25.85 2.96 -32.40
CA SER B 552 25.66 3.88 -31.27
C SER B 552 24.17 3.98 -30.88
N LEU B 553 23.28 3.65 -31.81
CA LEU B 553 21.82 3.58 -31.49
C LEU B 553 21.45 2.50 -30.46
N GLY B 554 22.29 1.47 -30.36
CA GLY B 554 22.09 0.40 -29.37
C GLY B 554 22.37 -1.03 -29.78
N ASN B 555 22.08 -1.95 -28.88
CA ASN B 555 22.39 -3.38 -29.07
C ASN B 555 21.17 -4.27 -29.17
N ILE B 556 20.07 -3.65 -29.57
CA ILE B 556 18.83 -4.38 -29.87
C ILE B 556 18.21 -3.84 -31.15
N VAL B 557 17.41 -4.69 -31.78
CA VAL B 557 16.58 -4.32 -32.92
C VAL B 557 15.22 -5.00 -32.71
N GLY B 558 14.16 -4.35 -33.13
CA GLY B 558 12.81 -4.92 -32.94
C GLY B 558 11.80 -4.44 -33.96
N VAL B 559 10.69 -5.15 -34.03
CA VAL B 559 9.57 -4.78 -34.90
C VAL B 559 8.28 -4.87 -34.11
N ARG B 560 7.47 -3.83 -34.27
CA ARG B 560 6.18 -3.72 -33.58
C ARG B 560 5.04 -3.63 -34.60
N ASN B 561 4.00 -4.41 -34.37
CA ASN B 561 2.80 -4.42 -35.22
C ASN B 561 1.79 -3.42 -34.67
N PHE B 562 1.64 -2.32 -35.39
CA PHE B 562 0.72 -1.22 -34.94
C PHE B 562 -0.74 -1.48 -35.25
N SER B 563 -1.01 -2.45 -36.11
CA SER B 563 -2.39 -2.77 -36.56
C SER B 563 -3.25 -3.26 -35.42
N GLY B 564 -4.48 -2.75 -35.41
CA GLY B 564 -5.45 -3.13 -34.38
C GLY B 564 -6.24 -4.37 -34.74
N THR B 565 -6.23 -4.70 -36.02
CA THR B 565 -7.11 -5.77 -36.54
C THR B 565 -6.39 -6.94 -37.26
N ALA B 566 -5.23 -6.65 -37.83
CA ALA B 566 -4.48 -7.64 -38.62
C ALA B 566 -3.17 -8.12 -37.99
N GLY B 567 -2.87 -9.39 -38.23
CA GLY B 567 -1.57 -10.00 -37.84
C GLY B 567 -0.51 -9.93 -38.92
N VAL B 568 0.73 -10.19 -38.55
CA VAL B 568 1.87 -10.14 -39.48
C VAL B 568 2.93 -11.18 -39.17
N ILE B 569 3.50 -11.73 -40.22
CA ILE B 569 4.65 -12.66 -40.10
C ILE B 569 5.99 -11.93 -40.39
N ILE B 570 6.88 -12.02 -39.41
CA ILE B 570 8.27 -11.55 -39.53
C ILE B 570 9.19 -12.76 -39.77
N ASP B 571 9.90 -12.74 -40.89
CA ASP B 571 10.89 -13.78 -41.21
C ASP B 571 12.26 -13.44 -40.59
N ARG B 572 12.85 -12.35 -41.06
CA ARG B 572 14.20 -12.00 -40.60
C ARG B 572 14.53 -10.52 -40.73
N PHE B 573 15.52 -10.14 -39.95
CA PHE B 573 16.15 -8.82 -40.03
C PHE B 573 17.41 -8.94 -40.89
N GLU B 574 17.64 -7.93 -41.70
CA GLU B 574 18.85 -7.86 -42.54
C GLU B 574 19.58 -6.52 -42.36
N PHE B 575 20.87 -6.62 -42.12
CA PHE B 575 21.72 -5.44 -41.94
C PHE B 575 22.59 -5.22 -43.17
N ILE B 576 22.37 -4.06 -43.79
CA ILE B 576 23.05 -3.67 -45.03
C ILE B 576 24.05 -2.55 -44.75
N PRO B 577 25.34 -2.86 -44.85
CA PRO B 577 26.36 -1.86 -44.65
C PRO B 577 26.42 -0.88 -45.81
N VAL B 578 26.66 0.38 -45.48
CA VAL B 578 26.96 1.38 -46.51
C VAL B 578 28.25 2.15 -46.14
N THR B 579 29.26 2.04 -46.97
CA THR B 579 30.62 2.63 -46.69
C THR B 579 31.33 2.89 -48.00
N ALA B 580 32.58 3.38 -47.91
CA ALA B 580 33.33 3.85 -49.11
C ALA B 580 33.45 2.82 -50.22
N THR B 581 33.85 1.61 -49.87
CA THR B 581 33.98 0.60 -50.92
C THR B 581 32.83 -0.40 -50.86
N GLY C 2 -29.69 43.45 29.67
CA GLY C 2 -28.75 43.91 30.74
C GLY C 2 -28.15 42.77 31.56
N TYR C 3 -27.41 41.93 30.86
CA TYR C 3 -26.67 40.79 31.46
C TYR C 3 -25.28 41.20 31.91
N THR C 4 -24.71 40.45 32.84
CA THR C 4 -23.26 40.58 33.16
C THR C 4 -22.53 39.29 32.84
N PRO C 5 -21.19 39.31 32.88
CA PRO C 5 -20.40 38.09 32.69
C PRO C 5 -20.77 36.94 33.64
N ILE C 6 -21.25 37.33 34.80
CA ILE C 6 -21.65 36.38 35.86
C ILE C 6 -22.87 35.57 35.44
N ASP C 7 -23.85 36.25 34.87
CA ASP C 7 -25.02 35.57 34.26
C ASP C 7 -24.61 34.59 33.18
N ILE C 8 -23.80 35.10 32.29
CA ILE C 8 -23.33 34.34 31.12
C ILE C 8 -22.58 33.09 31.57
N SER C 9 -21.69 33.26 32.52
CA SER C 9 -20.85 32.14 33.01
C SER C 9 -21.65 31.05 33.69
N LEU C 10 -22.64 31.47 34.46
CA LEU C 10 -23.53 30.51 35.16
C LEU C 10 -24.30 29.65 34.18
N SER C 11 -24.68 30.30 33.11
CA SER C 11 -25.38 29.64 32.02
C SER C 11 -24.46 28.61 31.32
N LEU C 12 -23.22 29.03 31.11
CA LEU C 12 -22.18 28.15 30.55
C LEU C 12 -21.93 26.95 31.47
N THR C 13 -21.83 27.21 32.76
CA THR C 13 -21.65 26.16 33.80
C THR C 13 -22.78 25.13 33.74
N GLN C 14 -24.00 25.61 33.63
CA GLN C 14 -25.17 24.71 33.54
C GLN C 14 -25.03 23.78 32.34
N PHE C 15 -24.61 24.36 31.23
CA PHE C 15 -24.42 23.61 29.98
C PHE C 15 -23.32 22.53 30.12
N LEU C 16 -22.17 22.96 30.59
CA LEU C 16 -21.03 22.04 30.75
C LEU C 16 -21.29 20.93 31.77
N LEU C 17 -22.15 21.20 32.74
CA LEU C 17 -22.50 20.19 33.76
C LEU C 17 -23.43 19.12 33.21
N SER C 18 -24.31 19.52 32.32
CA SER C 18 -25.36 18.58 31.86
C SER C 18 -25.17 18.04 30.43
N GLU C 19 -24.28 18.67 29.68
CA GLU C 19 -24.09 18.34 28.24
C GLU C 19 -22.64 18.01 27.86
N PHE C 20 -21.85 17.55 28.83
CA PHE C 20 -20.41 17.31 28.61
C PHE C 20 -20.18 15.98 27.90
N VAL C 21 -20.41 16.03 26.59
CA VAL C 21 -20.27 14.87 25.67
C VAL C 21 -19.83 15.43 24.31
N PRO C 22 -18.83 14.79 23.64
CA PRO C 22 -18.39 15.26 22.34
C PRO C 22 -19.50 15.16 21.28
N GLY C 23 -19.41 16.03 20.29
CA GLY C 23 -20.42 16.09 19.22
C GLY C 23 -20.78 17.52 18.87
N ALA C 24 -21.68 17.63 17.90
CA ALA C 24 -22.11 18.94 17.36
C ALA C 24 -22.86 19.81 18.41
N GLY C 25 -23.60 19.14 19.28
CA GLY C 25 -24.36 19.81 20.37
C GLY C 25 -23.47 20.67 21.27
N PHE C 26 -22.34 20.09 21.65
CA PHE C 26 -21.37 20.77 22.51
C PHE C 26 -20.78 22.01 21.84
N VAL C 27 -20.34 21.81 20.59
CA VAL C 27 -19.72 22.87 19.77
C VAL C 27 -20.67 24.06 19.52
N LEU C 28 -21.92 23.72 19.20
CA LEU C 28 -22.97 24.73 18.92
C LEU C 28 -23.38 25.47 20.19
N GLY C 29 -23.38 24.70 21.28
CA GLY C 29 -23.59 25.23 22.65
C GLY C 29 -22.65 26.39 22.99
N LEU C 30 -21.37 26.20 22.74
CA LEU C 30 -20.35 27.24 23.06
C LEU C 30 -20.55 28.53 22.24
N VAL C 31 -20.97 28.35 20.99
CA VAL C 31 -21.36 29.50 20.12
C VAL C 31 -22.58 30.20 20.70
N ASP C 32 -23.61 29.41 20.95
CA ASP C 32 -24.88 29.91 21.51
C ASP C 32 -24.67 30.75 22.81
N ILE C 33 -23.82 30.26 23.71
CA ILE C 33 -23.66 30.86 25.04
C ILE C 33 -22.58 31.95 25.11
N ILE C 34 -21.45 31.72 24.48
CA ILE C 34 -20.29 32.63 24.64
C ILE C 34 -19.77 33.33 23.38
N TRP C 35 -19.60 32.55 22.33
CA TRP C 35 -18.85 33.00 21.11
C TRP C 35 -19.65 33.57 19.96
N GLY C 36 -20.96 33.54 20.08
CA GLY C 36 -21.81 33.88 18.93
C GLY C 36 -22.09 35.37 18.84
N ILE C 37 -21.42 36.14 19.70
CA ILE C 37 -21.52 37.62 19.70
C ILE C 37 -20.72 38.28 18.57
N PHE C 38 -21.14 39.48 18.17
CA PHE C 38 -20.32 40.34 17.28
C PHE C 38 -20.00 41.58 18.08
N GLY C 39 -18.72 41.89 18.16
CA GLY C 39 -18.33 43.18 18.63
C GLY C 39 -17.81 43.01 20.00
N PRO C 40 -17.20 44.06 20.52
CA PRO C 40 -16.45 43.98 21.76
C PRO C 40 -17.23 44.24 23.05
N SER C 41 -18.51 44.58 22.93
CA SER C 41 -19.41 44.79 24.09
C SER C 41 -19.29 43.76 25.20
N GLN C 42 -19.30 42.49 24.82
CA GLN C 42 -19.24 41.40 25.80
C GLN C 42 -17.86 41.36 26.46
N TRP C 43 -16.87 41.45 25.63
CA TRP C 43 -15.47 41.30 26.06
C TRP C 43 -15.05 42.43 26.98
N ASP C 44 -15.46 43.62 26.61
CA ASP C 44 -15.23 44.82 27.42
C ASP C 44 -15.85 44.65 28.81
N ALA C 45 -17.09 44.15 28.82
CA ALA C 45 -17.83 43.85 30.06
C ALA C 45 -17.09 42.82 30.94
N PHE C 46 -16.57 41.78 30.30
CA PHE C 46 -15.80 40.74 31.01
C PHE C 46 -14.61 41.35 31.71
N LEU C 47 -13.98 42.32 31.05
CA LEU C 47 -12.78 42.99 31.62
C LEU C 47 -13.17 43.95 32.73
N VAL C 48 -14.17 44.77 32.45
CA VAL C 48 -14.68 45.76 33.42
C VAL C 48 -15.08 45.04 34.72
N GLN C 49 -15.74 43.90 34.57
CA GLN C 49 -16.22 43.06 35.71
C GLN C 49 -15.11 42.79 36.75
N ILE C 50 -13.91 42.52 36.27
CA ILE C 50 -12.73 42.36 37.18
C ILE C 50 -11.99 43.70 37.47
N GLU C 51 -11.78 44.51 36.44
CA GLU C 51 -11.13 45.84 36.57
C GLU C 51 -11.73 46.71 37.67
N GLN C 52 -13.06 46.83 37.66
CA GLN C 52 -13.76 47.70 38.64
C GLN C 52 -13.61 47.16 40.07
N LEU C 53 -13.36 45.87 40.17
CA LEU C 53 -13.27 45.16 41.45
C LEU C 53 -11.89 45.32 42.09
N ILE C 54 -10.85 45.16 41.28
CA ILE C 54 -9.43 45.35 41.74
C ILE C 54 -8.98 46.81 41.61
N ASN C 55 -9.86 47.62 41.06
CA ASN C 55 -9.66 49.08 40.89
C ASN C 55 -8.43 49.39 40.04
N GLN C 56 -8.32 48.70 38.92
CA GLN C 56 -7.22 48.88 37.98
C GLN C 56 -7.63 48.56 36.56
N ARG C 57 -7.53 49.57 35.69
CA ARG C 57 -7.77 49.36 34.25
C ARG C 57 -6.52 48.75 33.59
N ILE C 58 -6.75 47.79 32.70
CA ILE C 58 -5.67 47.21 31.87
C ILE C 58 -5.09 48.34 31.00
N GLU C 59 -3.77 48.42 30.94
CA GLU C 59 -3.05 49.34 30.04
C GLU C 59 -3.74 49.31 28.66
N GLU C 60 -3.98 50.50 28.15
CA GLU C 60 -4.90 50.73 27.00
C GLU C 60 -4.57 49.92 25.72
N PHE C 61 -3.28 49.82 25.39
CA PHE C 61 -2.84 49.09 24.18
C PHE C 61 -3.11 47.60 24.31
N ALA C 62 -2.67 47.06 25.44
CA ALA C 62 -2.82 45.62 25.74
C ALA C 62 -4.30 45.24 25.85
N ARG C 63 -5.07 46.20 26.35
CA ARG C 63 -6.52 46.05 26.53
C ARG C 63 -7.23 45.91 25.18
N ASN C 64 -6.93 46.84 24.30
CA ASN C 64 -7.48 46.83 22.93
C ASN C 64 -7.03 45.63 22.10
N GLN C 65 -5.80 45.22 22.35
CA GLN C 65 -5.20 44.06 21.67
C GLN C 65 -5.93 42.77 22.05
N ALA C 66 -6.24 42.66 23.34
CA ALA C 66 -6.96 41.49 23.86
C ALA C 66 -8.41 41.43 23.35
N ILE C 67 -9.09 42.57 23.45
CA ILE C 67 -10.49 42.69 23.01
C ILE C 67 -10.61 42.37 21.52
N SER C 68 -9.75 43.04 20.76
CA SER C 68 -9.66 42.84 19.31
C SER C 68 -9.45 41.36 18.95
N ARG C 69 -8.56 40.72 19.68
CA ARG C 69 -8.25 39.30 19.45
C ARG C 69 -9.44 38.37 19.77
N LEU C 70 -10.14 38.68 20.85
CA LEU C 70 -11.37 37.92 21.23
C LEU C 70 -12.47 38.01 20.16
N GLU C 71 -12.59 39.20 19.58
CA GLU C 71 -13.49 39.43 18.41
C GLU C 71 -13.10 38.49 17.25
N GLY C 72 -11.81 38.40 17.00
CA GLY C 72 -11.26 37.52 15.94
C GLY C 72 -11.54 36.06 16.16
N LEU C 73 -11.33 35.64 17.41
CA LEU C 73 -11.57 34.23 17.82
C LEU C 73 -13.05 33.88 17.70
N SER C 74 -13.86 34.88 18.00
CA SER C 74 -15.33 34.72 17.89
C SER C 74 -15.76 34.45 16.44
N ASN C 75 -15.27 35.26 15.52
CA ASN C 75 -15.57 35.08 14.06
C ASN C 75 -15.12 33.72 13.57
N LEU C 76 -13.89 33.42 13.96
CA LEU C 76 -13.22 32.17 13.55
C LEU C 76 -13.92 30.92 14.12
N TYR C 77 -14.33 31.01 15.37
CA TYR C 77 -15.01 29.86 16.02
C TYR C 77 -16.43 29.64 15.47
N GLN C 78 -17.06 30.74 15.08
CA GLN C 78 -18.40 30.66 14.47
C GLN C 78 -18.33 29.84 13.18
N ILE C 79 -17.28 30.11 12.41
CA ILE C 79 -17.01 29.39 11.13
C ILE C 79 -16.69 27.92 11.40
N TYR C 80 -15.81 27.72 12.37
CA TYR C 80 -15.41 26.36 12.81
C TYR C 80 -16.63 25.52 13.22
N ALA C 81 -17.48 26.15 14.01
CA ALA C 81 -18.69 25.51 14.53
C ALA C 81 -19.66 25.06 13.43
N GLU C 82 -19.84 25.92 12.45
CA GLU C 82 -20.76 25.61 11.32
C GLU C 82 -20.19 24.48 10.46
N SER C 83 -18.89 24.54 10.23
CA SER C 83 -18.19 23.47 9.49
C SER C 83 -18.36 22.13 10.21
N PHE C 84 -18.26 22.19 11.53
CA PHE C 84 -18.46 20.99 12.37
C PHE C 84 -19.88 20.41 12.19
N ARG C 85 -20.86 21.30 12.31
CA ARG C 85 -22.30 20.96 12.16
C ARG C 85 -22.57 20.32 10.81
N GLU C 86 -22.05 20.97 9.79
CA GLU C 86 -22.19 20.52 8.39
C GLU C 86 -21.51 19.16 8.17
N TRP C 87 -20.29 19.05 8.70
CA TRP C 87 -19.53 17.78 8.71
C TRP C 87 -20.30 16.64 9.39
N GLU C 88 -20.88 16.91 10.55
CA GLU C 88 -21.57 15.86 11.34
C GLU C 88 -22.79 15.32 10.60
N ALA C 89 -23.41 16.23 9.85
CA ALA C 89 -24.60 15.91 9.03
C ALA C 89 -24.26 15.05 7.80
N ASP C 90 -23.00 15.06 7.43
CA ASP C 90 -22.51 14.33 6.23
C ASP C 90 -21.03 13.93 6.39
N PRO C 91 -20.75 12.99 7.33
CA PRO C 91 -19.37 12.71 7.77
C PRO C 91 -18.43 12.08 6.72
N THR C 92 -19.01 11.44 5.70
CA THR C 92 -18.20 10.82 4.60
C THR C 92 -17.55 11.80 3.59
N ASN C 93 -18.23 12.91 3.34
CA ASN C 93 -17.83 13.85 2.29
C ASN C 93 -16.42 14.48 2.43
N PRO C 94 -15.66 14.44 1.33
CA PRO C 94 -14.32 14.96 1.25
C PRO C 94 -14.15 16.46 1.47
N ALA C 95 -15.06 17.25 0.92
CA ALA C 95 -14.93 18.73 0.99
C ALA C 95 -15.09 19.26 2.41
N LEU C 96 -16.10 18.77 3.10
CA LEU C 96 -16.30 19.10 4.52
C LEU C 96 -15.18 18.54 5.40
N ARG C 97 -14.81 17.29 5.12
CA ARG C 97 -13.76 16.58 5.88
C ARG C 97 -12.43 17.32 5.77
N GLU C 98 -12.13 17.75 4.55
CA GLU C 98 -10.94 18.60 4.31
C GLU C 98 -11.14 19.99 4.94
N GLU C 99 -12.36 20.48 4.82
CA GLU C 99 -12.77 21.78 5.41
C GLU C 99 -12.59 21.78 6.95
N MET C 100 -12.99 20.68 7.58
CA MET C 100 -12.84 20.50 9.06
C MET C 100 -11.37 20.56 9.49
N ARG C 101 -10.56 19.85 8.73
CA ARG C 101 -9.10 19.78 8.97
C ARG C 101 -8.46 21.17 8.89
N ILE C 102 -8.86 21.92 7.87
CA ILE C 102 -8.37 23.33 7.68
C ILE C 102 -8.86 24.21 8.84
N GLN C 103 -10.15 24.08 9.13
CA GLN C 103 -10.79 24.89 10.21
C GLN C 103 -10.15 24.59 11.57
N PHE C 104 -9.93 23.31 11.84
CA PHE C 104 -9.29 22.91 13.11
C PHE C 104 -7.88 23.53 13.25
N ASN C 105 -7.11 23.45 12.18
CA ASN C 105 -5.72 24.00 12.19
C ASN C 105 -5.71 25.50 12.43
N ASP C 106 -6.60 26.20 11.74
CA ASP C 106 -6.72 27.68 11.90
C ASP C 106 -7.16 28.07 13.33
N MET C 107 -8.13 27.34 13.83
CA MET C 107 -8.71 27.53 15.18
C MET C 107 -7.66 27.25 16.27
N ASN C 108 -6.96 26.14 16.10
CA ASN C 108 -5.90 25.71 17.04
C ASN C 108 -4.72 26.68 17.05
N SER C 109 -4.34 27.09 15.86
CA SER C 109 -3.21 28.01 15.66
C SER C 109 -3.51 29.42 16.21
N ALA C 110 -4.70 29.91 15.92
CA ALA C 110 -5.17 31.22 16.40
C ALA C 110 -5.28 31.28 17.94
N LEU C 111 -5.74 30.19 18.51
CA LEU C 111 -5.93 30.09 19.98
C LEU C 111 -4.58 30.08 20.69
N THR C 112 -3.67 29.31 20.11
CA THR C 112 -2.27 29.20 20.62
C THR C 112 -1.57 30.55 20.58
N THR C 113 -1.79 31.30 19.51
CA THR C 113 -1.20 32.68 19.38
C THR C 113 -1.89 33.72 20.27
N ALA C 114 -3.21 33.60 20.38
CA ALA C 114 -4.04 34.59 21.13
C ALA C 114 -3.83 34.52 22.65
N ILE C 115 -3.63 33.31 23.16
CA ILE C 115 -3.67 33.08 24.61
C ILE C 115 -2.66 33.90 25.41
N PRO C 116 -1.38 33.96 24.97
CA PRO C 116 -0.42 34.78 25.74
C PRO C 116 -0.82 36.25 25.86
N LEU C 117 -1.65 36.71 24.93
CA LEU C 117 -2.13 38.12 24.96
C LEU C 117 -3.19 38.34 26.04
N PHE C 118 -3.71 37.23 26.57
CA PHE C 118 -4.62 37.24 27.73
C PHE C 118 -3.86 36.93 29.04
N ALA C 119 -2.55 36.96 28.92
CA ALA C 119 -1.61 36.74 30.05
C ALA C 119 -0.50 37.80 30.11
N VAL C 120 -0.85 39.01 29.71
CA VAL C 120 0.11 40.15 29.66
C VAL C 120 0.64 40.49 31.04
N GLN C 121 1.96 40.62 31.13
CA GLN C 121 2.68 40.97 32.39
C GLN C 121 2.03 42.14 33.12
N ASN C 122 1.83 41.95 34.42
CA ASN C 122 1.17 42.94 35.33
C ASN C 122 -0.34 43.13 35.10
N TYR C 123 -0.89 42.37 34.17
CA TYR C 123 -2.36 42.41 33.88
C TYR C 123 -3.04 41.05 33.81
N GLN C 124 -2.41 40.09 34.45
CA GLN C 124 -2.90 38.69 34.42
C GLN C 124 -4.26 38.54 35.11
N VAL C 125 -4.42 39.29 36.20
CA VAL C 125 -5.67 39.24 37.01
C VAL C 125 -6.90 39.75 36.23
N PRO C 126 -6.86 40.98 35.70
CA PRO C 126 -8.09 41.48 35.06
C PRO C 126 -8.43 40.81 33.73
N LEU C 127 -7.46 40.08 33.21
CA LEU C 127 -7.59 39.33 31.95
C LEU C 127 -7.97 37.86 32.18
N LEU C 128 -8.10 37.51 33.44
CA LEU C 128 -8.27 36.09 33.85
C LEU C 128 -9.55 35.41 33.31
N SER C 129 -10.65 36.12 33.28
CA SER C 129 -11.93 35.51 32.86
C SER C 129 -11.94 35.23 31.37
N VAL C 130 -11.37 36.18 30.62
CA VAL C 130 -11.31 36.04 29.15
C VAL C 130 -10.27 34.98 28.79
N TYR C 131 -9.21 34.91 29.60
CA TYR C 131 -8.19 33.85 29.48
C TYR C 131 -8.86 32.46 29.61
N VAL C 132 -9.62 32.30 30.68
CA VAL C 132 -10.32 31.02 30.99
C VAL C 132 -11.31 30.62 29.88
N GLN C 133 -12.02 31.62 29.36
CA GLN C 133 -12.95 31.41 28.25
C GLN C 133 -12.24 30.86 27.01
N ALA C 134 -11.13 31.52 26.69
CA ALA C 134 -10.25 31.12 25.55
C ALA C 134 -9.64 29.74 25.77
N ALA C 135 -9.17 29.53 27.00
CA ALA C 135 -8.55 28.25 27.42
C ALA C 135 -9.57 27.11 27.29
N ASN C 136 -10.78 27.38 27.75
CA ASN C 136 -11.91 26.44 27.65
C ASN C 136 -12.14 26.05 26.20
N LEU C 137 -12.14 27.06 25.35
CA LEU C 137 -12.44 26.85 23.91
C LEU C 137 -11.35 26.02 23.28
N HIS C 138 -10.12 26.35 23.62
CA HIS C 138 -8.93 25.65 23.12
C HIS C 138 -8.92 24.17 23.50
N LEU C 139 -9.16 23.88 24.78
CA LEU C 139 -9.30 22.48 25.26
C LEU C 139 -10.41 21.72 24.55
N SER C 140 -11.47 22.45 24.32
CA SER C 140 -12.65 21.94 23.63
C SER C 140 -12.32 21.47 22.21
N VAL C 141 -11.63 22.35 21.51
CA VAL C 141 -11.23 22.14 20.11
C VAL C 141 -10.22 20.99 20.04
N LEU C 142 -9.33 20.93 21.02
CA LEU C 142 -8.31 19.83 21.09
C LEU C 142 -8.97 18.49 21.40
N ARG C 143 -10.01 18.54 22.20
CA ARG C 143 -10.83 17.37 22.48
C ARG C 143 -11.52 16.89 21.20
N ASP C 144 -11.97 17.86 20.42
CA ASP C 144 -12.72 17.57 19.18
C ASP C 144 -11.88 16.79 18.14
N VAL C 145 -10.63 17.20 18.01
CA VAL C 145 -9.69 16.53 17.06
C VAL C 145 -9.30 15.14 17.59
N SER C 146 -9.21 15.02 18.90
CA SER C 146 -8.94 13.73 19.58
C SER C 146 -10.03 12.71 19.33
N VAL C 147 -11.27 13.15 19.42
CA VAL C 147 -12.42 12.23 19.22
C VAL C 147 -12.71 11.97 17.73
N PHE C 148 -12.59 13.02 16.93
CA PHE C 148 -13.13 13.02 15.53
C PHE C 148 -12.07 13.14 14.44
N GLY C 149 -10.88 13.50 14.85
CA GLY C 149 -9.74 13.76 13.93
C GLY C 149 -9.46 12.64 12.92
N GLN C 150 -9.68 11.40 13.34
CA GLN C 150 -9.49 10.22 12.46
C GLN C 150 -10.52 10.25 11.34
N ARG C 151 -11.78 10.37 11.75
CA ARG C 151 -12.91 10.51 10.81
C ARG C 151 -12.77 11.73 9.87
N TRP C 152 -12.11 12.78 10.33
CA TRP C 152 -11.81 13.97 9.47
C TRP C 152 -10.73 13.71 8.43
N GLY C 153 -9.90 12.73 8.73
CA GLY C 153 -8.77 12.36 7.84
C GLY C 153 -7.37 12.74 8.29
N PHE C 154 -7.22 13.12 9.55
CA PHE C 154 -5.88 13.28 10.14
C PHE C 154 -5.22 11.90 10.38
N ASP C 155 -3.90 11.86 10.24
CA ASP C 155 -3.12 10.63 10.53
C ASP C 155 -2.98 10.41 12.03
N ALA C 156 -2.74 9.15 12.40
CA ALA C 156 -2.64 8.73 13.82
C ALA C 156 -1.56 9.51 14.60
N ALA C 157 -0.51 9.92 13.90
CA ALA C 157 0.62 10.67 14.51
C ALA C 157 0.21 12.07 14.94
N THR C 158 -0.56 12.70 14.06
CA THR C 158 -1.03 14.08 14.32
C THR C 158 -2.08 14.09 15.46
N ILE C 159 -2.98 13.12 15.43
CA ILE C 159 -4.04 12.94 16.48
C ILE C 159 -3.42 12.78 17.87
N ASN C 160 -2.44 11.90 17.95
CA ASN C 160 -1.78 11.60 19.24
C ASN C 160 -0.97 12.79 19.76
N SER C 161 -0.38 13.50 18.84
CA SER C 161 0.35 14.74 19.17
C SER C 161 -0.61 15.84 19.73
N ARG C 162 -1.78 15.94 19.12
CA ARG C 162 -2.82 16.90 19.55
C ARG C 162 -3.44 16.48 20.90
N TYR C 163 -3.57 15.18 21.09
CA TYR C 163 -4.07 14.63 22.38
C TYR C 163 -3.09 14.93 23.53
N ASN C 164 -1.80 14.81 23.25
CA ASN C 164 -0.74 15.19 24.21
C ASN C 164 -0.79 16.67 24.54
N ASP C 165 -1.10 17.48 23.54
CA ASP C 165 -1.40 18.93 23.77
C ASP C 165 -2.57 19.06 24.76
N LEU C 166 -3.62 18.28 24.51
CA LEU C 166 -4.86 18.35 25.32
C LEU C 166 -4.60 18.09 26.81
N THR C 167 -3.95 16.97 27.09
CA THR C 167 -3.70 16.54 28.46
C THR C 167 -2.75 17.51 29.17
N ARG C 168 -1.76 18.00 28.45
CA ARG C 168 -0.77 18.94 29.02
C ARG C 168 -1.45 20.26 29.36
N LEU C 169 -2.27 20.70 28.43
CA LEU C 169 -2.90 22.04 28.54
C LEU C 169 -4.07 22.07 29.54
N ILE C 170 -4.73 20.93 29.70
CA ILE C 170 -5.68 20.78 30.84
C ILE C 170 -4.94 21.23 32.11
N GLY C 171 -3.74 20.72 32.26
CA GLY C 171 -2.89 21.01 33.43
C GLY C 171 -2.41 22.44 33.52
N ASN C 172 -1.81 22.92 32.44
CA ASN C 172 -1.20 24.29 32.39
C ASN C 172 -2.22 25.41 32.57
N TYR C 173 -3.35 25.29 31.89
CA TYR C 173 -4.42 26.31 31.99
C TYR C 173 -5.01 26.35 33.41
N THR C 174 -5.26 25.16 33.93
CA THR C 174 -5.74 24.98 35.31
C THR C 174 -4.81 25.68 36.33
N ASP C 175 -3.54 25.33 36.27
CA ASP C 175 -2.51 25.86 37.23
C ASP C 175 -2.35 27.37 37.10
N TYR C 176 -2.40 27.83 35.87
CA TYR C 176 -2.30 29.29 35.58
C TYR C 176 -3.47 30.05 36.21
N ALA C 177 -4.67 29.57 35.90
CA ALA C 177 -5.93 30.17 36.38
C ALA C 177 -5.97 30.23 37.91
N VAL C 178 -5.65 29.10 38.54
CA VAL C 178 -5.66 29.01 40.02
C VAL C 178 -4.60 29.91 40.68
N ARG C 179 -3.42 29.94 40.10
CA ARG C 179 -2.30 30.81 40.55
C ARG C 179 -2.75 32.27 40.59
N TRP C 180 -3.33 32.71 39.49
CA TRP C 180 -3.71 34.12 39.35
C TRP C 180 -5.00 34.44 40.06
N TYR C 181 -5.82 33.43 40.26
CA TYR C 181 -6.97 33.55 41.18
C TYR C 181 -6.45 33.86 42.58
N ASN C 182 -5.51 33.06 43.03
CA ASN C 182 -4.92 33.19 44.39
C ASN C 182 -4.23 34.54 44.58
N THR C 183 -3.44 34.91 43.60
CA THR C 183 -2.70 36.19 43.60
C THR C 183 -3.66 37.38 43.65
N GLY C 184 -4.64 37.38 42.77
CA GLY C 184 -5.68 38.44 42.73
C GLY C 184 -6.44 38.56 44.05
N LEU C 185 -6.82 37.42 44.60
CA LEU C 185 -7.60 37.37 45.82
C LEU C 185 -6.83 37.97 46.98
N GLU C 186 -5.59 37.56 47.08
CA GLU C 186 -4.68 37.97 48.15
C GLU C 186 -4.43 39.47 48.16
N ARG C 187 -4.24 40.02 46.97
CA ARG C 187 -4.03 41.49 46.82
C ARG C 187 -5.21 42.33 47.28
N VAL C 188 -6.39 41.76 47.21
CA VAL C 188 -7.65 42.46 47.55
C VAL C 188 -7.95 42.42 49.06
N TRP C 189 -7.21 41.61 49.79
CA TRP C 189 -7.39 41.53 51.24
C TRP C 189 -7.02 42.83 51.94
N GLY C 190 -7.74 43.11 53.01
CA GLY C 190 -7.48 44.32 53.83
C GLY C 190 -8.01 44.16 55.24
N PRO C 191 -7.64 45.05 56.17
CA PRO C 191 -8.01 44.87 57.58
C PRO C 191 -9.45 45.18 57.97
N ASP C 192 -10.11 46.01 57.18
CA ASP C 192 -11.47 46.50 57.52
C ASP C 192 -12.63 45.77 56.80
N SER C 193 -13.83 46.07 57.23
CA SER C 193 -15.04 45.41 56.68
C SER C 193 -15.28 45.77 55.21
N ARG C 194 -14.91 46.99 54.82
CA ARG C 194 -15.07 47.38 53.41
C ARG C 194 -14.10 46.58 52.54
N ASP C 195 -12.93 46.31 53.08
CA ASP C 195 -11.96 45.42 52.44
C ASP C 195 -12.49 43.99 52.28
N TRP C 196 -13.04 43.47 53.36
CA TRP C 196 -13.60 42.10 53.36
C TRP C 196 -14.70 41.93 52.30
N VAL C 197 -15.60 42.91 52.24
CA VAL C 197 -16.70 42.91 51.25
C VAL C 197 -16.16 42.73 49.82
N ARG C 198 -15.13 43.51 49.53
CA ARG C 198 -14.45 43.49 48.22
C ARG C 198 -13.72 42.15 47.99
N TYR C 199 -13.05 41.71 49.04
CA TYR C 199 -12.33 40.42 49.03
C TYR C 199 -13.29 39.24 48.76
N ASN C 200 -14.39 39.21 49.51
CA ASN C 200 -15.43 38.18 49.29
C ASN C 200 -16.13 38.27 47.93
N GLN C 201 -16.36 39.49 47.50
CA GLN C 201 -16.94 39.72 46.18
C GLN C 201 -16.05 39.15 45.07
N PHE C 202 -14.75 39.39 45.21
CA PHE C 202 -13.73 38.78 44.30
C PHE C 202 -13.82 37.26 44.30
N ARG C 203 -13.76 36.69 45.49
CA ARG C 203 -13.88 35.24 45.67
C ARG C 203 -15.14 34.70 44.96
N ARG C 204 -16.25 35.37 45.26
CA ARG C 204 -17.57 34.97 44.72
C ARG C 204 -17.62 35.04 43.20
N GLU C 205 -17.34 36.23 42.69
CA GLU C 205 -17.48 36.48 41.25
C GLU C 205 -16.51 35.67 40.40
N LEU C 206 -15.29 35.55 40.87
CA LEU C 206 -14.30 34.73 40.15
C LEU C 206 -14.43 33.23 40.36
N THR C 207 -15.13 32.83 41.41
CA THR C 207 -15.59 31.44 41.53
C THR C 207 -16.55 31.13 40.39
N LEU C 208 -17.51 32.01 40.21
CA LEU C 208 -18.59 31.84 39.19
C LEU C 208 -18.12 32.00 37.73
N THR C 209 -17.16 32.90 37.52
CA THR C 209 -16.65 33.17 36.16
C THR C 209 -15.33 32.46 35.77
N VAL C 210 -14.62 31.92 36.74
CA VAL C 210 -13.32 31.25 36.46
C VAL C 210 -13.26 29.83 37.02
N LEU C 211 -13.25 29.73 38.34
CA LEU C 211 -13.03 28.45 39.06
C LEU C 211 -14.03 27.37 38.67
N ASP C 212 -15.29 27.75 38.55
CA ASP C 212 -16.39 26.81 38.23
C ASP C 212 -16.16 26.12 36.88
N ILE C 213 -15.66 26.91 35.94
CA ILE C 213 -15.37 26.42 34.57
C ILE C 213 -14.13 25.54 34.58
N VAL C 214 -13.09 26.04 35.22
CA VAL C 214 -11.79 25.32 35.40
C VAL C 214 -11.99 23.94 36.02
N ALA C 215 -12.93 23.83 36.97
CA ALA C 215 -13.23 22.55 37.65
C ALA C 215 -13.72 21.50 36.71
N LEU C 216 -14.16 21.91 35.54
CA LEU C 216 -14.67 20.95 34.54
C LEU C 216 -13.65 20.56 33.44
N PHE C 217 -12.48 21.18 33.50
CA PHE C 217 -11.40 20.96 32.50
C PHE C 217 -10.97 19.49 32.37
N PRO C 218 -10.81 18.77 33.49
CA PRO C 218 -10.46 17.36 33.41
C PRO C 218 -11.42 16.53 32.56
N ASN C 219 -12.66 16.95 32.53
CA ASN C 219 -13.73 16.28 31.70
C ASN C 219 -13.40 16.22 30.20
N TYR C 220 -12.57 17.16 29.74
CA TYR C 220 -12.13 17.23 28.33
C TYR C 220 -11.20 16.08 27.92
N ASP C 221 -10.69 15.34 28.89
CA ASP C 221 -9.84 14.18 28.58
C ASP C 221 -10.72 13.04 28.05
N SER C 222 -10.81 12.98 26.74
CA SER C 222 -11.71 12.04 26.06
C SER C 222 -11.41 10.55 26.33
N ARG C 223 -10.15 10.25 26.59
CA ARG C 223 -9.77 8.84 26.95
C ARG C 223 -10.24 8.44 28.37
N ARG C 224 -10.15 9.36 29.32
CA ARG C 224 -10.66 9.20 30.72
C ARG C 224 -12.20 9.21 30.78
N TYR C 225 -12.79 10.06 29.94
CA TYR C 225 -14.27 10.22 29.88
C TYR C 225 -14.83 10.04 28.45
N PRO C 226 -14.85 8.78 27.93
CA PRO C 226 -15.26 8.57 26.56
C PRO C 226 -16.75 8.77 26.30
N ILE C 227 -17.53 8.72 27.37
CA ILE C 227 -18.98 9.05 27.27
C ILE C 227 -19.29 10.26 28.15
N ARG C 228 -20.54 10.69 28.06
CA ARG C 228 -21.06 11.79 28.90
C ARG C 228 -20.69 11.62 30.39
N THR C 229 -20.22 12.71 30.97
CA THR C 229 -19.87 12.71 32.40
C THR C 229 -20.48 13.94 33.10
N VAL C 230 -21.05 13.66 34.27
CA VAL C 230 -21.74 14.67 35.09
C VAL C 230 -20.96 14.99 36.38
N SER C 231 -20.41 16.20 36.43
CA SER C 231 -19.73 16.69 37.63
C SER C 231 -20.73 17.33 38.61
N GLN C 232 -20.26 17.55 39.83
CA GLN C 232 -21.04 18.22 40.89
C GLN C 232 -20.16 19.24 41.58
N LEU C 233 -20.65 20.45 41.69
CA LEU C 233 -19.90 21.51 42.37
C LEU C 233 -20.42 21.69 43.80
N THR C 234 -19.57 21.38 44.77
CA THR C 234 -20.00 21.42 46.19
C THR C 234 -19.51 22.63 46.97
N ARG C 235 -18.69 23.43 46.33
CA ARG C 235 -18.15 24.66 46.99
C ARG C 235 -19.27 25.61 47.42
N GLU C 236 -19.00 26.38 48.46
CA GLU C 236 -19.99 27.36 48.95
C GLU C 236 -19.50 28.77 48.74
N ILE C 237 -20.43 29.61 48.31
CA ILE C 237 -20.15 31.05 48.19
C ILE C 237 -21.04 31.84 49.12
N TYR C 238 -20.66 33.09 49.36
CA TYR C 238 -21.24 33.84 50.50
C TYR C 238 -21.81 35.19 50.15
N THR C 239 -22.97 35.47 50.73
CA THR C 239 -23.49 36.84 50.78
C THR C 239 -23.70 37.25 52.24
N ASN C 240 -23.68 38.55 52.47
CA ASN C 240 -23.88 39.14 53.81
C ASN C 240 -24.52 40.52 53.69
N PRO C 241 -25.85 40.60 53.75
CA PRO C 241 -26.62 41.82 53.51
C PRO C 241 -26.20 42.99 54.39
N VAL C 242 -26.09 42.75 55.70
CA VAL C 242 -25.72 43.85 56.62
C VAL C 242 -24.40 44.52 56.19
N LEU C 243 -23.40 43.69 55.90
CA LEU C 243 -22.07 44.22 55.49
C LEU C 243 -22.06 44.79 54.08
N GLU C 244 -22.71 44.08 53.18
CA GLU C 244 -22.70 44.43 51.76
C GLU C 244 -23.55 45.66 51.44
N ASN C 245 -24.53 45.95 52.28
CA ASN C 245 -25.35 47.17 52.13
C ASN C 245 -24.90 48.36 53.00
N PHE C 246 -23.75 48.21 53.63
CA PHE C 246 -23.26 49.20 54.61
C PHE C 246 -22.34 50.21 53.93
N ASP C 247 -22.67 51.49 54.08
CA ASP C 247 -21.96 52.59 53.40
C ASP C 247 -20.64 52.97 54.06
N GLY C 248 -20.58 52.79 55.36
CA GLY C 248 -19.34 53.02 56.14
C GLY C 248 -18.44 51.80 56.10
N SER C 249 -17.49 51.74 57.02
CA SER C 249 -16.54 50.59 57.09
C SER C 249 -16.01 50.34 58.52
N PHE C 250 -16.31 49.15 59.04
CA PHE C 250 -15.86 48.72 60.39
C PHE C 250 -14.37 48.42 60.40
N ARG C 251 -13.64 49.23 61.13
CA ARG C 251 -12.15 49.13 61.19
C ARG C 251 -11.70 47.85 61.83
N GLY C 252 -10.74 47.21 61.19
CA GLY C 252 -10.07 46.00 61.74
C GLY C 252 -10.95 44.77 61.92
N SER C 253 -12.10 44.79 61.28
CA SER C 253 -13.07 43.69 61.45
C SER C 253 -12.89 42.50 60.47
N ALA C 254 -12.16 42.75 59.38
CA ALA C 254 -12.05 41.78 58.25
C ALA C 254 -11.74 40.34 58.69
N GLN C 255 -10.75 40.18 59.56
CA GLN C 255 -10.32 38.84 60.01
C GLN C 255 -11.45 38.12 60.75
N GLY C 256 -12.09 38.87 61.63
CA GLY C 256 -13.25 38.38 62.40
C GLY C 256 -14.42 37.98 61.51
N ILE C 257 -14.65 38.76 60.47
CA ILE C 257 -15.74 38.49 59.48
C ILE C 257 -15.43 37.19 58.75
N GLU C 258 -14.19 37.07 58.30
CA GLU C 258 -13.77 35.89 57.56
C GLU C 258 -13.87 34.61 58.42
N ARG C 259 -13.57 34.72 59.72
CA ARG C 259 -13.65 33.58 60.66
C ARG C 259 -15.07 33.14 60.99
N SER C 260 -16.02 34.00 60.70
CA SER C 260 -17.43 33.68 60.96
C SER C 260 -18.01 32.71 59.91
N ILE C 261 -17.25 32.49 58.84
CA ILE C 261 -17.58 31.44 57.84
C ILE C 261 -17.13 30.10 58.39
N ARG C 262 -17.92 29.06 58.20
CA ARG C 262 -17.57 27.74 58.81
C ARG C 262 -16.44 27.02 58.03
N SER C 263 -15.73 26.19 58.76
CA SER C 263 -14.53 25.54 58.25
C SER C 263 -14.92 24.32 57.43
N PRO C 264 -13.96 23.76 56.67
CA PRO C 264 -14.29 22.69 55.74
C PRO C 264 -14.98 21.53 56.43
N HIS C 265 -15.92 20.94 55.73
CA HIS C 265 -16.84 19.98 56.31
C HIS C 265 -17.39 19.07 55.24
N LEU C 266 -17.94 17.96 55.66
CA LEU C 266 -18.74 17.13 54.76
C LEU C 266 -20.04 17.87 54.41
N MET C 267 -20.48 17.72 53.18
CA MET C 267 -21.69 18.38 52.71
C MET C 267 -22.87 17.96 53.57
N ASP C 268 -23.65 18.95 54.00
CA ASP C 268 -24.94 18.69 54.65
C ASP C 268 -26.07 19.40 53.90
N ILE C 269 -27.29 19.11 54.33
CA ILE C 269 -28.52 19.71 53.77
C ILE C 269 -29.19 20.53 54.87
N LEU C 270 -29.43 21.80 54.58
CA LEU C 270 -30.06 22.70 55.54
C LEU C 270 -31.58 22.41 55.62
N ASN C 271 -32.02 22.07 56.83
CA ASN C 271 -33.42 21.72 57.10
C ASN C 271 -34.24 22.91 57.61
N SER C 272 -33.69 23.58 58.60
CA SER C 272 -34.39 24.72 59.23
C SER C 272 -33.46 25.71 59.92
N ILE C 273 -33.96 26.90 60.09
CA ILE C 273 -33.26 27.95 60.83
C ILE C 273 -34.24 28.58 61.81
N THR C 274 -33.83 28.62 63.07
CA THR C 274 -34.68 29.13 64.15
C THR C 274 -34.08 30.46 64.59
N ILE C 275 -34.81 31.52 64.28
CA ILE C 275 -34.32 32.90 64.46
C ILE C 275 -34.87 33.52 65.74
N TYR C 276 -33.95 34.09 66.50
CA TYR C 276 -34.29 34.81 67.75
C TYR C 276 -34.27 36.30 67.52
N THR C 277 -35.23 36.97 68.12
CA THR C 277 -35.44 38.41 67.98
C THR C 277 -35.10 39.18 69.25
N ASP C 278 -34.27 40.19 69.09
CA ASP C 278 -33.99 41.16 70.17
C ASP C 278 -34.57 42.52 69.75
N ALA C 279 -34.64 43.44 70.69
CA ALA C 279 -35.19 44.79 70.44
C ALA C 279 -34.44 45.89 71.19
N HIS C 280 -34.40 47.06 70.58
CA HIS C 280 -33.78 48.27 71.18
C HIS C 280 -34.52 49.50 70.71
N ARG C 281 -35.09 50.19 71.69
CA ARG C 281 -35.84 51.43 71.46
C ARG C 281 -36.93 51.26 70.41
N GLY C 282 -37.62 50.13 70.50
CA GLY C 282 -38.72 49.80 69.58
C GLY C 282 -38.30 49.24 68.23
N TYR C 283 -37.00 49.07 68.03
CA TYR C 283 -36.47 48.44 66.81
C TYR C 283 -36.18 46.95 67.07
N TYR C 284 -36.93 46.11 66.37
CA TYR C 284 -36.82 44.65 66.51
C TYR C 284 -35.85 44.07 65.47
N TYR C 285 -35.02 43.14 65.89
CA TYR C 285 -34.04 42.56 64.98
C TYR C 285 -33.64 41.12 65.25
N TRP C 286 -33.12 40.51 64.20
CA TRP C 286 -32.51 39.17 64.19
C TRP C 286 -31.23 39.21 65.01
N SER C 287 -31.31 38.69 66.22
CA SER C 287 -30.14 38.76 67.15
C SER C 287 -29.26 37.49 67.18
N GLY C 288 -29.87 36.37 66.86
CA GLY C 288 -29.17 35.11 66.88
C GLY C 288 -30.04 34.08 66.20
N HIS C 289 -29.49 32.91 65.95
CA HIS C 289 -30.27 31.84 65.32
C HIS C 289 -29.65 30.46 65.53
N GLN C 290 -30.43 29.45 65.28
CA GLN C 290 -29.96 28.07 65.39
C GLN C 290 -30.18 27.29 64.07
N ILE C 291 -29.13 26.61 63.60
CA ILE C 291 -29.18 25.83 62.34
C ILE C 291 -29.43 24.34 62.61
N MET C 292 -30.35 23.75 61.89
CA MET C 292 -30.51 22.28 61.87
C MET C 292 -30.29 21.74 60.45
N ALA C 293 -29.51 20.68 60.36
CA ALA C 293 -29.07 20.07 59.09
C ALA C 293 -29.08 18.55 59.11
N SER C 294 -29.09 17.97 57.92
CA SER C 294 -29.01 16.50 57.72
C SER C 294 -27.80 16.12 56.86
N PRO C 295 -27.30 14.89 56.98
CA PRO C 295 -26.25 14.39 56.09
C PRO C 295 -26.75 14.24 54.67
N VAL C 296 -25.83 14.13 53.73
CA VAL C 296 -26.21 13.90 52.31
C VAL C 296 -27.16 12.72 52.25
N GLY C 297 -28.23 12.91 51.48
CA GLY C 297 -29.24 11.86 51.23
C GLY C 297 -30.11 11.53 52.44
N PHE C 298 -30.07 12.41 53.43
CA PHE C 298 -30.82 12.22 54.70
C PHE C 298 -30.51 10.84 55.28
N SER C 299 -29.23 10.54 55.33
CA SER C 299 -28.75 9.19 55.62
C SER C 299 -28.26 9.05 57.06
N GLY C 300 -28.74 9.96 57.89
CA GLY C 300 -28.41 9.98 59.31
C GLY C 300 -29.36 10.89 60.04
N PRO C 301 -29.33 10.88 61.38
CA PRO C 301 -30.22 11.77 62.11
C PRO C 301 -29.87 13.24 61.86
N GLU C 302 -30.88 14.08 62.00
CA GLU C 302 -30.71 15.53 61.93
C GLU C 302 -29.81 15.99 63.07
N PHE C 303 -28.88 16.90 62.79
CA PHE C 303 -27.99 17.45 63.84
C PHE C 303 -28.12 18.97 63.98
N THR C 304 -27.85 19.46 65.17
CA THR C 304 -28.00 20.92 65.48
C THR C 304 -26.65 21.58 65.77
N PHE C 305 -26.45 22.72 65.18
CA PHE C 305 -25.22 23.50 65.34
C PHE C 305 -25.25 24.36 66.62
N PRO C 306 -24.07 24.72 67.16
CA PRO C 306 -24.00 25.68 68.25
C PRO C 306 -24.63 27.01 67.87
N LEU C 307 -25.16 27.69 68.87
CA LEU C 307 -25.92 28.95 68.69
C LEU C 307 -25.07 29.97 67.98
N TYR C 308 -25.68 30.59 66.99
CA TYR C 308 -25.08 31.73 66.29
C TYR C 308 -25.68 33.00 66.86
N GLY C 309 -24.79 33.91 67.24
CA GLY C 309 -25.19 35.19 67.84
C GLY C 309 -25.73 35.02 69.23
N THR C 310 -26.71 35.84 69.59
CA THR C 310 -27.29 35.86 70.94
C THR C 310 -28.80 35.61 70.96
N MET C 311 -29.23 34.91 71.98
CA MET C 311 -30.64 34.50 72.09
C MET C 311 -31.51 35.60 72.71
N GLY C 312 -32.17 36.38 71.89
CA GLY C 312 -33.09 37.44 72.39
C GLY C 312 -34.51 36.96 72.57
N ASN C 313 -35.26 37.66 73.40
CA ASN C 313 -36.67 37.27 73.70
C ASN C 313 -37.69 38.39 73.55
N ALA C 314 -37.33 39.37 72.75
CA ALA C 314 -38.24 40.50 72.46
C ALA C 314 -39.50 40.10 71.66
N ALA C 315 -39.42 38.95 71.03
CA ALA C 315 -40.52 38.39 70.21
C ALA C 315 -40.38 36.87 70.21
N PRO C 316 -41.47 36.12 69.85
CA PRO C 316 -41.33 34.67 69.89
C PRO C 316 -40.38 34.15 68.82
N GLN C 317 -39.65 33.09 69.15
CA GLN C 317 -38.69 32.48 68.22
C GLN C 317 -39.42 32.01 66.96
N GLN C 318 -38.76 32.11 65.82
CA GLN C 318 -39.39 31.71 64.54
C GLN C 318 -38.58 30.61 63.83
N ARG C 319 -39.24 29.48 63.60
CA ARG C 319 -38.62 28.34 62.96
C ARG C 319 -38.95 28.45 61.46
N ILE C 320 -37.92 28.71 60.68
CA ILE C 320 -38.01 28.78 59.19
C ILE C 320 -37.58 27.43 58.60
N VAL C 321 -38.50 26.76 57.94
CA VAL C 321 -38.19 25.45 57.33
C VAL C 321 -37.63 25.70 55.94
N ALA C 322 -36.33 25.48 55.83
CA ALA C 322 -35.57 25.72 54.59
C ALA C 322 -35.79 24.62 53.56
N GLN C 323 -35.91 23.39 54.03
CA GLN C 323 -35.99 22.24 53.08
C GLN C 323 -37.42 21.93 52.63
N LEU C 324 -37.94 22.80 51.77
CA LEU C 324 -39.20 22.55 51.05
C LEU C 324 -38.92 22.74 49.58
N GLY C 325 -39.57 21.92 48.76
CA GLY C 325 -39.32 21.94 47.31
C GLY C 325 -37.84 21.65 47.05
N GLN C 326 -37.22 22.53 46.27
CA GLN C 326 -35.76 22.47 45.97
C GLN C 326 -34.89 23.18 47.03
N GLY C 327 -35.51 23.64 48.11
CA GLY C 327 -34.79 24.40 49.13
C GLY C 327 -34.90 25.89 48.85
N VAL C 328 -34.29 26.67 49.71
CA VAL C 328 -34.34 28.15 49.59
C VAL C 328 -33.36 28.61 48.51
N TYR C 329 -33.89 29.28 47.50
CA TYR C 329 -33.05 29.72 46.34
C TYR C 329 -32.65 31.19 46.41
N ARG C 330 -33.26 31.90 47.35
CA ARG C 330 -33.23 33.36 47.34
C ARG C 330 -33.57 33.98 48.69
N THR C 331 -32.77 34.94 49.10
CA THR C 331 -33.10 35.76 50.27
C THR C 331 -33.26 37.22 49.90
N LEU C 332 -34.32 37.81 50.42
CA LEU C 332 -34.56 39.25 50.28
C LEU C 332 -34.60 39.87 51.66
N SER C 333 -33.53 40.56 52.00
CA SER C 333 -33.32 41.05 53.37
C SER C 333 -33.52 42.55 53.56
N SER C 334 -34.04 42.90 54.71
CA SER C 334 -34.16 44.30 55.15
C SER C 334 -33.06 44.61 56.15
N THR C 335 -32.19 45.52 55.77
CA THR C 335 -31.10 45.98 56.68
C THR C 335 -31.55 47.16 57.56
N LEU C 336 -31.07 47.19 58.79
CA LEU C 336 -31.32 48.34 59.69
C LEU C 336 -30.02 48.90 60.27
N TYR C 337 -29.75 50.15 59.95
CA TYR C 337 -28.64 50.90 60.55
C TYR C 337 -29.15 52.06 61.43
N ARG C 338 -28.72 52.07 62.69
CA ARG C 338 -28.95 53.22 63.58
C ARG C 338 -27.63 53.84 63.89
N ARG C 339 -27.52 55.11 63.52
CA ARG C 339 -26.36 55.94 63.91
C ARG C 339 -26.83 57.24 64.59
N PRO C 340 -27.15 57.17 65.89
CA PRO C 340 -27.60 58.33 66.63
C PRO C 340 -26.47 59.33 66.85
N PHE C 341 -26.85 60.56 67.13
CA PHE C 341 -25.90 61.65 67.40
C PHE C 341 -25.15 61.40 68.70
N ASN C 342 -25.87 60.95 69.70
CA ASN C 342 -25.25 60.56 70.98
C ASN C 342 -25.45 59.08 71.21
N ILE C 343 -24.35 58.38 71.44
CA ILE C 343 -24.41 56.92 71.54
C ILE C 343 -24.05 56.40 72.93
N GLY C 344 -24.85 55.47 73.40
CA GLY C 344 -24.61 54.82 74.70
C GLY C 344 -25.45 53.59 74.84
N ILE C 345 -25.31 52.90 75.95
CA ILE C 345 -26.06 51.63 76.20
C ILE C 345 -27.59 51.84 76.07
N ASN C 346 -28.01 53.03 76.44
CA ASN C 346 -29.41 53.47 76.29
C ASN C 346 -29.78 53.88 74.85
N ASN C 347 -28.77 54.16 74.05
CA ASN C 347 -28.96 54.68 72.67
C ASN C 347 -27.92 54.15 71.69
N GLN C 348 -28.12 52.90 71.30
CA GLN C 348 -27.07 52.12 70.59
C GLN C 348 -27.03 52.31 69.07
N GLN C 349 -25.81 52.23 68.54
CA GLN C 349 -25.61 52.03 67.10
C GLN C 349 -25.99 50.58 66.80
N LEU C 350 -26.84 50.45 65.79
CA LEU C 350 -27.32 49.15 65.32
C LEU C 350 -26.95 48.94 63.86
N SER C 351 -26.36 47.78 63.61
CA SER C 351 -26.17 47.25 62.25
C SER C 351 -26.66 45.80 62.18
N VAL C 352 -27.92 45.67 61.80
CA VAL C 352 -28.64 44.40 61.92
C VAL C 352 -29.63 44.13 60.78
N LEU C 353 -30.30 43.01 60.86
CA LEU C 353 -31.43 42.73 59.96
C LEU C 353 -32.73 42.81 60.74
N ASP C 354 -33.70 43.53 60.20
CA ASP C 354 -35.04 43.66 60.82
C ASP C 354 -36.09 42.91 60.00
N GLY C 355 -35.60 42.10 59.08
CA GLY C 355 -36.48 41.29 58.23
C GLY C 355 -35.69 40.50 57.20
N THR C 356 -36.26 39.36 56.80
CA THR C 356 -35.80 38.57 55.63
C THR C 356 -36.90 37.65 55.10
N GLU C 357 -37.07 37.71 53.79
CA GLU C 357 -37.91 36.77 53.07
C GLU C 357 -37.04 35.65 52.50
N PHE C 358 -37.46 34.43 52.76
CA PHE C 358 -36.78 33.22 52.26
C PHE C 358 -37.63 32.57 51.19
N ALA C 359 -37.21 32.70 49.93
CA ALA C 359 -38.00 32.15 48.79
C ALA C 359 -37.51 30.78 48.32
N TYR C 360 -38.47 29.94 47.96
CA TYR C 360 -38.22 28.52 47.63
C TYR C 360 -38.12 28.25 46.12
N GLY C 361 -37.17 27.41 45.79
CA GLY C 361 -37.06 26.81 44.46
C GLY C 361 -38.14 25.75 44.36
N THR C 362 -38.86 25.80 43.27
CA THR C 362 -40.00 24.90 43.07
C THR C 362 -40.43 24.91 41.62
N SER C 363 -40.77 23.72 41.14
CA SER C 363 -41.24 23.53 39.76
C SER C 363 -42.68 24.03 39.57
N SER C 364 -43.31 24.43 40.67
CA SER C 364 -44.60 25.14 40.60
C SER C 364 -44.55 26.49 41.33
N ASN C 365 -45.27 26.60 42.43
CA ASN C 365 -45.12 27.74 43.37
C ASN C 365 -45.43 27.35 44.83
N LEU C 366 -44.72 28.03 45.74
CA LEU C 366 -44.68 27.70 47.16
C LEU C 366 -44.49 29.02 47.89
N PRO C 367 -45.40 29.38 48.81
CA PRO C 367 -45.26 30.67 49.45
C PRO C 367 -43.99 30.75 50.27
N SER C 368 -43.41 31.93 50.25
CA SER C 368 -42.17 32.22 50.99
C SER C 368 -42.36 32.18 52.49
N ALA C 369 -41.31 31.82 53.18
CA ALA C 369 -41.22 32.01 54.63
C ALA C 369 -40.72 33.43 54.85
N VAL C 370 -41.35 34.11 55.79
CA VAL C 370 -41.00 35.51 56.06
C VAL C 370 -40.72 35.76 57.55
N TYR C 371 -39.50 36.14 57.85
CA TYR C 371 -39.14 36.66 59.18
C TYR C 371 -39.43 38.15 59.22
N ARG C 372 -40.53 38.47 59.89
CA ARG C 372 -40.92 39.88 60.15
C ARG C 372 -41.37 40.66 58.91
N LYS C 373 -40.48 40.79 57.94
CA LYS C 373 -40.81 41.44 56.66
C LYS C 373 -39.77 41.15 55.57
N SER C 374 -40.17 41.42 54.34
CA SER C 374 -39.28 41.32 53.19
C SER C 374 -38.45 42.60 53.08
N GLY C 375 -37.43 42.54 52.24
CA GLY C 375 -36.50 43.67 52.09
C GLY C 375 -35.99 43.71 50.68
N THR C 376 -35.17 44.71 50.42
CA THR C 376 -34.66 44.93 49.06
C THR C 376 -33.21 44.50 48.79
N VAL C 377 -32.50 44.07 49.82
CA VAL C 377 -31.16 43.50 49.61
C VAL C 377 -31.34 42.05 49.17
N ASP C 378 -31.21 41.86 47.87
CA ASP C 378 -31.67 40.65 47.16
C ASP C 378 -30.48 39.79 46.76
N SER C 379 -30.47 38.57 47.26
CA SER C 379 -29.38 37.62 46.98
C SER C 379 -29.26 37.31 45.48
N LEU C 380 -30.38 37.45 44.77
CA LEU C 380 -30.43 37.11 43.33
C LEU C 380 -29.54 38.05 42.51
N ASP C 381 -29.26 39.21 43.06
CA ASP C 381 -28.32 40.18 42.44
C ASP C 381 -26.89 39.68 42.48
N GLU C 382 -26.60 38.81 43.42
CA GLU C 382 -25.23 38.30 43.60
C GLU C 382 -25.11 36.86 43.15
N ILE C 383 -26.24 36.17 43.23
CA ILE C 383 -26.33 34.74 43.00
C ILE C 383 -27.47 34.53 41.98
N PRO C 384 -27.22 34.93 40.72
CA PRO C 384 -28.27 34.98 39.72
C PRO C 384 -28.71 33.62 39.21
N PRO C 385 -29.80 33.58 38.47
CA PRO C 385 -30.22 32.33 37.84
C PRO C 385 -29.22 31.82 36.80
N GLN C 386 -29.14 30.51 36.68
CA GLN C 386 -28.35 29.88 35.60
C GLN C 386 -29.14 29.83 34.29
N ASN C 387 -30.45 29.92 34.41
CA ASN C 387 -31.35 29.87 33.24
C ASN C 387 -32.39 30.96 33.34
N ASN C 388 -32.14 31.99 32.55
CA ASN C 388 -32.96 33.20 32.64
C ASN C 388 -34.25 33.12 31.80
N ASN C 389 -34.50 31.96 31.20
CA ASN C 389 -35.67 31.71 30.30
C ASN C 389 -36.90 31.17 31.00
N VAL C 390 -36.77 30.92 32.28
CA VAL C 390 -37.92 30.54 33.14
C VAL C 390 -37.87 31.45 34.39
N PRO C 391 -38.90 31.41 35.24
CA PRO C 391 -38.83 32.20 36.47
C PRO C 391 -37.66 31.78 37.36
N PRO C 392 -37.05 32.73 38.10
CA PRO C 392 -35.92 32.46 38.99
C PRO C 392 -36.11 31.29 39.94
N ARG C 393 -37.34 31.07 40.38
CA ARG C 393 -37.62 29.93 41.29
C ARG C 393 -37.49 28.56 40.59
N GLN C 394 -37.47 28.57 39.26
CA GLN C 394 -37.16 27.35 38.50
C GLN C 394 -35.76 27.33 37.90
N GLY C 395 -35.28 28.49 37.52
CA GLY C 395 -33.98 28.61 36.83
C GLY C 395 -32.79 29.02 37.68
N PHE C 396 -33.00 28.98 38.99
CA PHE C 396 -31.96 29.36 40.00
C PHE C 396 -30.67 28.56 39.82
N SER C 397 -29.59 29.08 40.35
CA SER C 397 -28.29 28.41 40.22
C SER C 397 -27.77 27.76 41.52
N HIS C 398 -28.23 28.28 42.64
CA HIS C 398 -27.73 27.87 43.96
C HIS C 398 -28.85 27.59 44.95
N ARG C 399 -28.44 26.95 46.04
CA ARG C 399 -29.35 26.62 47.14
C ARG C 399 -28.70 27.05 48.48
N LEU C 400 -29.50 27.61 49.38
CA LEU C 400 -28.99 28.04 50.70
C LEU C 400 -28.55 26.80 51.47
N SER C 401 -27.29 26.77 51.85
CA SER C 401 -26.72 25.57 52.53
C SER C 401 -26.46 25.80 54.02
N HIS C 402 -26.34 27.06 54.41
CA HIS C 402 -26.03 27.44 55.80
C HIS C 402 -26.20 28.94 56.05
N VAL C 403 -26.42 29.28 57.30
CA VAL C 403 -26.39 30.67 57.74
C VAL C 403 -25.57 30.74 59.03
N SER C 404 -24.43 31.39 58.95
CA SER C 404 -23.63 31.63 60.17
C SER C 404 -23.80 33.12 60.52
N MET C 405 -22.98 33.66 61.41
CA MET C 405 -23.12 35.09 61.76
C MET C 405 -21.89 35.81 62.20
N PHE C 406 -21.61 36.93 61.55
CA PHE C 406 -20.65 37.87 62.11
C PHE C 406 -21.37 38.72 63.16
N ARG C 407 -20.79 38.78 64.35
CA ARG C 407 -21.42 39.43 65.52
C ARG C 407 -20.46 40.32 66.29
N SER C 408 -21.01 41.33 66.91
CA SER C 408 -20.25 42.23 67.79
C SER C 408 -21.18 42.91 68.77
N GLY C 409 -20.79 42.87 70.03
CA GLY C 409 -21.54 43.56 71.09
C GLY C 409 -22.69 42.78 71.69
N PHE C 410 -23.05 43.20 72.91
CA PHE C 410 -24.17 42.61 73.67
C PHE C 410 -25.17 43.67 74.06
N SER C 411 -26.45 43.34 73.93
CA SER C 411 -27.52 44.38 74.01
C SER C 411 -27.65 45.04 75.39
N ASN C 412 -27.21 44.30 76.39
CA ASN C 412 -27.31 44.74 77.80
C ASN C 412 -26.17 45.69 78.22
N SER C 413 -25.04 45.63 77.52
CA SER C 413 -23.83 46.37 77.95
C SER C 413 -22.92 46.99 76.85
N SER C 414 -23.39 47.01 75.61
CA SER C 414 -22.61 47.61 74.48
C SER C 414 -23.22 48.89 73.89
N VAL C 415 -22.37 49.72 73.31
CA VAL C 415 -22.83 50.99 72.66
C VAL C 415 -23.17 50.73 71.18
N SER C 416 -22.62 49.65 70.66
CA SER C 416 -22.70 49.30 69.26
C SER C 416 -23.00 47.81 69.10
N ILE C 417 -24.02 47.54 68.31
CA ILE C 417 -24.49 46.16 68.03
C ILE C 417 -24.39 45.82 66.55
N ILE C 418 -23.62 44.80 66.25
CA ILE C 418 -23.54 44.22 64.88
C ILE C 418 -24.06 42.78 64.91
N ARG C 419 -25.05 42.50 64.08
CA ARG C 419 -25.59 41.13 63.87
C ARG C 419 -25.79 40.91 62.38
N ALA C 420 -24.83 40.23 61.78
CA ALA C 420 -24.75 40.17 60.31
C ALA C 420 -24.70 38.77 59.83
N PRO C 421 -25.89 38.14 59.66
CA PRO C 421 -26.02 36.77 59.16
C PRO C 421 -25.24 36.58 57.85
N MET C 422 -24.43 35.54 57.83
CA MET C 422 -23.60 35.16 56.67
C MET C 422 -24.26 34.02 55.95
N PHE C 423 -24.83 34.31 54.81
CA PHE C 423 -25.60 33.32 54.02
C PHE C 423 -24.68 32.55 53.09
N SER C 424 -24.81 31.24 53.14
CA SER C 424 -23.90 30.37 52.41
C SER C 424 -24.66 29.60 51.32
N TRP C 425 -24.13 29.64 50.11
CA TRP C 425 -24.83 29.12 48.93
C TRP C 425 -24.05 28.03 48.21
N ILE C 426 -24.70 26.91 48.06
CA ILE C 426 -24.12 25.76 47.37
C ILE C 426 -24.74 25.70 45.95
N HIS C 427 -23.91 25.41 44.96
CA HIS C 427 -24.39 25.16 43.59
C HIS C 427 -25.43 24.05 43.56
N ARG C 428 -26.47 24.24 42.76
CA ARG C 428 -27.59 23.27 42.70
C ARG C 428 -27.20 21.86 42.13
N SER C 429 -26.06 21.82 41.43
CA SER C 429 -25.51 20.52 40.92
C SER C 429 -25.12 19.57 42.07
N ALA C 430 -24.95 20.15 43.25
CA ALA C 430 -24.72 19.37 44.50
C ALA C 430 -26.03 18.77 45.00
N GLU C 431 -26.36 17.61 44.45
CA GLU C 431 -27.67 17.00 44.65
C GLU C 431 -27.86 16.53 46.09
N PHE C 432 -29.12 16.54 46.51
CA PHE C 432 -29.48 16.07 47.89
C PHE C 432 -29.04 14.63 48.13
N ASN C 433 -29.21 13.83 47.08
CA ASN C 433 -28.81 12.41 47.08
C ASN C 433 -27.69 12.12 46.10
N ASN C 434 -26.95 11.06 46.38
CA ASN C 434 -25.94 10.53 45.44
C ASN C 434 -26.62 9.47 44.60
N ILE C 435 -26.96 9.87 43.38
CA ILE C 435 -27.77 9.04 42.46
C ILE C 435 -26.88 8.67 41.27
N ILE C 436 -26.67 7.38 41.13
CA ILE C 436 -25.79 6.85 40.08
C ILE C 436 -26.59 6.66 38.79
N ALA C 437 -26.24 7.41 37.77
CA ALA C 437 -26.91 7.36 36.47
C ALA C 437 -26.57 6.04 35.78
N SER C 438 -27.44 5.64 34.86
CA SER C 438 -27.23 4.36 34.12
C SER C 438 -26.57 4.56 32.74
N ASP C 439 -26.64 5.79 32.24
CA ASP C 439 -26.16 6.12 30.87
C ASP C 439 -24.98 7.08 30.78
N SER C 440 -24.38 7.39 31.92
CA SER C 440 -23.27 8.34 31.97
C SER C 440 -22.33 8.05 33.14
N ILE C 441 -21.13 8.63 33.07
CA ILE C 441 -20.10 8.48 34.13
C ILE C 441 -20.42 9.46 35.29
N THR C 442 -21.00 8.93 36.36
CA THR C 442 -21.41 9.74 37.52
C THR C 442 -20.24 10.06 38.46
N GLN C 443 -19.97 11.34 38.62
CA GLN C 443 -18.94 11.82 39.57
C GLN C 443 -19.57 12.16 40.93
N ILE C 444 -19.08 11.52 41.97
CA ILE C 444 -19.51 11.81 43.35
C ILE C 444 -18.28 12.24 44.16
N PRO C 445 -18.14 13.56 44.45
CA PRO C 445 -17.06 14.05 45.29
C PRO C 445 -17.08 13.37 46.65
N ALA C 446 -15.89 13.13 47.16
CA ALA C 446 -15.72 12.42 48.45
C ALA C 446 -16.37 13.17 49.61
N VAL C 447 -16.39 14.50 49.52
CA VAL C 447 -17.04 15.36 50.53
C VAL C 447 -18.57 15.18 50.59
N LYS C 448 -19.14 14.47 49.63
CA LYS C 448 -20.57 14.04 49.70
C LYS C 448 -20.78 12.76 50.51
N GLY C 449 -19.74 12.36 51.24
CA GLY C 449 -19.81 11.21 52.14
C GLY C 449 -20.54 11.59 53.41
N ASN C 450 -20.83 10.60 54.25
CA ASN C 450 -21.50 10.84 55.56
C ASN C 450 -20.77 10.34 56.80
N PHE C 451 -19.59 9.78 56.59
CA PHE C 451 -18.80 9.20 57.69
C PHE C 451 -17.30 9.24 57.37
N LEU C 452 -16.54 9.87 58.25
CA LEU C 452 -15.09 10.08 58.07
C LEU C 452 -14.38 9.74 59.36
N PHE C 453 -13.48 8.78 59.26
CA PHE C 453 -12.69 8.28 60.42
C PHE C 453 -11.19 8.43 60.15
N ASN C 454 -10.48 8.90 61.16
CA ASN C 454 -9.01 9.17 61.05
C ASN C 454 -8.68 9.90 59.75
N GLY C 455 -9.34 11.02 59.60
CA GLY C 455 -9.16 11.87 58.43
C GLY C 455 -9.86 13.19 58.60
N SER C 456 -9.54 14.13 57.73
CA SER C 456 -10.23 15.41 57.77
C SER C 456 -10.60 15.92 56.37
N VAL C 457 -11.58 16.81 56.36
CA VAL C 457 -11.95 17.51 55.14
C VAL C 457 -11.07 18.75 55.09
N ILE C 458 -10.45 18.95 53.94
CA ILE C 458 -9.51 20.06 53.72
C ILE C 458 -9.98 20.93 52.54
N SER C 459 -9.58 22.20 52.58
CA SER C 459 -9.90 23.15 51.50
C SER C 459 -9.30 22.68 50.20
N GLY C 460 -10.12 22.66 49.16
CA GLY C 460 -9.67 22.33 47.78
C GLY C 460 -8.63 23.32 47.26
N PRO C 461 -7.79 22.89 46.31
CA PRO C 461 -6.79 23.80 45.74
C PRO C 461 -7.40 24.90 44.90
N GLY C 462 -8.66 24.71 44.53
CA GLY C 462 -9.40 25.68 43.71
C GLY C 462 -9.85 25.20 42.32
N PHE C 463 -9.41 24.00 41.95
CA PHE C 463 -9.74 23.41 40.62
C PHE C 463 -10.58 22.15 40.63
N THR C 464 -11.05 21.80 41.81
CA THR C 464 -11.82 20.54 41.97
C THR C 464 -13.30 20.79 42.14
N GLY C 465 -13.67 22.05 42.26
CA GLY C 465 -15.09 22.46 42.41
C GLY C 465 -15.67 22.33 43.81
N GLY C 466 -14.78 22.20 44.76
CA GLY C 466 -15.17 22.00 46.15
C GLY C 466 -14.02 21.45 46.96
N ASP C 467 -14.33 20.95 48.14
CA ASP C 467 -13.26 20.52 49.09
C ASP C 467 -12.89 19.05 48.91
N LEU C 468 -11.92 18.62 49.68
CA LEU C 468 -11.31 17.29 49.52
C LEU C 468 -11.25 16.52 50.84
N VAL C 469 -11.09 15.21 50.71
CA VAL C 469 -10.98 14.33 51.89
C VAL C 469 -9.52 13.86 52.05
N ARG C 470 -8.98 14.05 53.23
CA ARG C 470 -7.65 13.52 53.55
C ARG C 470 -7.78 12.36 54.53
N LEU C 471 -7.34 11.20 54.10
CA LEU C 471 -7.26 10.00 54.95
C LEU C 471 -5.84 9.93 55.56
N ASN C 472 -5.78 9.95 56.88
CA ASN C 472 -4.49 9.87 57.59
C ASN C 472 -3.91 8.47 57.55
N SER C 473 -2.62 8.41 57.86
CA SER C 473 -1.93 7.12 58.10
C SER C 473 -2.44 6.48 59.41
N SER C 474 -2.35 5.16 59.47
CA SER C 474 -2.85 4.38 60.64
C SER C 474 -1.93 4.48 61.87
N GLY C 475 -0.66 4.74 61.62
CA GLY C 475 0.38 4.67 62.67
C GLY C 475 0.66 3.20 62.99
N ASN C 476 0.58 2.39 61.95
CA ASN C 476 0.73 0.92 62.05
C ASN C 476 -0.25 0.31 63.07
N ASN C 477 -1.45 0.86 63.09
CA ASN C 477 -2.56 0.34 63.92
C ASN C 477 -3.75 -0.02 63.02
N ILE C 478 -3.96 -1.31 62.85
CA ILE C 478 -5.02 -1.85 61.96
C ILE C 478 -6.41 -1.33 62.33
N GLN C 479 -6.51 -0.90 63.58
CA GLN C 479 -7.78 -0.43 64.18
C GLN C 479 -8.01 1.06 63.93
N ASN C 480 -6.94 1.70 63.48
CA ASN C 480 -6.93 3.14 63.19
C ASN C 480 -6.74 3.50 61.71
N ARG C 481 -7.17 2.61 60.84
CA ARG C 481 -7.14 2.93 59.43
C ARG C 481 -8.18 3.97 59.01
N GLY C 482 -7.71 4.87 58.16
CA GLY C 482 -8.44 6.07 57.73
C GLY C 482 -9.47 5.69 56.72
N TYR C 483 -10.68 6.18 56.92
CA TYR C 483 -11.84 5.69 56.15
C TYR C 483 -12.85 6.81 55.84
N ILE C 484 -13.26 6.84 54.59
CA ILE C 484 -14.38 7.69 54.10
C ILE C 484 -15.46 6.82 53.44
N GLU C 485 -16.68 6.99 53.92
CA GLU C 485 -17.84 6.22 53.39
C GLU C 485 -18.92 7.17 52.82
N VAL C 486 -19.42 6.79 51.65
CA VAL C 486 -20.39 7.58 50.87
C VAL C 486 -21.67 6.79 50.60
N PRO C 487 -22.84 7.32 51.04
CA PRO C 487 -24.11 6.68 50.74
C PRO C 487 -24.53 6.95 49.30
N ILE C 488 -24.97 5.91 48.62
CA ILE C 488 -25.32 5.97 47.18
C ILE C 488 -26.62 5.27 46.85
N HIS C 489 -27.24 5.68 45.77
CA HIS C 489 -28.53 5.14 45.31
C HIS C 489 -28.51 4.78 43.83
N PHE C 490 -29.04 3.60 43.54
CA PHE C 490 -29.10 3.08 42.17
C PHE C 490 -30.52 2.96 41.62
N PRO C 491 -30.91 3.86 40.71
CA PRO C 491 -32.23 3.74 40.09
C PRO C 491 -32.33 2.56 39.14
N SER C 492 -31.21 2.19 38.54
CA SER C 492 -31.13 0.96 37.72
C SER C 492 -30.38 -0.14 38.46
N THR C 493 -31.07 -1.26 38.67
CA THR C 493 -30.51 -2.39 39.46
C THR C 493 -29.83 -3.46 38.58
N SER C 494 -29.91 -3.28 37.28
CA SER C 494 -29.31 -4.26 36.36
C SER C 494 -28.02 -3.79 35.66
N THR C 495 -27.79 -2.49 35.67
CA THR C 495 -26.56 -1.90 35.10
C THR C 495 -25.30 -2.30 35.89
N ARG C 496 -24.27 -2.69 35.16
CA ARG C 496 -22.97 -3.04 35.78
C ARG C 496 -22.02 -1.83 35.80
N TYR C 497 -21.34 -1.66 36.92
CA TYR C 497 -20.48 -0.47 37.15
C TYR C 497 -19.07 -0.79 37.60
N ARG C 498 -18.13 -0.21 36.91
CA ARG C 498 -16.75 -0.18 37.36
C ARG C 498 -16.60 1.08 38.24
N VAL C 499 -15.89 0.95 39.35
CA VAL C 499 -15.69 2.09 40.26
C VAL C 499 -14.26 2.66 40.18
N ARG C 500 -14.18 3.90 39.75
CA ARG C 500 -12.92 4.60 39.57
C ARG C 500 -12.75 5.71 40.65
N VAL C 501 -11.57 5.82 41.21
CA VAL C 501 -11.29 6.79 42.30
C VAL C 501 -10.19 7.76 41.86
N ARG C 502 -10.46 9.02 42.08
CA ARG C 502 -9.52 10.08 41.77
C ARG C 502 -8.83 10.48 43.09
N TYR C 503 -7.50 10.43 43.08
CA TYR C 503 -6.67 10.57 44.31
C TYR C 503 -5.36 11.31 44.13
N ALA C 504 -4.73 11.63 45.24
CA ALA C 504 -3.37 12.22 45.24
C ALA C 504 -2.52 11.64 46.37
N SER C 505 -1.30 11.27 46.01
CA SER C 505 -0.36 10.59 46.93
C SER C 505 1.09 10.90 46.63
N VAL C 506 1.87 11.08 47.66
CA VAL C 506 3.35 11.34 47.50
C VAL C 506 4.20 10.05 47.47
N THR C 507 3.71 9.00 48.09
CA THR C 507 4.37 7.67 48.07
C THR C 507 3.38 6.58 47.66
N PRO C 508 3.89 5.43 47.14
CA PRO C 508 3.00 4.31 46.84
C PRO C 508 2.22 3.92 48.08
N ILE C 509 0.94 3.69 47.92
CA ILE C 509 0.03 3.50 49.06
C ILE C 509 -1.00 2.39 48.80
N HIS C 510 -1.18 1.53 49.79
CA HIS C 510 -2.16 0.40 49.72
C HIS C 510 -3.53 0.90 50.13
N LEU C 511 -4.46 0.86 49.19
CA LEU C 511 -5.83 1.32 49.44
C LEU C 511 -6.85 0.24 49.14
N ASN C 512 -7.89 0.26 49.94
CA ASN C 512 -8.99 -0.70 49.82
C ASN C 512 -10.30 0.02 49.54
N VAL C 513 -10.92 -0.33 48.42
CA VAL C 513 -12.23 0.23 48.05
C VAL C 513 -13.32 -0.81 48.34
N ASN C 514 -14.30 -0.43 49.13
CA ASN C 514 -15.49 -1.29 49.37
C ASN C 514 -16.73 -0.79 48.68
N TRP C 515 -17.50 -1.73 48.17
CA TRP C 515 -18.86 -1.49 47.66
C TRP C 515 -19.75 -2.39 48.51
N GLY C 516 -20.47 -1.77 49.41
CA GLY C 516 -21.22 -2.49 50.46
C GLY C 516 -20.22 -3.05 51.46
N ASN C 517 -20.38 -4.32 51.78
CA ASN C 517 -19.37 -5.04 52.60
C ASN C 517 -18.19 -5.59 51.77
N SER C 518 -18.39 -5.66 50.47
CA SER C 518 -17.44 -6.32 49.57
C SER C 518 -16.29 -5.39 49.16
N SER C 519 -15.08 -5.91 49.30
CA SER C 519 -13.89 -5.24 48.79
C SER C 519 -13.75 -5.53 47.28
N ILE C 520 -13.73 -4.48 46.48
CA ILE C 520 -13.67 -4.60 45.00
C ILE C 520 -12.32 -4.12 44.44
N PHE C 521 -11.50 -3.62 45.33
CA PHE C 521 -10.12 -3.23 45.02
C PHE C 521 -9.30 -3.22 46.29
N SER C 522 -8.17 -3.90 46.25
CA SER C 522 -7.20 -3.90 47.38
C SER C 522 -5.80 -4.10 46.88
N ASN C 523 -5.07 -3.00 46.73
CA ASN C 523 -3.74 -3.04 46.14
C ASN C 523 -2.98 -1.76 46.37
N THR C 524 -1.71 -1.81 46.03
CA THR C 524 -0.85 -0.60 46.11
C THR C 524 -1.06 0.23 44.86
N VAL C 525 -1.32 1.51 45.05
CA VAL C 525 -1.44 2.45 43.91
C VAL C 525 -0.22 3.37 43.86
N PRO C 526 0.22 3.76 42.65
CA PRO C 526 1.44 4.58 42.57
C PRO C 526 1.32 5.98 43.14
N ALA C 527 2.46 6.55 43.47
CA ALA C 527 2.52 7.96 43.90
C ALA C 527 2.20 8.85 42.70
N THR C 528 1.59 10.01 42.94
CA THR C 528 1.12 10.92 41.84
C THR C 528 1.69 12.35 41.93
N ALA C 529 2.19 12.65 43.11
CA ALA C 529 2.58 14.02 43.46
C ALA C 529 3.93 14.03 44.17
N THR C 530 4.61 15.17 44.14
CA THR C 530 5.81 15.38 45.00
C THR C 530 5.44 16.01 46.38
N SER C 531 4.37 16.79 46.43
CA SER C 531 3.87 17.39 47.69
C SER C 531 2.33 17.39 47.82
N LEU C 532 1.83 17.18 49.02
CA LEU C 532 0.36 17.27 49.26
C LEU C 532 -0.08 18.68 49.73
N ASP C 533 0.89 19.59 49.89
CA ASP C 533 0.62 20.96 50.41
C ASP C 533 0.37 21.99 49.33
N ASN C 534 1.01 21.79 48.19
CA ASN C 534 0.76 22.66 47.05
C ASN C 534 0.30 21.85 45.87
N LEU C 535 -1.00 21.62 45.83
CA LEU C 535 -1.59 20.74 44.81
C LEU C 535 -1.70 21.45 43.47
N GLN C 536 -1.17 20.80 42.46
CA GLN C 536 -1.31 21.25 41.08
C GLN C 536 -2.15 20.21 40.34
N SER C 537 -2.61 20.57 39.16
CA SER C 537 -3.53 19.71 38.37
C SER C 537 -3.06 18.26 38.21
N SER C 538 -1.80 18.11 37.84
CA SER C 538 -1.24 16.78 37.48
C SER C 538 -0.98 15.89 38.70
N ASP C 539 -1.16 16.46 39.88
CA ASP C 539 -0.95 15.72 41.17
C ASP C 539 -2.06 14.73 41.47
N PHE C 540 -3.10 14.79 40.66
CA PHE C 540 -4.19 13.87 40.85
C PHE C 540 -4.09 12.75 39.83
N GLY C 541 -4.21 11.54 40.33
CA GLY C 541 -4.26 10.33 39.50
C GLY C 541 -5.56 9.56 39.68
N TYR C 542 -5.65 8.45 38.98
CA TYR C 542 -6.83 7.59 38.99
C TYR C 542 -6.45 6.13 39.19
N PHE C 543 -7.29 5.38 39.87
CA PHE C 543 -7.21 3.90 39.87
C PHE C 543 -8.62 3.39 39.85
N GLU C 544 -8.80 2.14 39.49
CA GLU C 544 -10.16 1.58 39.36
C GLU C 544 -10.25 0.09 39.64
N SER C 545 -11.45 -0.33 39.98
CA SER C 545 -11.73 -1.74 40.20
C SER C 545 -11.57 -2.48 38.89
N ALA C 546 -11.03 -3.70 39.00
CA ALA C 546 -10.76 -4.57 37.85
C ALA C 546 -12.06 -5.03 37.20
N ASN C 547 -13.05 -5.29 38.05
CA ASN C 547 -14.37 -5.77 37.58
C ASN C 547 -15.52 -4.78 37.74
N ALA C 548 -16.61 -5.08 37.06
CA ALA C 548 -17.86 -4.32 37.14
C ALA C 548 -18.94 -5.11 37.87
N PHE C 549 -19.70 -4.39 38.69
CA PHE C 549 -20.77 -5.00 39.52
C PHE C 549 -22.07 -4.21 39.45
N THR C 550 -23.12 -4.84 39.97
CA THR C 550 -24.44 -4.18 40.06
C THR C 550 -24.75 -3.71 41.49
N SER C 551 -25.81 -2.94 41.59
CA SER C 551 -26.29 -2.40 42.88
C SER C 551 -26.58 -3.42 43.97
N SER C 552 -26.54 -4.68 43.60
CA SER C 552 -26.81 -5.74 44.58
C SER C 552 -25.70 -5.85 45.67
N LEU C 553 -24.51 -5.36 45.36
CA LEU C 553 -23.39 -5.29 46.35
C LEU C 553 -23.66 -4.36 47.55
N GLY C 554 -24.51 -3.36 47.33
CA GLY C 554 -24.93 -2.45 48.43
C GLY C 554 -25.15 -0.99 48.09
N ASN C 555 -25.46 -0.23 49.14
CA ASN C 555 -25.80 1.20 49.00
C ASN C 555 -24.78 2.15 49.63
N ILE C 556 -23.56 1.65 49.76
CA ILE C 556 -22.43 2.47 50.20
C ILE C 556 -21.21 2.16 49.37
N VAL C 557 -20.31 3.13 49.33
CA VAL C 557 -19.00 2.95 48.70
C VAL C 557 -17.99 3.63 49.63
N GLY C 558 -16.79 3.09 49.71
CA GLY C 558 -15.78 3.66 50.62
C GLY C 558 -14.35 3.37 50.23
N VAL C 559 -13.43 4.13 50.81
CA VAL C 559 -11.99 3.91 50.61
C VAL C 559 -11.29 3.94 51.95
N ARG C 560 -10.42 2.95 52.16
CA ARG C 560 -9.65 2.81 53.38
C ARG C 560 -8.16 2.88 53.10
N ASN C 561 -7.46 3.67 53.89
CA ASN C 561 -6.00 3.85 53.76
C ASN C 561 -5.28 2.85 54.67
N PHE C 562 -4.67 1.84 54.04
CA PHE C 562 -3.97 0.76 54.81
C PHE C 562 -2.57 1.16 55.31
N SER C 563 -2.02 2.24 54.77
CA SER C 563 -0.67 2.71 55.11
C SER C 563 -0.54 3.11 56.56
N GLY C 564 0.57 2.72 57.15
CA GLY C 564 0.90 3.07 58.53
C GLY C 564 1.63 4.40 58.68
N THR C 565 2.19 4.87 57.56
CA THR C 565 3.10 6.05 57.58
C THR C 565 2.67 7.20 56.68
N ALA C 566 1.95 6.89 55.61
CA ALA C 566 1.55 7.92 54.60
C ALA C 566 0.06 8.22 54.57
N GLY C 567 -0.24 9.48 54.30
CA GLY C 567 -1.63 9.94 54.06
C GLY C 567 -2.00 9.89 52.59
N VAL C 568 -3.28 10.02 52.32
CA VAL C 568 -3.79 10.09 50.91
C VAL C 568 -4.96 11.06 50.78
N ILE C 569 -4.96 11.77 49.66
CA ILE C 569 -6.08 12.66 49.34
C ILE C 569 -7.03 11.96 48.36
N ILE C 570 -8.28 11.88 48.77
CA ILE C 570 -9.39 11.38 47.94
C ILE C 570 -10.23 12.56 47.44
N ASP C 571 -10.31 12.66 46.12
CA ASP C 571 -11.11 13.71 45.46
C ASP C 571 -12.53 13.25 45.27
N ARG C 572 -12.69 12.24 44.43
CA ARG C 572 -14.04 11.79 44.10
C ARG C 572 -14.10 10.34 43.66
N PHE C 573 -15.31 9.79 43.79
CA PHE C 573 -15.66 8.48 43.23
C PHE C 573 -16.32 8.70 41.90
N GLU C 574 -16.00 7.84 40.95
CA GLU C 574 -16.65 7.84 39.62
C GLU C 574 -17.21 6.44 39.30
N PHE C 575 -18.47 6.42 38.91
CA PHE C 575 -19.15 5.19 38.49
C PHE C 575 -19.26 5.14 36.96
N ILE C 576 -18.64 4.11 36.41
CA ILE C 576 -18.57 3.87 34.95
C ILE C 576 -19.46 2.69 34.56
N PRO C 577 -20.58 2.94 33.87
CA PRO C 577 -21.44 1.86 33.36
C PRO C 577 -20.77 1.09 32.20
N VAL C 578 -20.79 -0.22 32.31
CA VAL C 578 -20.20 -1.11 31.29
C VAL C 578 -21.30 -1.86 30.53
N THR C 579 -21.08 -2.48 29.47
N GLY D 2 -25.63 39.88 -32.58
CA GLY D 2 -24.40 39.46 -31.85
C GLY D 2 -24.45 38.06 -31.25
N TYR D 3 -24.16 37.06 -32.09
CA TYR D 3 -23.82 35.69 -31.63
C TYR D 3 -22.38 35.65 -31.14
N THR D 4 -22.08 34.70 -30.27
CA THR D 4 -20.69 34.44 -29.86
C THR D 4 -20.26 33.02 -30.25
N PRO D 5 -18.95 32.74 -30.16
CA PRO D 5 -18.43 31.38 -30.39
C PRO D 5 -19.07 30.29 -29.51
N ILE D 6 -19.51 30.71 -28.34
CA ILE D 6 -20.19 29.85 -27.39
C ILE D 6 -21.52 29.35 -27.96
N ASP D 7 -22.30 30.27 -28.53
CA ASP D 7 -23.56 29.91 -29.23
C ASP D 7 -23.31 28.90 -30.34
N ILE D 8 -22.33 29.24 -31.15
CA ILE D 8 -21.95 28.45 -32.33
C ILE D 8 -21.53 27.02 -31.94
N SER D 9 -20.70 26.94 -30.93
CA SER D 9 -20.17 25.65 -30.46
C SER D 9 -21.26 24.76 -29.87
N LEU D 10 -22.17 25.36 -29.13
CA LEU D 10 -23.30 24.59 -28.52
C LEU D 10 -24.19 23.97 -29.59
N SER D 11 -24.33 24.72 -30.66
CA SER D 11 -25.08 24.28 -31.84
C SER D 11 -24.37 23.11 -32.54
N LEU D 12 -23.06 23.24 -32.66
CA LEU D 12 -22.23 22.17 -33.22
C LEU D 12 -22.32 20.92 -32.34
N THR D 13 -22.27 21.09 -31.03
CA THR D 13 -22.37 19.97 -30.05
C THR D 13 -23.68 19.23 -30.24
N GLN D 14 -24.75 19.97 -30.39
CA GLN D 14 -26.09 19.37 -30.58
C GLN D 14 -26.07 18.48 -31.83
N PHE D 15 -25.45 19.00 -32.88
CA PHE D 15 -25.35 18.28 -34.16
C PHE D 15 -24.54 16.99 -34.01
N LEU D 16 -23.35 17.12 -33.46
CA LEU D 16 -22.44 15.97 -33.27
C LEU D 16 -23.01 14.91 -32.32
N LEU D 17 -23.85 15.31 -31.40
CA LEU D 17 -24.46 14.35 -30.48
C LEU D 17 -25.55 13.52 -31.14
N SER D 18 -26.30 14.14 -32.04
CA SER D 18 -27.49 13.47 -32.62
C SER D 18 -27.35 12.97 -34.05
N GLU D 19 -26.31 13.44 -34.72
CA GLU D 19 -26.09 13.14 -36.15
C GLU D 19 -24.71 12.53 -36.48
N PHE D 20 -24.11 11.88 -35.48
CA PHE D 20 -22.75 11.33 -35.64
C PHE D 20 -22.79 10.02 -36.42
N VAL D 21 -22.89 10.19 -37.73
CA VAL D 21 -22.97 9.07 -38.69
C VAL D 21 -22.33 9.55 -40.02
N PRO D 22 -21.48 8.72 -40.65
CA PRO D 22 -20.85 9.12 -41.91
C PRO D 22 -21.86 9.32 -43.03
N GLY D 23 -21.50 10.19 -43.96
CA GLY D 23 -22.40 10.52 -45.07
C GLY D 23 -22.48 12.00 -45.33
N ALA D 24 -23.30 12.35 -46.31
CA ALA D 24 -23.37 13.75 -46.80
C ALA D 24 -23.95 14.69 -45.75
N GLY D 25 -24.86 14.15 -44.95
CA GLY D 25 -25.53 14.94 -43.89
C GLY D 25 -24.54 15.58 -42.93
N PHE D 26 -23.58 14.75 -42.53
CA PHE D 26 -22.51 15.17 -41.60
C PHE D 26 -21.67 16.28 -42.22
N VAL D 27 -21.22 16.02 -43.44
CA VAL D 27 -20.34 16.93 -44.19
C VAL D 27 -20.99 18.30 -44.43
N LEU D 28 -22.26 18.27 -44.79
CA LEU D 28 -23.04 19.49 -45.07
C LEU D 28 -23.37 20.25 -43.78
N GLY D 29 -23.61 19.46 -42.75
CA GLY D 29 -23.76 19.99 -41.36
C GLY D 29 -22.59 20.90 -40.92
N LEU D 30 -21.36 20.42 -41.13
CA LEU D 30 -20.16 21.19 -40.72
C LEU D 30 -20.01 22.52 -41.48
N VAL D 31 -20.39 22.49 -42.75
CA VAL D 31 -20.45 23.72 -43.59
C VAL D 31 -21.50 24.66 -43.03
N ASP D 32 -22.70 24.13 -42.84
CA ASP D 32 -23.81 24.94 -42.32
C ASP D 32 -23.52 25.64 -40.98
N ILE D 33 -22.89 24.91 -40.06
CA ILE D 33 -22.68 25.39 -38.67
C ILE D 33 -21.40 26.22 -38.48
N ILE D 34 -20.31 25.77 -39.08
CA ILE D 34 -18.98 26.38 -38.79
C ILE D 34 -18.26 26.98 -40.00
N TRP D 35 -18.21 26.21 -41.08
CA TRP D 35 -17.25 26.44 -42.18
C TRP D 35 -17.79 27.10 -43.42
N GLY D 36 -19.05 27.49 -43.39
CA GLY D 36 -19.72 28.08 -44.56
C GLY D 36 -19.59 29.58 -44.68
N ILE D 37 -18.98 30.20 -43.67
CA ILE D 37 -18.79 31.66 -43.60
C ILE D 37 -17.84 32.17 -44.69
N PHE D 38 -18.00 33.44 -45.02
CA PHE D 38 -17.07 34.14 -45.93
C PHE D 38 -16.47 35.30 -45.13
N GLY D 39 -15.15 35.40 -45.11
CA GLY D 39 -14.49 36.53 -44.45
C GLY D 39 -13.94 36.18 -43.08
N PRO D 40 -13.28 37.14 -42.41
CA PRO D 40 -12.55 36.85 -41.17
C PRO D 40 -13.31 37.02 -39.86
N SER D 41 -14.54 37.50 -39.94
CA SER D 41 -15.39 37.85 -38.78
C SER D 41 -15.44 36.82 -37.65
N GLN D 42 -15.87 35.63 -38.05
CA GLN D 42 -16.16 34.55 -37.12
C GLN D 42 -14.90 34.19 -36.38
N TRP D 43 -13.84 34.09 -37.15
CA TRP D 43 -12.54 33.64 -36.65
C TRP D 43 -11.95 34.64 -35.68
N ASP D 44 -12.07 35.90 -36.03
CA ASP D 44 -11.65 36.99 -35.15
C ASP D 44 -12.39 36.91 -33.80
N ALA D 45 -13.70 36.70 -33.88
CA ALA D 45 -14.59 36.53 -32.69
C ALA D 45 -14.16 35.33 -31.81
N PHE D 46 -13.84 34.22 -32.45
CA PHE D 46 -13.35 33.01 -31.75
C PHE D 46 -12.11 33.33 -30.93
N LEU D 47 -11.24 34.15 -31.50
CA LEU D 47 -9.99 34.51 -30.81
C LEU D 47 -10.26 35.51 -29.69
N VAL D 48 -11.03 36.54 -30.00
CA VAL D 48 -11.38 37.60 -29.01
C VAL D 48 -12.03 36.96 -27.77
N GLN D 49 -12.91 36.00 -28.02
CA GLN D 49 -13.63 35.27 -26.94
C GLN D 49 -12.68 34.74 -25.84
N ILE D 50 -11.52 34.21 -26.23
CA ILE D 50 -10.49 33.74 -25.28
C ILE D 50 -9.50 34.84 -24.86
N GLU D 51 -9.04 35.60 -25.83
CA GLU D 51 -8.12 36.76 -25.59
C GLU D 51 -8.62 37.69 -24.49
N GLN D 52 -9.88 38.08 -24.57
CA GLN D 52 -10.44 39.08 -23.61
C GLN D 52 -10.51 38.50 -22.21
N LEU D 53 -10.56 37.18 -22.16
CA LEU D 53 -10.75 36.43 -20.91
C LEU D 53 -9.41 36.27 -20.16
N ILE D 54 -8.38 35.90 -20.91
CA ILE D 54 -7.01 35.77 -20.35
C ILE D 54 -6.22 37.10 -20.38
N ASN D 55 -6.85 38.10 -20.95
CA ASN D 55 -6.30 39.46 -21.04
C ASN D 55 -4.98 39.51 -21.81
N GLN D 56 -4.96 38.86 -22.95
CA GLN D 56 -3.77 38.80 -23.81
C GLN D 56 -4.14 38.63 -25.28
N ARG D 57 -3.76 39.62 -26.08
CA ARG D 57 -3.93 39.54 -27.55
C ARG D 57 -2.81 38.68 -28.17
N ILE D 58 -3.18 37.84 -29.11
CA ILE D 58 -2.20 37.04 -29.89
C ILE D 58 -1.34 38.04 -30.68
N GLU D 59 -0.03 37.84 -30.64
CA GLU D 59 0.93 38.62 -31.45
C GLU D 59 0.37 38.77 -32.87
N GLU D 60 0.41 40.00 -33.34
CA GLU D 60 -0.34 40.42 -34.54
C GLU D 60 -0.09 39.60 -35.83
N PHE D 61 1.17 39.23 -36.05
CA PHE D 61 1.58 38.42 -37.25
C PHE D 61 0.93 37.06 -37.18
N ALA D 62 1.09 36.42 -36.04
CA ALA D 62 0.64 35.02 -35.83
C ALA D 62 -0.88 34.98 -35.88
N ARG D 63 -1.45 36.07 -35.38
CA ARG D 63 -2.91 36.25 -35.33
C ARG D 63 -3.51 36.31 -36.73
N ASN D 64 -2.93 37.19 -37.55
CA ASN D 64 -3.36 37.36 -38.95
C ASN D 64 -3.13 36.11 -39.79
N GLN D 65 -2.04 35.43 -39.49
CA GLN D 65 -1.65 34.20 -40.19
C GLN D 65 -2.68 33.11 -39.95
N ALA D 66 -3.11 33.02 -38.71
CA ALA D 66 -4.11 32.01 -38.30
C ALA D 66 -5.49 32.31 -38.91
N ILE D 67 -5.91 33.55 -38.79
CA ILE D 67 -7.22 34.00 -39.32
C ILE D 67 -7.28 33.77 -40.84
N SER D 68 -6.24 34.24 -41.50
CA SER D 68 -6.07 34.06 -42.97
C SER D 68 -6.15 32.60 -43.38
N ARG D 69 -5.48 31.76 -42.63
CA ARG D 69 -5.49 30.32 -42.89
C ARG D 69 -6.88 29.65 -42.70
N LEU D 70 -7.59 30.08 -41.66
CA LEU D 70 -8.96 29.61 -41.40
C LEU D 70 -9.93 29.99 -42.54
N GLU D 71 -9.74 31.18 -43.08
CA GLU D 71 -10.47 31.64 -44.29
C GLU D 71 -10.24 30.68 -45.48
N GLY D 72 -8.98 30.32 -45.64
CA GLY D 72 -8.56 29.37 -46.69
C GLY D 72 -9.20 27.99 -46.55
N LEU D 73 -9.18 27.49 -45.32
CA LEU D 73 -9.76 26.15 -45.00
C LEU D 73 -11.26 26.16 -45.24
N SER D 74 -11.87 27.30 -44.93
CA SER D 74 -13.32 27.47 -45.15
C SER D 74 -13.70 27.36 -46.65
N ASN D 75 -12.97 28.09 -47.51
CA ASN D 75 -13.19 28.05 -48.99
C ASN D 75 -13.00 26.64 -49.52
N LEU D 76 -11.91 26.05 -49.06
CA LEU D 76 -11.50 24.73 -49.49
C LEU D 76 -12.49 23.64 -49.05
N TYR D 77 -12.99 23.76 -47.83
CA TYR D 77 -13.93 22.75 -47.29
C TYR D 77 -15.31 22.88 -47.96
N GLN D 78 -15.64 24.09 -48.35
CA GLN D 78 -16.92 24.33 -49.05
C GLN D 78 -16.90 23.58 -50.41
N ILE D 79 -15.76 23.64 -51.07
CA ILE D 79 -15.55 22.93 -52.35
C ILE D 79 -15.56 21.40 -52.14
N TYR D 80 -14.85 20.97 -51.11
CA TYR D 80 -14.81 19.54 -50.69
C TYR D 80 -16.23 19.01 -50.43
N ALA D 81 -16.99 19.81 -49.70
CA ALA D 81 -18.38 19.44 -49.31
C ALA D 81 -19.31 19.24 -50.51
N GLU D 82 -19.20 20.14 -51.47
CA GLU D 82 -20.04 20.08 -52.68
C GLU D 82 -19.66 18.87 -53.55
N SER D 83 -18.37 18.63 -53.66
CA SER D 83 -17.88 17.45 -54.38
C SER D 83 -18.39 16.17 -53.74
N PHE D 84 -18.41 16.17 -52.42
CA PHE D 84 -18.91 15.01 -51.66
C PHE D 84 -20.37 14.80 -51.99
N ARG D 85 -21.11 15.89 -51.99
CA ARG D 85 -22.56 15.86 -52.27
C ARG D 85 -22.86 15.35 -53.69
N GLU D 86 -22.10 15.87 -54.63
CA GLU D 86 -22.22 15.49 -56.05
C GLU D 86 -21.87 14.02 -56.22
N TRP D 87 -20.81 13.62 -55.55
CA TRP D 87 -20.36 12.21 -55.53
C TRP D 87 -21.43 11.26 -54.96
N GLU D 88 -22.02 11.62 -53.83
CA GLU D 88 -23.01 10.73 -53.12
C GLU D 88 -24.28 10.49 -53.97
N ALA D 89 -24.63 11.54 -54.71
CA ALA D 89 -25.78 11.52 -55.63
C ALA D 89 -25.54 10.64 -56.87
N ASP D 90 -24.26 10.38 -57.15
CA ASP D 90 -23.85 9.56 -58.33
C ASP D 90 -22.51 8.81 -58.07
N PRO D 91 -22.53 7.82 -57.16
CA PRO D 91 -21.28 7.23 -56.62
C PRO D 91 -20.42 6.43 -57.60
N THR D 92 -21.02 5.95 -58.68
CA THR D 92 -20.29 5.11 -59.67
C THR D 92 -19.53 5.94 -60.72
N ASN D 93 -19.95 7.19 -60.86
CA ASN D 93 -19.31 8.13 -61.79
C ASN D 93 -17.80 8.28 -61.56
N PRO D 94 -16.98 7.79 -62.50
CA PRO D 94 -15.51 7.81 -62.39
C PRO D 94 -14.90 9.20 -62.27
N ALA D 95 -15.53 10.17 -62.90
CA ALA D 95 -15.02 11.57 -62.85
C ALA D 95 -15.22 12.17 -61.45
N LEU D 96 -16.41 11.98 -60.91
CA LEU D 96 -16.74 12.43 -59.53
C LEU D 96 -15.90 11.72 -58.44
N ARG D 97 -15.64 10.44 -58.68
CA ARG D 97 -14.75 9.64 -57.82
C ARG D 97 -13.32 10.20 -57.80
N GLU D 98 -12.85 10.57 -58.98
CA GLU D 98 -11.51 11.15 -59.13
C GLU D 98 -11.43 12.53 -58.47
N GLU D 99 -12.50 13.29 -58.66
CA GLU D 99 -12.64 14.64 -58.06
C GLU D 99 -12.59 14.58 -56.53
N MET D 100 -13.27 13.58 -55.96
CA MET D 100 -13.28 13.34 -54.49
C MET D 100 -11.89 13.05 -53.94
N ARG D 101 -11.19 12.18 -54.66
CA ARG D 101 -9.80 11.81 -54.32
C ARG D 101 -8.87 13.03 -54.31
N ILE D 102 -8.99 13.86 -55.32
CA ILE D 102 -8.19 15.12 -55.40
C ILE D 102 -8.59 16.08 -54.26
N GLN D 103 -9.89 16.24 -54.07
CA GLN D 103 -10.42 17.15 -53.01
C GLN D 103 -9.99 16.69 -51.62
N PHE D 104 -10.08 15.39 -51.39
CA PHE D 104 -9.64 14.83 -50.09
C PHE D 104 -8.15 15.11 -49.83
N ASN D 105 -7.32 14.87 -50.83
CA ASN D 105 -5.88 15.12 -50.70
C ASN D 105 -5.57 16.59 -50.41
N ASP D 106 -6.23 17.48 -51.12
CA ASP D 106 -6.01 18.94 -50.91
C ASP D 106 -6.46 19.38 -49.50
N MET D 107 -7.60 18.85 -49.11
CA MET D 107 -8.22 19.12 -47.78
C MET D 107 -7.31 18.59 -46.66
N ASN D 108 -6.86 17.36 -46.83
CA ASN D 108 -5.98 16.68 -45.85
C ASN D 108 -4.62 17.37 -45.72
N SER D 109 -4.09 17.73 -46.87
CA SER D 109 -2.78 18.41 -46.96
C SER D 109 -2.84 19.82 -46.35
N ALA D 110 -3.88 20.54 -46.68
CA ALA D 110 -4.09 21.93 -46.17
C ALA D 110 -4.28 21.96 -44.65
N LEU D 111 -4.98 20.96 -44.14
CA LEU D 111 -5.27 20.88 -42.69
C LEU D 111 -3.99 20.56 -41.91
N THR D 112 -3.23 19.63 -42.45
CA THR D 112 -1.93 19.21 -41.90
C THR D 112 -0.96 20.38 -41.83
N THR D 113 -0.94 21.19 -42.88
CA THR D 113 -0.09 22.40 -42.91
C THR D 113 -0.58 23.54 -42.00
N ALA D 114 -1.90 23.68 -41.95
CA ALA D 114 -2.55 24.79 -41.20
C ALA D 114 -2.46 24.62 -39.66
N ILE D 115 -2.56 23.39 -39.21
CA ILE D 115 -2.75 23.11 -37.77
C ILE D 115 -1.63 23.68 -36.86
N PRO D 116 -0.33 23.50 -37.22
CA PRO D 116 0.71 24.06 -36.36
C PRO D 116 0.62 25.55 -36.18
N LEU D 117 -0.04 26.21 -37.12
CA LEU D 117 -0.21 27.68 -37.05
C LEU D 117 -1.29 28.07 -36.03
N PHE D 118 -2.04 27.08 -35.59
CA PHE D 118 -3.02 27.23 -34.47
C PHE D 118 -2.45 26.72 -33.13
N ALA D 119 -1.14 26.47 -33.16
CA ALA D 119 -0.35 26.02 -31.97
C ALA D 119 0.94 26.84 -31.79
N VAL D 120 0.86 28.11 -32.17
CA VAL D 120 2.01 29.03 -32.12
C VAL D 120 2.52 29.19 -30.69
N GLN D 121 3.81 29.05 -30.54
CA GLN D 121 4.53 29.20 -29.24
C GLN D 121 4.11 30.46 -28.49
N ASN D 122 3.80 30.25 -27.21
CA ASN D 122 3.31 31.31 -26.27
C ASN D 122 1.90 31.83 -26.56
N TYR D 123 1.25 31.25 -27.56
CA TYR D 123 -0.15 31.62 -27.90
C TYR D 123 -1.08 30.44 -28.07
N GLN D 124 -0.72 29.33 -27.45
CA GLN D 124 -1.50 28.09 -27.58
C GLN D 124 -2.92 28.22 -26.99
N VAL D 125 -3.02 28.92 -25.87
CA VAL D 125 -4.30 29.09 -25.15
C VAL D 125 -5.33 29.88 -25.97
N PRO D 126 -4.99 31.12 -26.41
CA PRO D 126 -6.02 31.89 -27.14
C PRO D 126 -6.40 31.34 -28.52
N LEU D 127 -5.55 30.45 -29.01
CA LEU D 127 -5.73 29.78 -30.31
C LEU D 127 -6.40 28.40 -30.18
N LEU D 128 -6.70 28.03 -28.95
CA LEU D 128 -7.20 26.67 -28.64
C LEU D 128 -8.53 26.33 -29.31
N SER D 129 -9.45 27.29 -29.36
CA SER D 129 -10.81 27.00 -29.89
C SER D 129 -10.78 26.80 -31.40
N VAL D 130 -9.97 27.60 -32.06
CA VAL D 130 -9.81 27.49 -33.53
C VAL D 130 -9.00 26.24 -33.88
N TYR D 131 -8.06 25.91 -33.02
CA TYR D 131 -7.32 24.66 -33.11
C TYR D 131 -8.30 23.45 -33.09
N VAL D 132 -9.13 23.42 -32.09
CA VAL D 132 -10.11 22.31 -31.87
C VAL D 132 -11.07 22.20 -33.05
N GLN D 133 -11.50 23.35 -33.57
CA GLN D 133 -12.37 23.40 -34.76
C GLN D 133 -11.72 22.75 -35.98
N ALA D 134 -10.47 23.15 -36.21
CA ALA D 134 -9.62 22.61 -37.31
C ALA D 134 -9.36 21.12 -37.13
N ALA D 135 -9.05 20.77 -35.89
CA ALA D 135 -8.78 19.37 -35.51
C ALA D 135 -10.00 18.51 -35.79
N ASN D 136 -11.15 19.04 -35.39
CA ASN D 136 -12.44 18.36 -35.58
C ASN D 136 -12.67 18.09 -37.06
N LEU D 137 -12.39 19.10 -37.86
CA LEU D 137 -12.60 19.02 -39.32
C LEU D 137 -11.68 17.98 -39.93
N HIS D 138 -10.43 18.03 -39.49
CA HIS D 138 -9.39 17.10 -39.97
C HIS D 138 -9.74 15.64 -39.69
N LEU D 139 -10.11 15.36 -38.45
CA LEU D 139 -10.57 14.01 -38.04
C LEU D 139 -11.79 13.56 -38.85
N SER D 140 -12.66 14.50 -39.10
CA SER D 140 -13.89 14.30 -39.90
C SER D 140 -13.58 13.84 -41.32
N VAL D 141 -12.67 14.57 -41.92
CA VAL D 141 -12.23 14.31 -43.29
C VAL D 141 -11.47 12.97 -43.34
N LEU D 142 -10.67 12.71 -42.33
CA LEU D 142 -9.92 11.45 -42.22
C LEU D 142 -10.86 10.26 -42.07
N ARG D 143 -11.92 10.49 -41.31
CA ARG D 143 -12.97 9.49 -41.12
C ARG D 143 -13.68 9.21 -42.45
N ASP D 144 -13.90 10.26 -43.21
CA ASP D 144 -14.61 10.16 -44.50
C ASP D 144 -13.86 9.26 -45.50
N VAL D 145 -12.55 9.44 -45.56
CA VAL D 145 -11.72 8.62 -46.47
C VAL D 145 -11.68 7.16 -46.00
N SER D 146 -11.71 6.99 -44.69
CA SER D 146 -11.77 5.65 -44.07
C SER D 146 -13.04 4.91 -44.44
N VAL D 147 -14.16 5.61 -44.42
CA VAL D 147 -15.46 4.98 -44.73
C VAL D 147 -15.67 4.82 -46.25
N PHE D 148 -15.29 5.84 -46.99
CA PHE D 148 -15.69 5.97 -48.43
C PHE D 148 -14.55 5.87 -49.42
N GLY D 149 -13.33 5.94 -48.89
CA GLY D 149 -12.09 5.97 -49.71
C GLY D 149 -11.96 4.86 -50.75
N GLN D 150 -12.46 3.69 -50.39
CA GLN D 150 -12.44 2.53 -51.31
C GLN D 150 -13.36 2.81 -52.50
N ARG D 151 -14.59 3.18 -52.17
CA ARG D 151 -15.60 3.56 -53.18
C ARG D 151 -15.14 4.74 -54.05
N TRP D 152 -14.33 5.63 -53.50
CA TRP D 152 -13.72 6.73 -54.28
C TRP D 152 -12.63 6.27 -55.24
N GLY D 153 -12.05 5.14 -54.90
CA GLY D 153 -10.99 4.53 -55.74
C GLY D 153 -9.57 4.60 -55.22
N PHE D 154 -9.42 4.90 -53.95
CA PHE D 154 -8.11 4.79 -53.28
C PHE D 154 -7.78 3.30 -53.08
N ASP D 155 -6.49 3.00 -53.15
CA ASP D 155 -5.99 1.63 -52.87
C ASP D 155 -6.00 1.35 -51.36
N ALA D 156 -6.04 0.06 -51.04
CA ALA D 156 -6.14 -0.40 -49.63
C ALA D 156 -4.97 0.12 -48.76
N ALA D 157 -3.82 0.33 -49.38
CA ALA D 157 -2.60 0.81 -48.66
C ALA D 157 -2.73 2.25 -48.22
N THR D 158 -3.28 3.06 -49.12
CA THR D 158 -3.53 4.49 -48.83
C THR D 158 -4.63 4.68 -47.76
N ILE D 159 -5.71 3.92 -47.89
CA ILE D 159 -6.84 3.89 -46.91
C ILE D 159 -6.36 3.58 -45.48
N ASN D 160 -5.56 2.53 -45.38
CA ASN D 160 -5.10 2.04 -44.07
C ASN D 160 -4.11 2.98 -43.42
N SER D 161 -3.31 3.59 -44.27
CA SER D 161 -2.38 4.65 -43.86
C SER D 161 -3.13 5.92 -43.31
N ARG D 162 -4.21 6.29 -43.99
CA ARG D 162 -5.07 7.43 -43.57
C ARG D 162 -5.87 7.10 -42.29
N TYR D 163 -6.29 5.86 -42.18
CA TYR D 163 -7.00 5.38 -40.95
C TYR D 163 -6.06 5.40 -39.73
N ASN D 164 -4.83 5.00 -39.93
CA ASN D 164 -3.79 5.09 -38.88
C ASN D 164 -3.50 6.53 -38.47
N ASP D 165 -3.54 7.43 -39.45
CA ASP D 165 -3.54 8.89 -39.17
C ASP D 165 -4.73 9.25 -38.24
N LEU D 166 -5.91 8.76 -38.61
CA LEU D 166 -7.16 9.07 -37.89
C LEU D 166 -7.06 8.69 -36.41
N THR D 167 -6.67 7.46 -36.15
CA THR D 167 -6.63 6.91 -34.78
C THR D 167 -5.55 7.61 -33.95
N ARG D 168 -4.43 7.89 -34.58
CA ARG D 168 -3.31 8.54 -33.90
C ARG D 168 -3.70 9.96 -33.53
N LEU D 169 -4.32 10.64 -34.48
CA LEU D 169 -4.67 12.06 -34.33
C LEU D 169 -5.88 12.30 -33.41
N ILE D 170 -6.78 11.34 -33.35
CA ILE D 170 -7.82 11.32 -32.30
C ILE D 170 -7.13 11.52 -30.96
N GLY D 171 -6.08 10.77 -30.74
CA GLY D 171 -5.24 10.84 -29.52
C GLY D 171 -4.48 12.13 -29.34
N ASN D 172 -3.74 12.50 -30.36
CA ASN D 172 -2.85 13.71 -30.30
C ASN D 172 -3.59 15.02 -30.12
N TYR D 173 -4.66 15.18 -30.88
CA TYR D 173 -5.48 16.40 -30.78
C TYR D 173 -6.14 16.51 -29.38
N THR D 174 -6.68 15.39 -28.93
CA THR D 174 -7.29 15.28 -27.59
C THR D 174 -6.31 15.71 -26.47
N ASP D 175 -5.13 15.11 -26.48
CA ASP D 175 -4.09 15.37 -25.46
C ASP D 175 -3.62 16.82 -25.50
N TYR D 176 -3.47 17.33 -26.70
CA TYR D 176 -3.02 18.71 -26.90
C TYR D 176 -4.03 19.68 -26.30
N ALA D 177 -5.29 19.49 -26.71
CA ALA D 177 -6.40 20.33 -26.25
C ALA D 177 -6.52 20.34 -24.71
N VAL D 178 -6.50 19.15 -24.12
CA VAL D 178 -6.66 19.01 -22.65
C VAL D 178 -5.48 19.61 -21.89
N ARG D 179 -4.28 19.39 -22.39
CA ARG D 179 -3.04 19.98 -21.82
C ARG D 179 -3.16 21.51 -21.73
N TRP D 180 -3.54 22.11 -22.85
CA TRP D 180 -3.60 23.57 -22.92
C TRP D 180 -4.85 24.16 -22.27
N TYR D 181 -5.87 23.33 -22.18
CA TYR D 181 -7.02 23.68 -21.34
C TYR D 181 -6.56 23.81 -19.88
N ASN D 182 -5.85 22.79 -19.42
CA ASN D 182 -5.33 22.73 -18.02
C ASN D 182 -4.38 23.89 -17.71
N THR D 183 -3.47 24.13 -18.63
CA THR D 183 -2.50 25.23 -18.52
C THR D 183 -3.19 26.60 -18.44
N GLY D 184 -4.07 26.85 -19.40
CA GLY D 184 -4.85 28.11 -19.43
C GLY D 184 -5.69 28.34 -18.17
N LEU D 185 -6.32 27.27 -17.71
CA LEU D 185 -7.22 27.33 -16.53
C LEU D 185 -6.42 27.70 -15.30
N GLU D 186 -5.30 27.03 -15.17
CA GLU D 186 -4.41 27.18 -14.02
C GLU D 186 -3.85 28.59 -13.90
N ARG D 187 -3.48 29.16 -15.03
CA ARG D 187 -2.94 30.54 -15.09
C ARG D 187 -3.92 31.60 -14.64
N VAL D 188 -5.20 31.28 -14.79
CA VAL D 188 -6.27 32.27 -14.50
C VAL D 188 -6.70 32.26 -13.02
N TRP D 189 -6.19 31.29 -12.28
CA TRP D 189 -6.49 31.19 -10.84
C TRP D 189 -5.93 32.35 -10.04
N GLY D 190 -6.65 32.75 -9.01
CA GLY D 190 -6.21 33.83 -8.10
C GLY D 190 -6.89 33.73 -6.75
N PRO D 191 -6.44 34.51 -5.74
CA PRO D 191 -6.95 34.33 -4.36
C PRO D 191 -8.34 34.91 -4.06
N ASP D 192 -8.75 35.88 -4.84
CA ASP D 192 -9.99 36.61 -4.55
C ASP D 192 -11.20 36.18 -5.40
N SER D 193 -12.35 36.70 -5.04
CA SER D 193 -13.60 36.36 -5.72
C SER D 193 -13.61 36.83 -7.18
N ARG D 194 -12.95 37.94 -7.46
CA ARG D 194 -12.89 38.44 -8.87
C ARG D 194 -12.10 37.46 -9.73
N ASP D 195 -11.07 36.91 -9.12
CA ASP D 195 -10.25 35.88 -9.75
C ASP D 195 -11.06 34.62 -10.01
N TRP D 196 -11.80 34.19 -9.00
CA TRP D 196 -12.63 32.98 -9.11
C TRP D 196 -13.67 33.10 -10.25
N VAL D 197 -14.30 34.25 -10.32
CA VAL D 197 -15.28 34.56 -11.41
C VAL D 197 -14.66 34.34 -12.81
N ARG D 198 -13.46 34.86 -12.98
CA ARG D 198 -12.70 34.75 -14.23
C ARG D 198 -12.26 33.31 -14.49
N TYR D 199 -11.81 32.67 -13.42
CA TYR D 199 -11.41 31.26 -13.47
C TYR D 199 -12.57 30.35 -13.89
N ASN D 200 -13.70 30.52 -13.22
CA ASN D 200 -14.92 29.75 -13.53
C ASN D 200 -15.47 30.04 -14.92
N GLN D 201 -15.37 31.30 -15.30
CA GLN D 201 -15.79 31.71 -16.65
C GLN D 201 -14.97 30.99 -17.73
N PHE D 202 -13.66 30.91 -17.51
CA PHE D 202 -12.75 30.16 -18.37
C PHE D 202 -13.20 28.72 -18.46
N ARG D 203 -13.36 28.11 -17.30
CA ARG D 203 -13.77 26.69 -17.20
C ARG D 203 -15.05 26.46 -18.03
N ARG D 204 -16.02 27.31 -17.77
CA ARG D 204 -17.34 27.23 -18.40
C ARG D 204 -17.25 27.37 -19.93
N GLU D 205 -16.70 28.50 -20.37
CA GLU D 205 -16.65 28.84 -21.81
C GLU D 205 -15.81 27.87 -22.62
N LEU D 206 -14.69 27.45 -22.05
CA LEU D 206 -13.81 26.46 -22.74
C LEU D 206 -14.29 25.03 -22.62
N THR D 207 -15.15 24.77 -21.67
CA THR D 207 -15.91 23.48 -21.64
C THR D 207 -16.82 23.42 -22.86
N LEU D 208 -17.54 24.51 -23.07
CA LEU D 208 -18.54 24.61 -24.15
C LEU D 208 -17.92 24.73 -25.54
N THR D 209 -16.76 25.38 -25.63
CA THR D 209 -16.10 25.60 -26.94
C THR D 209 -14.94 24.65 -27.27
N VAL D 210 -14.46 23.91 -26.28
CA VAL D 210 -13.30 22.99 -26.52
C VAL D 210 -13.58 21.57 -26.03
N LEU D 211 -13.72 21.44 -24.74
CA LEU D 211 -13.87 20.11 -24.07
C LEU D 211 -15.05 19.27 -24.59
N ASP D 212 -16.18 19.93 -24.77
CA ASP D 212 -17.43 19.25 -25.21
C ASP D 212 -17.25 18.62 -26.59
N ILE D 213 -16.53 19.33 -27.43
CA ILE D 213 -16.24 18.85 -28.80
C ILE D 213 -15.22 17.70 -28.76
N VAL D 214 -14.14 17.93 -28.03
CA VAL D 214 -13.07 16.92 -27.85
C VAL D 214 -13.60 15.58 -27.31
N ALA D 215 -14.60 15.65 -26.45
CA ALA D 215 -15.23 14.45 -25.87
C ALA D 215 -15.88 13.55 -26.90
N LEU D 216 -16.13 14.09 -28.07
CA LEU D 216 -16.79 13.33 -29.16
C LEU D 216 -15.81 12.79 -30.22
N PHE D 217 -14.55 13.16 -30.06
CA PHE D 217 -13.47 12.72 -30.99
C PHE D 217 -13.37 11.20 -31.19
N PRO D 218 -13.47 10.40 -30.09
CA PRO D 218 -13.45 8.95 -30.22
C PRO D 218 -14.47 8.38 -31.18
N ASN D 219 -15.60 9.07 -31.26
CA ASN D 219 -16.69 8.69 -32.19
C ASN D 219 -16.29 8.61 -33.68
N TYR D 220 -15.26 9.38 -34.04
CA TYR D 220 -14.73 9.41 -35.44
C TYR D 220 -14.06 8.11 -35.85
N ASP D 221 -13.77 7.25 -34.89
CA ASP D 221 -13.17 5.94 -35.21
C ASP D 221 -14.26 5.05 -35.84
N SER D 222 -14.28 5.06 -37.16
CA SER D 222 -15.31 4.38 -37.94
C SER D 222 -15.35 2.85 -37.73
N ARG D 223 -14.20 2.26 -37.42
CA ARG D 223 -14.15 0.80 -37.13
C ARG D 223 -14.76 0.45 -35.77
N ARG D 224 -14.55 1.32 -34.79
CA ARG D 224 -15.17 1.23 -33.43
C ARG D 224 -16.68 1.57 -33.46
N TYR D 225 -17.02 2.54 -34.29
CA TYR D 225 -18.44 3.02 -34.41
C TYR D 225 -18.94 3.01 -35.87
N PRO D 226 -19.16 1.81 -36.46
CA PRO D 226 -19.52 1.73 -37.88
C PRO D 226 -20.94 2.22 -38.21
N ILE D 227 -21.78 2.31 -37.20
CA ILE D 227 -23.12 2.91 -37.36
C ILE D 227 -23.23 4.13 -36.44
N ARG D 228 -24.36 4.83 -36.56
CA ARG D 228 -24.67 6.00 -35.73
C ARG D 228 -24.45 5.73 -34.23
N THR D 229 -23.77 6.66 -33.58
CA THR D 229 -23.51 6.56 -32.12
C THR D 229 -23.89 7.85 -31.38
N VAL D 230 -24.58 7.65 -30.26
CA VAL D 230 -25.12 8.76 -29.43
C VAL D 230 -24.37 8.86 -28.08
N SER D 231 -23.59 9.92 -27.93
CA SER D 231 -22.88 10.20 -26.66
C SER D 231 -23.75 11.00 -25.68
N GLN D 232 -23.34 11.04 -24.42
CA GLN D 232 -24.01 11.82 -23.37
C GLN D 232 -22.98 12.60 -22.57
N LEU D 233 -23.21 13.90 -22.42
CA LEU D 233 -22.30 14.75 -21.64
C LEU D 233 -22.90 14.94 -20.26
N THR D 234 -22.21 14.40 -19.26
CA THR D 234 -22.72 14.48 -17.86
C THR D 234 -22.04 15.53 -16.98
N ARG D 235 -21.01 16.16 -17.50
CA ARG D 235 -20.29 17.19 -16.72
C ARG D 235 -21.22 18.35 -16.32
N GLU D 236 -20.87 18.99 -15.22
CA GLU D 236 -21.65 20.14 -14.77
C GLU D 236 -20.87 21.44 -14.91
N ILE D 237 -21.56 22.49 -15.32
CA ILE D 237 -20.99 23.84 -15.35
C ILE D 237 -21.75 24.76 -14.41
N TYR D 238 -21.13 25.89 -14.07
CA TYR D 238 -21.60 26.68 -12.92
C TYR D 238 -21.84 28.13 -13.21
N THR D 239 -22.95 28.62 -12.67
CA THR D 239 -23.18 30.05 -12.54
C THR D 239 -23.40 30.43 -11.09
N ASN D 240 -23.14 31.69 -10.79
CA ASN D 240 -23.31 32.23 -9.45
C ASN D 240 -23.65 33.72 -9.56
N PRO D 241 -24.96 34.07 -9.62
CA PRO D 241 -25.41 35.43 -9.78
C PRO D 241 -24.81 36.44 -8.79
N VAL D 242 -24.83 36.12 -7.50
CA VAL D 242 -24.31 37.09 -6.50
C VAL D 242 -22.88 37.48 -6.80
N LEU D 243 -22.06 36.48 -7.08
CA LEU D 243 -20.62 36.74 -7.37
C LEU D 243 -20.38 37.34 -8.74
N GLU D 244 -21.11 36.83 -9.71
CA GLU D 244 -20.90 37.27 -11.11
C GLU D 244 -21.40 38.69 -11.40
N ASN D 245 -22.39 39.13 -10.63
CA ASN D 245 -22.95 40.49 -10.79
C ASN D 245 -22.31 41.50 -9.84
N PHE D 246 -21.27 41.08 -9.16
CA PHE D 246 -20.62 41.91 -8.11
C PHE D 246 -19.42 42.64 -8.70
N ASP D 247 -19.45 43.96 -8.60
CA ASP D 247 -18.41 44.80 -9.24
C ASP D 247 -17.12 44.91 -8.43
N GLY D 248 -17.24 44.73 -7.13
CA GLY D 248 -16.06 44.68 -6.24
C GLY D 248 -15.43 43.28 -6.24
N SER D 249 -14.62 43.01 -5.23
CA SER D 249 -13.95 41.70 -5.10
C SER D 249 -13.68 41.28 -3.64
N PHE D 250 -14.27 40.17 -3.22
CA PHE D 250 -14.06 39.59 -1.86
C PHE D 250 -12.68 38.96 -1.74
N ARG D 251 -11.85 39.57 -0.89
CA ARG D 251 -10.42 39.18 -0.74
C ARG D 251 -10.28 37.79 -0.14
N GLY D 252 -9.45 36.99 -0.77
CA GLY D 252 -9.07 35.65 -0.25
C GLY D 252 -10.19 34.63 -0.24
N SER D 253 -11.24 34.91 -0.96
CA SER D 253 -12.44 34.04 -0.93
C SER D 253 -12.43 32.89 -1.96
N ALA D 254 -11.57 33.01 -2.96
CA ALA D 254 -11.57 32.11 -4.15
C ALA D 254 -11.61 30.61 -3.78
N GLN D 255 -10.74 30.22 -2.88
CA GLN D 255 -10.61 28.79 -2.49
C GLN D 255 -11.91 28.29 -1.85
N GLY D 256 -12.46 29.13 -0.98
CA GLY D 256 -13.76 28.87 -0.32
C GLY D 256 -14.92 28.73 -1.31
N ILE D 257 -14.91 29.60 -2.31
CA ILE D 257 -15.94 29.59 -3.38
C ILE D 257 -15.86 28.30 -4.15
N GLU D 258 -14.64 27.93 -4.51
CA GLU D 258 -14.42 26.73 -5.31
C GLU D 258 -14.83 25.44 -4.54
N ARG D 259 -14.62 25.44 -3.24
CA ARG D 259 -15.01 24.28 -2.39
C ARG D 259 -16.51 24.15 -2.16
N SER D 260 -17.23 25.21 -2.43
CA SER D 260 -18.69 25.19 -2.26
C SER D 260 -19.38 24.41 -3.40
N ILE D 261 -18.63 24.09 -4.44
CA ILE D 261 -19.09 23.19 -5.50
C ILE D 261 -18.98 21.75 -5.01
N ARG D 262 -19.97 20.92 -5.31
CA ARG D 262 -19.94 19.52 -4.79
C ARG D 262 -18.95 18.63 -5.53
N SER D 263 -18.48 17.64 -4.80
CA SER D 263 -17.40 16.79 -5.29
C SER D 263 -18.00 15.72 -6.20
N PRO D 264 -17.15 14.99 -6.92
CA PRO D 264 -17.64 14.05 -7.92
C PRO D 264 -18.64 13.08 -7.36
N HIS D 265 -19.63 12.75 -8.17
CA HIS D 265 -20.78 11.99 -7.68
C HIS D 265 -21.44 11.27 -8.82
N LEU D 266 -22.25 10.28 -8.48
CA LEU D 266 -23.12 9.66 -9.48
C LEU D 266 -24.19 10.67 -9.89
N MET D 267 -24.53 10.68 -11.16
CA MET D 267 -25.56 11.61 -11.68
C MET D 267 -26.88 11.41 -10.95
N ASP D 268 -27.45 12.51 -10.49
CA ASP D 268 -28.81 12.48 -9.93
C ASP D 268 -29.71 13.44 -10.72
N ILE D 269 -31.00 13.41 -10.40
CA ILE D 269 -32.01 14.29 -10.99
C ILE D 269 -32.58 15.21 -9.90
N LEU D 270 -32.49 16.51 -10.12
CA LEU D 270 -32.98 17.50 -9.14
C LEU D 270 -34.51 17.54 -9.15
N ASN D 271 -35.09 17.25 -8.00
CA ASN D 271 -36.56 17.23 -7.83
C ASN D 271 -37.13 18.54 -7.29
N SER D 272 -36.53 19.01 -6.21
CA SER D 272 -37.02 20.21 -5.52
C SER D 272 -35.94 20.91 -4.70
N ILE D 273 -36.17 22.19 -4.48
CA ILE D 273 -35.30 23.01 -3.62
C ILE D 273 -36.17 23.77 -2.63
N THR D 274 -35.85 23.63 -1.36
CA THR D 274 -36.62 24.25 -0.27
C THR D 274 -35.78 25.39 0.30
N ILE D 275 -36.23 26.59 0.03
CA ILE D 275 -35.47 27.82 0.29
C ILE D 275 -35.95 28.45 1.60
N TYR D 276 -34.98 28.77 2.43
CA TYR D 276 -35.23 29.45 3.71
C TYR D 276 -34.87 30.92 3.58
N THR D 277 -35.70 31.73 4.20
CA THR D 277 -35.61 33.17 4.11
C THR D 277 -35.15 33.75 5.44
N ASP D 278 -34.13 34.59 5.37
CA ASP D 278 -33.73 35.43 6.51
C ASP D 278 -34.01 36.90 6.14
N ALA D 279 -33.96 37.78 7.13
CA ALA D 279 -34.25 39.23 6.93
C ALA D 279 -33.33 40.15 7.73
N HIS D 280 -33.08 41.30 7.16
CA HIS D 280 -32.33 42.36 7.82
C HIS D 280 -32.84 43.72 7.40
N ARG D 281 -33.34 44.46 8.39
CA ARG D 281 -33.87 45.82 8.21
C ARG D 281 -34.92 45.90 7.12
N GLY D 282 -35.79 44.90 7.11
CA GLY D 282 -36.87 44.79 6.12
C GLY D 282 -36.48 44.25 4.77
N TYR D 283 -35.22 43.85 4.61
CA TYR D 283 -34.75 43.19 3.38
C TYR D 283 -34.74 41.68 3.59
N TYR D 284 -35.59 41.02 2.84
CA TYR D 284 -35.74 39.57 2.91
C TYR D 284 -34.84 38.88 1.88
N TYR D 285 -34.19 37.81 2.28
CA TYR D 285 -33.28 37.10 1.38
C TYR D 285 -33.18 35.59 1.59
N TRP D 286 -32.74 34.96 0.53
CA TRP D 286 -32.41 33.53 0.46
C TRP D 286 -31.18 33.26 1.33
N SER D 287 -31.41 32.70 2.50
CA SER D 287 -30.31 32.51 3.48
C SER D 287 -29.69 31.13 3.46
N GLY D 288 -30.49 30.18 3.03
CA GLY D 288 -30.08 28.78 3.01
C GLY D 288 -31.13 27.98 2.26
N HIS D 289 -30.83 26.74 1.95
CA HIS D 289 -31.78 25.88 1.24
C HIS D 289 -31.45 24.42 1.39
N GLN D 290 -32.43 23.61 1.02
CA GLN D 290 -32.27 22.15 1.05
C GLN D 290 -32.60 21.52 -0.30
N ILE D 291 -31.70 20.67 -0.75
CA ILE D 291 -31.88 19.97 -2.05
C ILE D 291 -32.49 18.55 -1.91
N MET D 292 -33.46 18.23 -2.75
CA MET D 292 -33.97 16.84 -2.88
C MET D 292 -33.80 16.35 -4.32
N ALA D 293 -33.29 15.14 -4.43
CA ALA D 293 -32.89 14.55 -5.71
C ALA D 293 -33.24 13.07 -5.78
N SER D 294 -33.29 12.57 -7.01
CA SER D 294 -33.53 11.13 -7.33
C SER D 294 -32.37 10.53 -8.13
N PRO D 295 -32.19 9.19 -8.06
CA PRO D 295 -31.17 8.51 -8.89
C PRO D 295 -31.55 8.57 -10.35
N VAL D 296 -30.60 8.28 -11.22
CA VAL D 296 -30.90 8.20 -12.67
C VAL D 296 -32.07 7.25 -12.88
N GLY D 297 -32.99 7.71 -13.71
CA GLY D 297 -34.19 6.93 -14.11
C GLY D 297 -35.21 6.75 -13.00
N PHE D 298 -35.07 7.55 -11.95
CA PHE D 298 -35.95 7.48 -10.76
C PHE D 298 -36.01 6.04 -10.23
N SER D 299 -34.83 5.46 -10.13
CA SER D 299 -34.69 4.01 -9.92
C SER D 299 -34.43 3.72 -8.46
N GLY D 300 -34.79 4.67 -7.62
CA GLY D 300 -34.58 4.55 -6.17
C GLY D 300 -35.36 5.61 -5.44
N PRO D 301 -35.40 5.53 -4.10
CA PRO D 301 -36.11 6.57 -3.36
C PRO D 301 -35.41 7.92 -3.48
N GLU D 302 -36.21 8.97 -3.31
CA GLU D 302 -35.72 10.35 -3.27
C GLU D 302 -34.81 10.52 -2.06
N PHE D 303 -33.69 11.20 -2.22
CA PHE D 303 -32.78 11.47 -1.10
C PHE D 303 -32.60 12.97 -0.84
N THR D 304 -32.30 13.30 0.40
CA THR D 304 -32.11 14.71 0.81
C THR D 304 -30.66 15.02 1.21
N PHE D 305 -30.17 16.13 0.71
CA PHE D 305 -28.82 16.63 1.02
C PHE D 305 -28.80 17.40 2.37
N PRO D 306 -27.64 17.49 3.01
CA PRO D 306 -27.48 18.36 4.16
C PRO D 306 -27.79 19.82 3.82
N LEU D 307 -28.22 20.55 4.83
CA LEU D 307 -28.53 21.99 4.70
C LEU D 307 -27.37 22.79 4.09
N TYR D 308 -27.73 23.60 3.10
CA TYR D 308 -26.82 24.60 2.54
C TYR D 308 -27.15 25.94 3.15
N GLY D 309 -26.12 26.62 3.63
CA GLY D 309 -26.25 27.97 4.21
C GLY D 309 -26.90 27.88 5.59
N THR D 310 -27.68 28.89 5.92
CA THR D 310 -28.30 28.97 7.25
C THR D 310 -29.83 28.98 7.14
N MET D 311 -30.45 28.30 8.09
CA MET D 311 -31.93 28.17 8.14
C MET D 311 -32.55 29.39 8.82
N GLY D 312 -32.97 30.33 8.02
CA GLY D 312 -33.66 31.51 8.55
C GLY D 312 -35.15 31.28 8.66
N ASN D 313 -35.76 32.08 9.51
CA ASN D 313 -37.22 31.95 9.76
C ASN D 313 -37.98 33.25 9.68
N ALA D 314 -37.40 34.20 8.96
CA ALA D 314 -38.02 35.52 8.74
C ALA D 314 -39.32 35.47 7.93
N ALA D 315 -39.49 34.37 7.23
CA ALA D 315 -40.66 34.13 6.37
C ALA D 315 -40.83 32.62 6.22
N PRO D 316 -41.99 32.14 5.78
CA PRO D 316 -42.12 30.69 5.69
C PRO D 316 -41.24 30.06 4.60
N GLN D 317 -40.78 28.85 4.85
CA GLN D 317 -39.97 28.07 3.87
C GLN D 317 -40.73 27.88 2.56
N GLN D 318 -40.02 27.90 1.45
CA GLN D 318 -40.68 27.71 0.13
C GLN D 318 -40.09 26.54 -0.63
N ARG D 319 -40.96 25.62 -0.97
CA ARG D 319 -40.56 24.42 -1.71
C ARG D 319 -40.75 24.69 -3.21
N ILE D 320 -39.64 24.74 -3.93
CA ILE D 320 -39.62 24.94 -5.41
C ILE D 320 -39.48 23.58 -6.09
N VAL D 321 -40.49 23.19 -6.86
CA VAL D 321 -40.43 21.91 -7.59
C VAL D 321 -39.74 22.11 -8.94
N ALA D 322 -38.50 21.65 -8.99
CA ALA D 322 -37.64 21.76 -10.19
C ALA D 322 -38.02 20.81 -11.32
N GLN D 323 -38.38 19.59 -10.96
CA GLN D 323 -38.66 18.55 -11.97
C GLN D 323 -40.10 18.59 -12.51
N LEU D 324 -40.33 19.57 -13.37
CA LEU D 324 -41.57 19.67 -14.19
C LEU D 324 -41.13 19.84 -15.63
N GLY D 325 -41.86 19.23 -16.55
CA GLY D 325 -41.50 19.26 -17.97
C GLY D 325 -40.13 18.64 -18.16
N GLN D 326 -39.27 19.37 -18.85
CA GLN D 326 -37.85 19.01 -19.01
C GLN D 326 -36.93 19.45 -17.87
N GLY D 327 -37.51 20.00 -16.82
CA GLY D 327 -36.73 20.53 -15.69
C GLY D 327 -36.50 22.02 -15.89
N VAL D 328 -35.80 22.62 -14.95
CA VAL D 328 -35.50 24.07 -14.97
C VAL D 328 -34.37 24.32 -15.97
N TYR D 329 -34.66 25.13 -16.97
CA TYR D 329 -33.66 25.43 -18.03
C TYR D 329 -32.93 26.80 -17.83
N ARG D 330 -33.43 27.59 -16.90
CA ARG D 330 -33.07 28.98 -16.82
C ARG D 330 -33.41 29.54 -15.44
N THR D 331 -32.45 30.29 -14.90
CA THR D 331 -32.71 31.10 -13.69
C THR D 331 -32.56 32.60 -13.97
N LEU D 332 -33.53 33.35 -13.50
CA LEU D 332 -33.49 34.80 -13.55
C LEU D 332 -33.49 35.32 -12.11
N SER D 333 -32.32 35.76 -11.68
CA SER D 333 -32.12 36.10 -10.27
C SER D 333 -32.08 37.59 -10.01
N SER D 334 -32.62 37.98 -8.86
CA SER D 334 -32.47 39.33 -8.36
C SER D 334 -31.37 39.36 -7.29
N THR D 335 -30.30 40.08 -7.58
CA THR D 335 -29.20 40.25 -6.60
C THR D 335 -29.50 41.44 -5.71
N LEU D 336 -29.13 41.31 -4.45
CA LEU D 336 -29.24 42.42 -3.51
C LEU D 336 -27.91 42.70 -2.86
N TYR D 337 -27.42 43.89 -3.12
CA TYR D 337 -26.21 44.41 -2.43
C TYR D 337 -26.61 45.57 -1.51
N ARG D 338 -26.27 45.45 -0.25
CA ARG D 338 -26.37 46.61 0.67
C ARG D 338 -24.98 47.00 1.06
N ARG D 339 -24.66 48.24 0.76
CA ARG D 339 -23.39 48.82 1.20
C ARG D 339 -23.69 50.17 1.91
N PRO D 340 -24.09 50.14 3.19
CA PRO D 340 -24.41 51.34 3.94
C PRO D 340 -23.20 52.20 4.25
N PHE D 341 -23.44 53.46 4.58
CA PHE D 341 -22.34 54.37 4.93
C PHE D 341 -21.64 54.02 6.25
N ASN D 342 -22.44 53.62 7.22
CA ASN D 342 -21.91 53.13 8.49
C ASN D 342 -22.36 51.70 8.79
N ILE D 343 -21.40 50.79 8.84
CA ILE D 343 -21.72 49.36 8.91
C ILE D 343 -21.54 48.80 10.33
N GLY D 344 -22.45 47.91 10.71
CA GLY D 344 -22.43 47.23 12.05
C GLY D 344 -23.41 46.10 12.08
N ILE D 345 -23.47 45.38 13.19
CA ILE D 345 -24.37 44.20 13.30
C ILE D 345 -25.81 44.63 13.03
N ASN D 346 -26.07 45.84 13.50
CA ASN D 346 -27.38 46.49 13.32
C ASN D 346 -27.60 47.04 11.90
N ASN D 347 -26.52 47.23 11.18
CA ASN D 347 -26.56 47.79 9.81
C ASN D 347 -25.58 47.11 8.84
N GLN D 348 -25.98 45.93 8.35
CA GLN D 348 -25.03 45.02 7.67
C GLN D 348 -24.87 45.24 6.17
N GLN D 349 -23.67 44.98 5.67
CA GLN D 349 -23.44 44.76 4.24
C GLN D 349 -24.05 43.41 3.86
N LEU D 350 -24.87 43.45 2.83
CA LEU D 350 -25.55 42.27 2.27
C LEU D 350 -25.12 42.04 0.81
N SER D 351 -24.71 40.81 0.53
CA SER D 351 -24.53 40.30 -0.84
C SER D 351 -25.27 38.95 -1.00
N VAL D 352 -26.50 39.07 -1.43
CA VAL D 352 -27.48 37.97 -1.36
C VAL D 352 -28.43 37.97 -2.55
N LEU D 353 -29.32 37.01 -2.56
CA LEU D 353 -30.43 36.99 -3.53
C LEU D 353 -31.72 37.31 -2.78
N ASP D 354 -32.49 38.25 -3.32
CA ASP D 354 -33.83 38.60 -2.77
C ASP D 354 -34.92 38.12 -3.69
N GLY D 355 -34.54 37.26 -4.62
CA GLY D 355 -35.51 36.69 -5.57
C GLY D 355 -34.82 35.81 -6.62
N THR D 356 -35.58 34.84 -7.11
CA THR D 356 -35.20 34.07 -8.30
C THR D 356 -36.41 33.43 -8.97
N GLU D 357 -36.48 33.63 -10.28
CA GLU D 357 -37.44 32.95 -11.13
C GLU D 357 -36.78 31.70 -11.75
N PHE D 358 -37.47 30.58 -11.61
CA PHE D 358 -37.03 29.32 -12.16
C PHE D 358 -37.91 28.95 -13.34
N ALA D 359 -37.38 29.07 -14.55
CA ALA D 359 -38.19 28.78 -15.77
C ALA D 359 -37.94 27.38 -16.27
N TYR D 360 -39.01 26.80 -16.77
CA TYR D 360 -39.02 25.38 -17.18
C TYR D 360 -38.85 25.17 -18.67
N GLY D 361 -38.07 24.15 -19.00
CA GLY D 361 -38.02 23.61 -20.35
C GLY D 361 -39.30 22.83 -20.59
N THR D 362 -39.92 23.10 -21.74
CA THR D 362 -41.18 22.48 -22.09
C THR D 362 -41.48 22.65 -23.58
N SER D 363 -42.00 21.59 -24.16
CA SER D 363 -42.38 21.61 -25.60
C SER D 363 -43.67 22.41 -25.86
N SER D 364 -44.28 22.88 -24.79
CA SER D 364 -45.38 23.85 -24.91
C SER D 364 -45.13 25.11 -24.07
N ASN D 365 -45.90 25.29 -23.00
CA ASN D 365 -45.59 26.31 -21.99
C ASN D 365 -46.05 25.93 -20.59
N LEU D 366 -45.34 26.44 -19.59
CA LEU D 366 -45.49 26.03 -18.20
C LEU D 366 -45.12 27.25 -17.33
N PRO D 367 -46.00 27.67 -16.41
CA PRO D 367 -45.67 28.87 -15.63
C PRO D 367 -44.44 28.64 -14.75
N SER D 368 -43.63 29.69 -14.61
CA SER D 368 -42.40 29.61 -13.81
C SER D 368 -42.69 29.51 -12.32
N ALA D 369 -41.78 28.86 -11.60
CA ALA D 369 -41.73 28.91 -10.12
C ALA D 369 -40.98 30.16 -9.73
N VAL D 370 -41.51 30.87 -8.76
CA VAL D 370 -40.92 32.16 -8.35
C VAL D 370 -40.69 32.24 -6.83
N TYR D 371 -39.43 32.33 -6.45
CA TYR D 371 -39.07 32.68 -5.06
C TYR D 371 -39.08 34.21 -4.93
N ARG D 372 -40.13 34.73 -4.29
CA ARG D 372 -40.27 36.16 -3.94
C ARG D 372 -40.47 37.08 -5.15
N LYS D 373 -39.53 37.05 -6.08
CA LYS D 373 -39.61 37.84 -7.34
C LYS D 373 -38.59 37.41 -8.39
N SER D 374 -38.84 37.83 -9.61
CA SER D 374 -37.89 37.61 -10.72
C SER D 374 -36.81 38.69 -10.68
N GLY D 375 -35.78 38.50 -11.48
CA GLY D 375 -34.66 39.44 -11.52
C GLY D 375 -34.06 39.47 -12.90
N THR D 376 -33.02 40.29 -13.05
CA THR D 376 -32.39 40.48 -14.37
C THR D 376 -31.03 39.79 -14.56
N VAL D 377 -30.52 39.13 -13.53
CA VAL D 377 -29.29 38.34 -13.67
C VAL D 377 -29.67 36.97 -14.22
N ASP D 378 -29.43 36.82 -15.51
CA ASP D 378 -30.04 35.78 -16.33
C ASP D 378 -29.02 34.72 -16.70
N SER D 379 -29.31 33.49 -16.30
CA SER D 379 -28.42 32.36 -16.60
C SER D 379 -28.23 32.14 -18.11
N LEU D 380 -29.22 32.56 -18.88
CA LEU D 380 -29.21 32.34 -20.35
C LEU D 380 -28.09 33.10 -21.06
N ASP D 381 -27.62 34.15 -20.40
CA ASP D 381 -26.44 34.92 -20.86
C ASP D 381 -25.15 34.10 -20.77
N GLU D 382 -25.13 33.13 -19.86
CA GLU D 382 -23.93 32.32 -19.64
C GLU D 382 -24.09 30.90 -20.17
N ILE D 383 -25.34 30.49 -20.21
CA ILE D 383 -25.73 29.11 -20.55
C ILE D 383 -26.79 29.23 -21.67
N PRO D 384 -26.35 29.60 -22.87
CA PRO D 384 -27.27 29.92 -23.93
C PRO D 384 -27.93 28.69 -24.56
N PRO D 385 -28.92 28.93 -25.44
CA PRO D 385 -29.59 27.84 -26.14
C PRO D 385 -28.69 27.14 -27.14
N GLN D 386 -28.91 25.85 -27.32
CA GLN D 386 -28.18 25.11 -28.37
C GLN D 386 -28.85 25.31 -29.73
N ASN D 387 -30.09 25.74 -29.69
CA ASN D 387 -30.89 25.96 -30.90
C ASN D 387 -31.66 27.26 -30.76
N ASN D 388 -31.15 28.26 -31.45
CA ASN D 388 -31.69 29.62 -31.32
C ASN D 388 -32.89 29.90 -32.23
N ASN D 389 -33.31 28.87 -32.97
CA ASN D 389 -34.43 28.95 -33.97
C ASN D 389 -35.82 28.68 -33.40
N VAL D 390 -35.85 28.31 -32.14
CA VAL D 390 -37.11 28.07 -31.42
C VAL D 390 -37.00 28.87 -30.11
N PRO D 391 -38.10 29.03 -29.36
CA PRO D 391 -37.97 29.70 -28.07
C PRO D 391 -37.01 28.98 -27.12
N PRO D 392 -36.28 29.73 -26.27
CA PRO D 392 -35.29 29.14 -25.33
C PRO D 392 -35.79 27.97 -24.50
N ARG D 393 -37.07 27.99 -24.16
CA ARG D 393 -37.66 26.90 -23.34
C ARG D 393 -37.79 25.60 -24.12
N GLN D 394 -37.62 25.66 -25.43
CA GLN D 394 -37.50 24.43 -26.26
C GLN D 394 -36.10 24.14 -26.73
N GLY D 395 -35.35 25.18 -27.00
CA GLY D 395 -34.00 25.05 -27.60
C GLY D 395 -32.83 25.14 -26.65
N PHE D 396 -33.16 25.09 -25.37
CA PHE D 396 -32.15 25.17 -24.26
C PHE D 396 -31.05 24.09 -24.40
N SER D 397 -29.93 24.33 -23.75
CA SER D 397 -28.77 23.41 -23.86
C SER D 397 -28.50 22.59 -22.60
N HIS D 398 -28.95 23.15 -21.48
CA HIS D 398 -28.66 22.59 -20.15
C HIS D 398 -29.88 22.54 -19.26
N ARG D 399 -29.74 21.78 -18.19
CA ARG D 399 -30.78 21.60 -17.18
C ARG D 399 -30.16 21.79 -15.80
N LEU D 400 -30.89 22.45 -14.91
CA LEU D 400 -30.42 22.68 -13.53
C LEU D 400 -30.30 21.32 -12.81
N SER D 401 -29.11 21.01 -12.36
CA SER D 401 -28.85 19.71 -11.72
C SER D 401 -28.67 19.79 -10.20
N HIS D 402 -28.33 20.96 -9.72
CA HIS D 402 -28.06 21.19 -8.29
C HIS D 402 -27.92 22.68 -7.96
N VAL D 403 -28.13 23.00 -6.70
CA VAL D 403 -27.81 24.33 -6.18
C VAL D 403 -27.08 24.12 -4.86
N SER D 404 -25.82 24.52 -4.83
CA SER D 404 -25.08 24.53 -3.55
C SER D 404 -24.96 26.00 -3.12
N MET D 405 -24.09 26.32 -2.16
CA MET D 405 -23.96 27.73 -1.72
C MET D 405 -22.62 28.16 -1.16
N PHE D 406 -22.10 29.24 -1.71
CA PHE D 406 -21.00 29.91 -1.08
C PHE D 406 -21.59 30.87 -0.04
N ARG D 407 -21.07 30.76 1.17
CA ARG D 407 -21.61 31.50 2.34
C ARG D 407 -20.50 32.13 3.19
N SER D 408 -20.83 33.25 3.81
CA SER D 408 -19.88 33.96 4.69
C SER D 408 -20.63 34.86 5.64
N GLY D 409 -20.29 34.75 6.92
CA GLY D 409 -20.97 35.53 7.97
C GLY D 409 -22.29 34.96 8.49
N PHE D 410 -22.61 35.40 9.70
CA PHE D 410 -23.83 34.96 10.41
C PHE D 410 -24.69 36.14 10.80
N SER D 411 -26.01 36.05 10.59
CA SER D 411 -26.91 37.26 10.67
C SER D 411 -26.95 37.92 12.06
N ASN D 412 -26.72 37.11 13.06
CA ASN D 412 -26.82 37.55 14.46
C ASN D 412 -25.55 38.26 14.96
N SER D 413 -24.43 38.02 14.29
CA SER D 413 -23.14 38.50 14.79
C SER D 413 -22.06 38.91 13.77
N SER D 414 -22.45 39.12 12.52
CA SER D 414 -21.50 39.62 11.46
C SER D 414 -21.83 41.02 10.93
N VAL D 415 -20.82 41.70 10.39
CA VAL D 415 -21.01 43.04 9.74
C VAL D 415 -21.37 42.89 8.26
N SER D 416 -20.99 41.75 7.72
CA SER D 416 -21.09 41.46 6.30
C SER D 416 -21.61 40.03 6.06
N ILE D 417 -22.65 39.96 5.25
CA ILE D 417 -23.35 38.70 4.96
C ILE D 417 -23.28 38.40 3.46
N ILE D 418 -22.72 37.24 3.16
CA ILE D 418 -22.67 36.70 1.79
C ILE D 418 -23.45 35.39 1.74
N ARG D 419 -24.44 35.35 0.87
CA ARG D 419 -25.21 34.10 0.59
C ARG D 419 -25.41 33.95 -0.90
N ALA D 420 -24.58 33.12 -1.49
CA ALA D 420 -24.41 33.10 -2.96
C ALA D 420 -24.62 31.72 -3.51
N PRO D 421 -25.89 31.37 -3.78
CA PRO D 421 -26.27 30.13 -4.39
C PRO D 421 -25.48 29.85 -5.67
N MET D 422 -24.91 28.65 -5.69
CA MET D 422 -24.08 28.16 -6.79
C MET D 422 -24.93 27.20 -7.62
N PHE D 423 -25.35 27.69 -8.78
CA PHE D 423 -26.23 26.92 -9.70
C PHE D 423 -25.42 26.03 -10.61
N SER D 424 -25.81 24.77 -10.62
CA SER D 424 -25.06 23.77 -11.35
C SER D 424 -25.89 23.23 -12.54
N TRP D 425 -25.25 23.20 -13.70
CA TRP D 425 -25.94 22.92 -14.96
C TRP D 425 -25.40 21.73 -15.72
N ILE D 426 -26.28 20.79 -15.99
CA ILE D 426 -25.91 19.55 -16.70
C ILE D 426 -26.41 19.67 -18.13
N HIS D 427 -25.58 19.24 -19.08
CA HIS D 427 -25.98 19.20 -20.49
C HIS D 427 -27.21 18.35 -20.68
N ARG D 428 -28.10 18.78 -21.54
CA ARG D 428 -29.41 18.10 -21.72
C ARG D 428 -29.30 16.70 -22.35
N SER D 429 -28.17 16.42 -22.99
CA SER D 429 -27.85 15.07 -23.51
C SER D 429 -27.76 14.03 -22.42
N ALA D 430 -27.58 14.50 -21.19
CA ALA D 430 -27.65 13.65 -19.99
C ALA D 430 -29.11 13.34 -19.65
N GLU D 431 -29.63 12.31 -20.29
CA GLU D 431 -31.05 11.97 -20.19
C GLU D 431 -31.46 11.50 -18.81
N PHE D 432 -32.70 11.76 -18.46
CA PHE D 432 -33.27 11.31 -17.18
C PHE D 432 -33.16 9.78 -17.01
N ASN D 433 -33.39 9.08 -18.12
CA ASN D 433 -33.27 7.62 -18.18
C ASN D 433 -32.14 7.14 -19.06
N ASN D 434 -31.66 5.93 -18.74
CA ASN D 434 -30.79 5.18 -19.65
C ASN D 434 -31.62 4.32 -20.61
N ILE D 435 -31.78 4.83 -21.82
CA ILE D 435 -32.66 4.25 -22.85
C ILE D 435 -31.80 3.72 -23.98
N ILE D 436 -31.88 2.41 -24.18
CA ILE D 436 -31.08 1.72 -25.19
C ILE D 436 -31.81 1.76 -26.53
N ALA D 437 -31.22 2.48 -27.47
CA ALA D 437 -31.79 2.61 -28.81
C ALA D 437 -31.68 1.27 -29.54
N SER D 438 -32.53 1.09 -30.53
CA SER D 438 -32.55 -0.14 -31.33
C SER D 438 -31.77 -0.03 -32.66
N ASP D 439 -31.54 1.21 -33.10
CA ASP D 439 -30.90 1.49 -34.42
C ASP D 439 -29.53 2.20 -34.38
N SER D 440 -28.97 2.30 -33.18
CA SER D 440 -27.70 3.00 -32.98
C SER D 440 -26.93 2.46 -31.78
N ILE D 441 -25.64 2.77 -31.75
CA ILE D 441 -24.75 2.39 -30.63
C ILE D 441 -24.94 3.37 -29.45
N THR D 442 -25.68 2.92 -28.45
CA THR D 442 -26.00 3.75 -27.27
C THR D 442 -24.87 3.77 -26.24
N GLN D 443 -24.37 4.96 -25.96
CA GLN D 443 -23.34 5.18 -24.95
C GLN D 443 -23.96 5.59 -23.63
N ILE D 444 -23.69 4.82 -22.60
CA ILE D 444 -24.14 5.11 -21.24
C ILE D 444 -22.94 5.24 -20.30
N PRO D 445 -22.58 6.47 -19.92
CA PRO D 445 -21.46 6.67 -19.00
C PRO D 445 -21.73 5.96 -17.68
N ALA D 446 -20.67 5.44 -17.11
CA ALA D 446 -20.76 4.66 -15.87
C ALA D 446 -21.34 5.48 -14.71
N VAL D 447 -21.06 6.78 -14.73
CA VAL D 447 -21.56 7.72 -13.68
C VAL D 447 -23.10 7.86 -13.70
N LYS D 448 -23.72 7.32 -14.73
CA LYS D 448 -25.20 7.25 -14.79
C LYS D 448 -25.72 6.01 -14.10
N GLY D 449 -24.84 5.36 -13.35
CA GLY D 449 -25.26 4.21 -12.52
C GLY D 449 -26.04 4.67 -11.28
N ASN D 450 -26.61 3.73 -10.55
CA ASN D 450 -27.33 4.03 -9.28
C ASN D 450 -26.82 3.30 -8.02
N PHE D 451 -25.74 2.55 -8.17
CA PHE D 451 -25.14 1.79 -7.06
C PHE D 451 -23.64 1.55 -7.28
N LEU D 452 -22.83 2.00 -6.32
CA LEU D 452 -21.36 1.88 -6.38
C LEU D 452 -20.79 1.32 -5.07
N PHE D 453 -20.09 0.19 -5.17
CA PHE D 453 -19.52 -0.55 -4.01
C PHE D 453 -18.01 -0.72 -4.14
N ASN D 454 -17.30 -0.47 -3.05
CA ASN D 454 -15.81 -0.52 -3.01
C ASN D 454 -15.21 0.21 -4.21
N GLY D 455 -15.61 1.47 -4.31
CA GLY D 455 -15.17 2.34 -5.39
C GLY D 455 -15.65 3.75 -5.19
N SER D 456 -15.11 4.64 -6.00
CA SER D 456 -15.53 6.04 -5.94
C SER D 456 -15.70 6.66 -7.34
N VAL D 457 -16.45 7.74 -7.37
CA VAL D 457 -16.56 8.57 -8.58
C VAL D 457 -15.39 9.56 -8.51
N ILE D 458 -14.64 9.64 -9.60
CA ILE D 458 -13.48 10.52 -9.69
C ILE D 458 -13.61 11.53 -10.85
N SER D 459 -12.92 12.65 -10.70
CA SER D 459 -12.90 13.71 -11.73
C SER D 459 -12.34 13.17 -13.04
N GLY D 460 -13.07 13.39 -14.13
CA GLY D 460 -12.58 13.06 -15.50
C GLY D 460 -11.31 13.86 -15.88
N PRO D 461 -10.52 13.34 -16.83
CA PRO D 461 -9.31 14.03 -17.27
C PRO D 461 -9.57 15.28 -18.07
N GLY D 462 -10.79 15.38 -18.56
CA GLY D 462 -11.21 16.51 -19.42
C GLY D 462 -11.74 16.15 -20.79
N PHE D 463 -11.56 14.91 -21.20
CA PHE D 463 -11.93 14.46 -22.57
C PHE D 463 -13.01 13.39 -22.67
N THR D 464 -13.61 13.08 -21.55
CA THR D 464 -14.64 12.02 -21.51
C THR D 464 -16.04 12.58 -21.43
N GLY D 465 -16.13 13.89 -21.25
CA GLY D 465 -17.45 14.58 -21.20
C GLY D 465 -18.17 14.49 -19.87
N GLY D 466 -17.42 14.07 -18.88
CA GLY D 466 -17.92 13.95 -17.52
C GLY D 466 -16.95 13.18 -16.66
N ASP D 467 -17.45 12.74 -15.51
CA ASP D 467 -16.58 12.06 -14.53
C ASP D 467 -16.50 10.55 -14.79
N LEU D 468 -15.69 9.87 -13.99
CA LEU D 468 -15.40 8.43 -14.19
C LEU D 468 -15.66 7.60 -12.92
N VAL D 469 -15.82 6.30 -13.11
CA VAL D 469 -16.04 5.37 -11.98
C VAL D 469 -14.77 4.56 -11.74
N ARG D 470 -14.32 4.57 -10.50
CA ARG D 470 -13.11 3.85 -10.12
C ARG D 470 -13.52 2.70 -9.21
N LEU D 471 -13.25 1.49 -9.69
CA LEU D 471 -13.45 0.27 -8.90
C LEU D 471 -12.13 -0.12 -8.22
N ASN D 472 -12.17 -0.17 -6.89
CA ASN D 472 -10.97 -0.56 -6.11
C ASN D 472 -10.70 -2.05 -6.23
N SER D 473 -9.48 -2.41 -5.83
CA SER D 473 -9.08 -3.81 -5.64
C SER D 473 -9.83 -4.40 -4.43
N SER D 474 -10.01 -5.71 -4.46
CA SER D 474 -10.73 -6.44 -3.39
C SER D 474 -9.93 -6.56 -2.09
N GLY D 475 -8.61 -6.53 -2.22
CA GLY D 475 -7.69 -6.86 -1.10
C GLY D 475 -7.73 -8.36 -0.83
N ASN D 476 -7.86 -9.11 -1.91
CA ASN D 476 -7.99 -10.58 -1.88
C ASN D 476 -9.19 -11.05 -1.01
N ASN D 477 -10.27 -10.29 -1.08
CA ASN D 477 -11.53 -10.64 -0.41
C ASN D 477 -12.64 -10.71 -1.45
N ILE D 478 -12.99 -11.94 -1.77
CA ILE D 478 -14.02 -12.24 -2.78
C ILE D 478 -15.41 -11.66 -2.50
N GLN D 479 -15.59 -11.12 -1.31
CA GLN D 479 -16.86 -10.43 -0.93
C GLN D 479 -16.76 -8.91 -0.93
N ASN D 480 -15.54 -8.44 -1.16
CA ASN D 480 -15.23 -6.99 -1.25
C ASN D 480 -14.83 -6.53 -2.66
N ARG D 481 -15.44 -7.16 -3.65
CA ARG D 481 -15.15 -6.85 -5.07
C ARG D 481 -15.87 -5.59 -5.54
N GLY D 482 -15.07 -4.66 -6.03
CA GLY D 482 -15.56 -3.35 -6.53
C GLY D 482 -16.62 -3.54 -7.60
N TYR D 483 -17.76 -2.87 -7.43
CA TYR D 483 -18.93 -3.05 -8.31
C TYR D 483 -19.69 -1.73 -8.64
N ILE D 484 -19.99 -1.56 -9.91
CA ILE D 484 -20.88 -0.48 -10.41
C ILE D 484 -22.06 -1.09 -11.18
N GLU D 485 -23.25 -0.71 -10.77
CA GLU D 485 -24.49 -1.16 -11.40
C GLU D 485 -25.28 0.02 -12.02
N VAL D 486 -25.75 -0.20 -13.24
CA VAL D 486 -26.45 0.81 -14.04
C VAL D 486 -27.85 0.33 -14.44
N PRO D 487 -28.90 1.10 -14.07
CA PRO D 487 -30.25 0.76 -14.51
C PRO D 487 -30.47 1.16 -15.95
N ILE D 488 -31.07 0.26 -16.72
CA ILE D 488 -31.27 0.47 -18.16
C ILE D 488 -32.69 0.11 -18.59
N HIS D 489 -33.12 0.70 -19.69
CA HIS D 489 -34.47 0.46 -20.26
C HIS D 489 -34.42 0.17 -21.75
N PHE D 490 -35.15 -0.88 -22.13
CA PHE D 490 -35.23 -1.32 -23.53
C PHE D 490 -36.61 -1.11 -24.16
N PRO D 491 -36.77 -0.08 -25.01
CA PRO D 491 -38.04 0.09 -25.72
C PRO D 491 -38.32 -1.03 -26.74
N SER D 492 -37.25 -1.60 -27.30
CA SER D 492 -37.34 -2.77 -28.18
C SER D 492 -36.87 -4.04 -27.46
N THR D 493 -37.80 -4.99 -27.36
CA THR D 493 -37.56 -6.24 -26.60
C THR D 493 -37.05 -7.40 -27.48
N SER D 494 -36.98 -7.15 -28.78
CA SER D 494 -36.54 -8.21 -29.73
C SER D 494 -35.10 -8.01 -30.25
N THR D 495 -34.60 -6.79 -30.17
CA THR D 495 -33.24 -6.45 -30.67
C THR D 495 -32.16 -7.14 -29.83
N ARG D 496 -31.19 -7.72 -30.53
CA ARG D 496 -30.04 -8.35 -29.87
C ARG D 496 -28.87 -7.37 -29.72
N TYR D 497 -28.26 -7.38 -28.55
CA TYR D 497 -27.18 -6.41 -28.21
C TYR D 497 -25.91 -7.05 -27.68
N ARG D 498 -24.82 -6.66 -28.30
CA ARG D 498 -23.50 -6.94 -27.73
C ARG D 498 -23.14 -5.77 -26.77
N VAL D 499 -22.59 -6.11 -25.63
CA VAL D 499 -22.21 -5.08 -24.62
C VAL D 499 -20.68 -4.82 -24.58
N ARG D 500 -20.32 -3.59 -24.92
CA ARG D 500 -18.92 -3.16 -24.98
C ARG D 500 -18.62 -2.16 -23.85
N VAL D 501 -17.46 -2.32 -23.22
CA VAL D 501 -17.08 -1.49 -22.06
C VAL D 501 -15.80 -0.76 -22.35
N ARG D 502 -15.82 0.53 -22.06
CA ARG D 502 -14.65 1.37 -22.21
C ARG D 502 -14.00 1.53 -20.83
N TYR D 503 -12.71 1.23 -20.75
CA TYR D 503 -11.97 1.14 -19.46
C TYR D 503 -10.52 1.63 -19.50
N ALA D 504 -9.93 1.79 -18.34
CA ALA D 504 -8.48 2.09 -18.22
C ALA D 504 -7.84 1.31 -17.07
N SER D 505 -6.68 0.74 -17.34
CA SER D 505 -5.98 -0.18 -16.41
C SER D 505 -4.45 -0.17 -16.65
N VAL D 506 -3.68 -0.24 -15.56
CA VAL D 506 -2.19 -0.26 -15.66
C VAL D 506 -1.60 -1.68 -15.77
N THR D 507 -2.32 -2.65 -15.22
CA THR D 507 -1.90 -4.07 -15.31
C THR D 507 -3.07 -4.91 -15.85
N PRO D 508 -2.78 -6.09 -16.45
CA PRO D 508 -3.87 -6.99 -16.83
C PRO D 508 -4.77 -7.29 -15.63
N ILE D 509 -6.06 -7.23 -15.87
CA ILE D 509 -7.07 -7.29 -14.79
C ILE D 509 -8.30 -8.12 -15.19
N HIS D 510 -8.73 -8.97 -14.26
CA HIS D 510 -9.91 -9.82 -14.49
C HIS D 510 -11.19 -9.06 -14.14
N LEU D 511 -12.04 -8.87 -15.14
CA LEU D 511 -13.31 -8.14 -14.96
C LEU D 511 -14.52 -8.99 -15.36
N ASN D 512 -15.60 -8.80 -14.63
CA ASN D 512 -16.86 -9.50 -14.89
C ASN D 512 -18.01 -8.53 -15.20
N VAL D 513 -18.61 -8.72 -16.37
CA VAL D 513 -19.79 -7.92 -16.78
C VAL D 513 -21.07 -8.73 -16.61
N ASN D 514 -22.02 -8.21 -15.86
CA ASN D 514 -23.37 -8.82 -15.75
C ASN D 514 -24.47 -8.03 -16.47
N TRP D 515 -25.37 -8.77 -17.08
CA TRP D 515 -26.59 -8.23 -17.66
C TRP D 515 -27.71 -8.96 -16.94
N GLY D 516 -28.36 -8.24 -16.05
CA GLY D 516 -29.31 -8.83 -15.10
C GLY D 516 -28.49 -9.66 -14.11
N ASN D 517 -28.94 -10.90 -13.89
CA ASN D 517 -28.18 -11.87 -13.07
C ASN D 517 -27.09 -12.63 -13.82
N SER D 518 -27.19 -12.58 -15.15
CA SER D 518 -26.31 -13.36 -16.02
C SER D 518 -24.98 -12.65 -16.28
N SER D 519 -23.90 -13.39 -16.08
CA SER D 519 -22.55 -12.94 -16.45
C SER D 519 -22.36 -13.19 -17.96
N ILE D 520 -22.06 -12.14 -18.70
CA ILE D 520 -21.92 -12.22 -20.18
C ILE D 520 -20.47 -11.98 -20.62
N PHE D 521 -19.62 -11.67 -19.64
CA PHE D 521 -18.16 -11.58 -19.86
C PHE D 521 -17.42 -11.75 -18.54
N SER D 522 -16.42 -12.62 -18.57
CA SER D 522 -15.57 -12.86 -17.38
C SER D 522 -14.18 -13.32 -17.80
N ASN D 523 -13.26 -12.39 -17.85
CA ASN D 523 -11.92 -12.67 -18.37
C ASN D 523 -10.93 -11.57 -18.04
N THR D 524 -9.66 -11.88 -18.28
CA THR D 524 -8.59 -10.90 -18.06
C THR D 524 -8.52 -10.00 -19.28
N VAL D 525 -8.54 -8.70 -19.03
CA VAL D 525 -8.39 -7.70 -20.09
C VAL D 525 -7.01 -7.03 -19.99
N PRO D 526 -6.39 -6.69 -21.13
CA PRO D 526 -5.03 -6.17 -21.08
C PRO D 526 -4.92 -4.80 -20.43
N ALA D 527 -3.70 -4.51 -20.00
CA ALA D 527 -3.34 -3.17 -19.50
C ALA D 527 -3.40 -2.17 -20.66
N THR D 528 -3.81 -0.95 -20.37
CA THR D 528 -4.05 0.08 -21.42
C THR D 528 -3.29 1.36 -21.18
N ALA D 529 -2.87 1.51 -19.95
CA ALA D 529 -2.24 2.74 -19.50
C ALA D 529 -0.94 2.44 -18.74
N THR D 530 -0.06 3.42 -18.70
CA THR D 530 1.13 3.32 -17.81
C THR D 530 0.85 3.92 -16.41
N SER D 531 -0.04 4.91 -16.35
CA SER D 531 -0.48 5.52 -15.08
C SER D 531 -1.99 5.82 -15.01
N LEU D 532 -2.60 5.65 -13.84
CA LEU D 532 -4.03 6.02 -13.68
C LEU D 532 -4.21 7.46 -13.14
N ASP D 533 -3.08 8.12 -12.86
CA ASP D 533 -3.09 9.50 -12.31
C ASP D 533 -3.04 10.59 -13.40
N ASN D 534 -2.36 10.28 -14.48
CA ASN D 534 -2.25 11.25 -15.59
C ASN D 534 -2.80 10.67 -16.87
N LEU D 535 -4.12 10.73 -17.00
CA LEU D 535 -4.83 10.04 -18.08
C LEU D 535 -4.70 10.81 -19.40
N GLN D 536 -4.25 10.09 -20.42
CA GLN D 536 -4.20 10.61 -21.78
C GLN D 536 -5.19 9.79 -22.64
N SER D 537 -5.47 10.27 -23.83
CA SER D 537 -6.52 9.65 -24.69
C SER D 537 -6.33 8.15 -24.89
N SER D 538 -5.10 7.76 -25.17
CA SER D 538 -4.80 6.36 -25.55
C SER D 538 -4.82 5.38 -24.36
N ASP D 539 -4.98 5.94 -23.18
CA ASP D 539 -5.04 5.13 -21.92
C ASP D 539 -6.35 4.39 -21.75
N PHE D 540 -7.29 4.69 -22.63
CA PHE D 540 -8.59 4.02 -22.55
C PHE D 540 -8.65 2.96 -23.62
N GLY D 541 -9.08 1.79 -23.21
CA GLY D 541 -9.29 0.65 -24.11
C GLY D 541 -10.72 0.15 -24.07
N TYR D 542 -10.96 -0.87 -24.85
CA TYR D 542 -12.30 -1.48 -24.97
C TYR D 542 -12.22 -3.01 -24.86
N PHE D 543 -13.25 -3.59 -24.27
CA PHE D 543 -13.49 -5.05 -24.36
C PHE D 543 -14.99 -5.26 -24.49
N GLU D 544 -15.40 -6.44 -24.93
CA GLU D 544 -16.85 -6.69 -25.19
C GLU D 544 -17.27 -8.15 -25.03
N SER D 545 -18.55 -8.32 -24.78
CA SER D 545 -19.14 -9.65 -24.66
C SER D 545 -19.04 -10.35 -25.99
N ALA D 546 -18.78 -11.64 -25.92
CA ALA D 546 -18.63 -12.52 -27.08
C ALA D 546 -19.95 -12.66 -27.84
N ASN D 547 -21.03 -12.75 -27.08
CA ASN D 547 -22.38 -12.92 -27.65
C ASN D 547 -23.30 -11.72 -27.50
N ALA D 548 -24.38 -11.77 -28.27
CA ALA D 548 -25.44 -10.75 -28.23
C ALA D 548 -26.70 -11.32 -27.60
N PHE D 549 -27.36 -10.49 -26.80
CA PHE D 549 -28.59 -10.88 -26.07
C PHE D 549 -29.70 -9.83 -26.18
N THR D 550 -30.90 -10.24 -25.76
CA THR D 550 -32.05 -9.32 -25.73
C THR D 550 -32.36 -8.87 -24.30
N SER D 551 -33.25 -7.89 -24.22
CA SER D 551 -33.70 -7.31 -22.93
C SER D 551 -34.29 -8.29 -21.92
N SER D 552 -34.49 -9.52 -22.37
CA SER D 552 -35.05 -10.55 -21.48
C SER D 552 -34.07 -10.93 -20.34
N LEU D 553 -32.77 -10.71 -20.55
CA LEU D 553 -31.77 -10.93 -19.48
C LEU D 553 -31.94 -10.01 -18.25
N GLY D 554 -32.58 -8.86 -18.47
CA GLY D 554 -32.87 -7.91 -17.37
C GLY D 554 -32.72 -6.42 -17.62
N ASN D 555 -32.93 -5.65 -16.56
CA ASN D 555 -32.94 -4.17 -16.65
C ASN D 555 -31.79 -3.50 -15.90
N ILE D 556 -30.72 -4.25 -15.75
CA ILE D 556 -29.47 -3.73 -15.17
C ILE D 556 -28.29 -4.26 -15.94
N VAL D 557 -27.21 -3.51 -15.85
CA VAL D 557 -25.91 -3.92 -16.40
C VAL D 557 -24.87 -3.49 -15.35
N GLY D 558 -23.80 -4.26 -15.23
CA GLY D 558 -22.78 -3.97 -14.22
C GLY D 558 -21.42 -4.53 -14.55
N VAL D 559 -20.42 -4.00 -13.86
CA VAL D 559 -19.04 -4.48 -13.99
C VAL D 559 -18.42 -4.63 -12.63
N ARG D 560 -17.76 -5.76 -12.45
CA ARG D 560 -17.10 -6.10 -11.18
C ARG D 560 -15.60 -6.34 -11.36
N ASN D 561 -14.81 -5.75 -10.49
CA ASN D 561 -13.32 -5.88 -10.49
C ASN D 561 -12.88 -7.07 -9.62
N PHE D 562 -12.42 -8.12 -10.28
CA PHE D 562 -12.03 -9.38 -9.58
C PHE D 562 -10.63 -9.35 -8.95
N SER D 563 -9.84 -8.35 -9.35
CA SER D 563 -8.44 -8.21 -8.86
C SER D 563 -8.35 -7.93 -7.37
N GLY D 564 -7.40 -8.58 -6.74
CA GLY D 564 -7.13 -8.38 -5.31
C GLY D 564 -6.18 -7.24 -5.01
N THR D 565 -5.45 -6.83 -6.03
CA THR D 565 -4.33 -5.85 -5.85
C THR D 565 -4.43 -4.55 -6.68
N ALA D 566 -5.10 -4.64 -7.83
CA ALA D 566 -5.18 -3.51 -8.78
C ALA D 566 -6.57 -2.89 -8.92
N GLY D 567 -6.58 -1.58 -9.11
CA GLY D 567 -7.83 -0.83 -9.40
C GLY D 567 -8.08 -0.73 -10.91
N VAL D 568 -9.30 -0.33 -11.24
CA VAL D 568 -9.69 -0.11 -12.66
C VAL D 568 -10.65 1.08 -12.81
N ILE D 569 -10.46 1.81 -13.89
CA ILE D 569 -11.38 2.90 -14.26
C ILE D 569 -12.36 2.43 -15.36
N ILE D 570 -13.63 2.57 -15.04
CA ILE D 570 -14.74 2.34 -15.98
C ILE D 570 -15.28 3.68 -16.49
N ASP D 571 -15.22 3.85 -17.80
CA ASP D 571 -15.73 5.07 -18.44
C ASP D 571 -17.22 4.92 -18.75
N ARG D 572 -17.52 4.02 -19.65
CA ARG D 572 -18.92 3.86 -20.11
C ARG D 572 -19.24 2.48 -20.65
N PHE D 573 -20.52 2.19 -20.63
CA PHE D 573 -21.11 1.02 -21.27
C PHE D 573 -21.63 1.44 -22.63
N GLU D 574 -21.42 0.57 -23.60
CA GLU D 574 -21.93 0.76 -24.96
C GLU D 574 -22.74 -0.47 -25.42
N PHE D 575 -23.93 -0.19 -25.90
CA PHE D 575 -24.83 -1.23 -26.44
C PHE D 575 -24.84 -1.21 -27.96
N ILE D 576 -24.38 -2.32 -28.52
CA ILE D 576 -24.24 -2.50 -29.98
C ILE D 576 -25.33 -3.45 -30.52
N PRO D 577 -26.29 -2.90 -31.28
CA PRO D 577 -27.29 -3.76 -31.91
C PRO D 577 -26.68 -4.58 -33.06
N VAL D 578 -26.91 -5.88 -33.05
CA VAL D 578 -26.37 -6.77 -34.13
C VAL D 578 -27.39 -6.94 -35.26
N THR D 579 -27.06 -7.31 -36.39
C1 NGA E . 11.56 8.78 38.39
C2 NGA E . 10.55 9.19 37.34
C3 NGA E . 9.37 8.21 37.35
C4 NGA E . 9.86 6.77 37.27
C5 NGA E . 10.93 6.50 38.31
C6 NGA E . 11.51 5.09 38.21
C7 NGA E . 9.73 11.38 36.64
C8 NGA E . 9.23 12.72 37.07
N2 NGA E . 10.06 10.53 37.62
O1 NGA E . 12.71 9.63 38.37
O3 NGA E . 8.50 8.49 36.25
O4 NGA E . 10.41 6.51 35.98
O5 NGA E . 11.99 7.44 38.14
O6 NGA E . 12.69 5.03 39.04
O7 NGA E . 9.81 11.10 35.45
CA 13D F . 38.28 -33.28 21.41
CB 13D F . 39.32 -32.64 22.31
CC 13D F . 39.25 -33.22 23.71
ND 13D F . 40.23 -32.57 24.57
NAA 13D F . 38.45 -32.77 20.07
C1 NGA G . 5.77 -0.99 -25.20
C2 NGA G . 4.64 -0.72 -26.19
C3 NGA G . 3.57 -1.80 -26.11
C4 NGA G . 4.20 -3.19 -26.21
C5 NGA G . 5.34 -3.33 -25.21
C6 NGA G . 6.03 -4.70 -25.33
C7 NGA G . 4.03 1.54 -26.91
C8 NGA G . 3.42 2.86 -26.50
N2 NGA G . 4.07 0.59 -25.97
O1 NGA G . 6.81 -0.03 -25.38
O3 NGA G . 2.64 -1.63 -27.18
O4 NGA G . 4.68 -3.43 -27.55
O5 NGA G . 6.31 -2.29 -25.43
O6 NGA G . 7.08 -4.82 -24.39
O7 NGA G . 4.48 1.37 -28.03
CA 13D H . 39.27 -38.40 -41.39
CB 13D H . 40.09 -37.40 -40.60
CC 13D H . 40.57 -38.01 -39.30
ND 13D H . 41.51 -37.11 -38.63
NAA 13D H . 38.98 -37.82 -42.69
C1 NGA I . -12.74 -0.94 60.84
C2 NGA I . -11.29 -0.99 60.34
C3 NGA I . -10.57 0.23 60.89
C4 NGA I . -11.33 1.50 60.54
C5 NGA I . -12.80 1.41 60.89
C6 NGA I . -13.56 2.65 60.43
C7 NGA I . -9.51 -2.65 60.26
C8 NGA I . -8.95 -3.91 60.87
N2 NGA I . -10.63 -2.19 60.81
O1 NGA I . -13.48 -2.07 60.41
O3 NGA I . -9.26 0.30 60.35
O4 NGA I . -11.19 1.74 59.14
O5 NGA I . -13.35 0.23 60.30
O6 NGA I . -14.96 2.52 60.67
O7 NGA I . -8.97 -2.08 59.31
C1 NGA J . -21.33 -10.15 -4.73
C2 NGA J . -19.82 -10.35 -4.91
C3 NGA J . -19.04 -9.49 -3.93
C4 NGA J . -19.52 -8.04 -3.95
C5 NGA J . -21.03 -7.98 -3.82
C6 NGA J . -21.53 -6.55 -3.92
C7 NGA J . -18.55 -12.34 -5.50
C8 NGA J . -18.31 -13.80 -5.22
N2 NGA J . -19.48 -11.75 -4.75
O1 NGA J . -22.02 -10.89 -5.73
O3 NGA J . -17.65 -9.54 -4.27
O4 NGA J . -19.10 -7.41 -5.16
O5 NGA J . -21.63 -8.76 -4.84
O6 NGA J . -22.78 -6.51 -4.63
O7 NGA J . -17.91 -11.74 -6.36
#